data_1EFG
# 
_entry.id   1EFG 
# 
_audit_conform.dict_name       mmcif_pdbx.dic 
_audit_conform.dict_version    5.385 
_audit_conform.dict_location   http://mmcif.pdb.org/dictionaries/ascii/mmcif_pdbx.dic 
# 
loop_
_database_2.database_id 
_database_2.database_code 
_database_2.pdbx_database_accession 
_database_2.pdbx_DOI 
PDB   1EFG         pdb_00001efg 10.2210/pdb1efg/pdb 
WWPDB D_1000173033 ?            ?                   
# 
loop_
_pdbx_audit_revision_history.ordinal 
_pdbx_audit_revision_history.data_content_type 
_pdbx_audit_revision_history.major_revision 
_pdbx_audit_revision_history.minor_revision 
_pdbx_audit_revision_history.revision_date 
1 'Structure model' 1 0 1995-02-14 
2 'Structure model' 1 1 2008-03-03 
3 'Structure model' 1 2 2011-07-13 
4 'Structure model' 1 3 2024-02-07 
# 
_pdbx_audit_revision_details.ordinal             1 
_pdbx_audit_revision_details.revision_ordinal    1 
_pdbx_audit_revision_details.data_content_type   'Structure model' 
_pdbx_audit_revision_details.provider            repository 
_pdbx_audit_revision_details.type                'Initial release' 
_pdbx_audit_revision_details.description         ? 
_pdbx_audit_revision_details.details             ? 
# 
loop_
_pdbx_audit_revision_group.ordinal 
_pdbx_audit_revision_group.revision_ordinal 
_pdbx_audit_revision_group.data_content_type 
_pdbx_audit_revision_group.group 
1 2 'Structure model' 'Version format compliance' 
2 3 'Structure model' 'Version format compliance' 
3 4 'Structure model' 'Data collection'           
4 4 'Structure model' 'Database references'       
5 4 'Structure model' 'Derived calculations'      
6 4 'Structure model' Other                       
# 
loop_
_pdbx_audit_revision_category.ordinal 
_pdbx_audit_revision_category.revision_ordinal 
_pdbx_audit_revision_category.data_content_type 
_pdbx_audit_revision_category.category 
1 4 'Structure model' chem_comp_atom       
2 4 'Structure model' chem_comp_bond       
3 4 'Structure model' database_2           
4 4 'Structure model' pdbx_database_status 
5 4 'Structure model' struct_ref_seq_dif   
6 4 'Structure model' struct_site          
# 
loop_
_pdbx_audit_revision_item.ordinal 
_pdbx_audit_revision_item.revision_ordinal 
_pdbx_audit_revision_item.data_content_type 
_pdbx_audit_revision_item.item 
1 4 'Structure model' '_database_2.pdbx_DOI'                
2 4 'Structure model' '_database_2.pdbx_database_accession' 
3 4 'Structure model' '_pdbx_database_status.process_site'  
4 4 'Structure model' '_struct_ref_seq_dif.details'         
5 4 'Structure model' '_struct_site.pdbx_auth_asym_id'      
6 4 'Structure model' '_struct_site.pdbx_auth_comp_id'      
7 4 'Structure model' '_struct_site.pdbx_auth_seq_id'       
# 
_pdbx_database_status.status_code                     REL 
_pdbx_database_status.entry_id                        1EFG 
_pdbx_database_status.recvd_initial_deposition_date   1994-10-17 
_pdbx_database_status.deposit_site                    ? 
_pdbx_database_status.process_site                    BNL 
_pdbx_database_status.SG_entry                        . 
_pdbx_database_status.status_code_sf                  ? 
_pdbx_database_status.status_code_mr                  ? 
_pdbx_database_status.pdb_format_compatible           Y 
_pdbx_database_status.status_code_cs                  ? 
_pdbx_database_status.status_code_nmr_data            ? 
_pdbx_database_status.methods_development_category    ? 
# 
loop_
_audit_author.name 
_audit_author.pdbx_ordinal 
'Czworkowski, J.' 1 
'Wang, J.'        2 
'Steitz, T.A.'    3 
'Moore, P.B.'     4 
# 
loop_
_citation.id 
_citation.title 
_citation.journal_abbrev 
_citation.journal_volume 
_citation.page_first 
_citation.page_last 
_citation.year 
_citation.journal_id_ASTM 
_citation.country 
_citation.journal_id_ISSN 
_citation.journal_id_CSD 
_citation.book_publisher 
_citation.pdbx_database_id_PubMed 
_citation.pdbx_database_id_DOI 
primary 'The crystal structure of elongation factor G complexed with GDP, at 2.7 A resolution.'   'EMBO J.'            13 3661 
3668 1994 EMJODG UK 0261-4189 0897 ? 8070396 ? 
1       'Nucleotide Sequence of the Thermus Thermophilus Hb8 Gene Coding for Elongation Factor G' 'Nucleic Acids Res.' 17 8863 ? 
1989 NARHAD UK 0305-1048 0389 ? ?       ? 
# 
loop_
_citation_author.citation_id 
_citation_author.name 
_citation_author.ordinal 
_citation_author.identifier_ORCID 
primary 'Czworkowski, J.'    1 ? 
primary 'Wang, J.'           2 ? 
primary 'Steitz, T.A.'       3 ? 
primary 'Moore, P.B.'        4 ? 
1       'Yakhnin, A.V.'      5 ? 
1       'Vorozheykina, D.P.' 6 ? 
1       'Matvienko, N.I.'    7 ? 
# 
loop_
_entity.id 
_entity.type 
_entity.src_method 
_entity.pdbx_description 
_entity.formula_weight 
_entity.pdbx_number_of_molecules 
_entity.pdbx_ec 
_entity.pdbx_mutation 
_entity.pdbx_fragment 
_entity.details 
1 polymer     nat 'ELONGATION FACTOR G'      76963.078 1 ? ? ? ? 
2 polymer     nat 'ELONGATION FACTOR G'      3081.790  1 ? ? ? ? 
3 polymer     nat 'ELONGATION FACTOR G'      2400.951  1 ? ? ? ? 
4 non-polymer syn "GUANOSINE-5'-DIPHOSPHATE" 443.201   1 ? ? ? ? 
# 
loop_
_entity_poly.entity_id 
_entity_poly.type 
_entity_poly.nstd_linkage 
_entity_poly.nstd_monomer 
_entity_poly.pdbx_seq_one_letter_code 
_entity_poly.pdbx_seq_one_letter_code_can 
_entity_poly.pdbx_strand_id 
_entity_poly.pdbx_target_identifier 
1 'polypeptide(L)' no no 
;MAVKVEYDLKRLRNIGIAAHIDAGKTTTTERILYYTGRIHKIGEVHEGAATMDFMEQERERGITITAAVTTCFWKDHRIN
IIDTPGHVDFTIEVERSMRVLDGAIVVFDSSQGVEPQSETVWRQAEKYKVPRIAFANKMDKTGADLWLVIRTMQERLGAR
PVVMQLPIGREDTFSGIIDVLRMKAYTYGNDLGTDIREIPIPEEYLDNAREYHEKLVEVAADFDENIMLKYLEGEEPTEE
ELVAAIRKGTIDLKITPVFLGSALKNKGVQLLLDAVVDYLPSPLDIPPIKGTTPEGEVVEIHPDPNGPLAALAFKIMADP
YVGRLTFIRVYSGTLTSGSYVYNTTKGRKERVARLLRMHANHREEVEELKAGDLGAVVGLKETITGDTLVGEDAPRVILE
SIEVPEPVIDVAIEPKTKADQEKLSQALARLAEEDPTFRVSTHPETGQTIISGMGELHLEIIVDRLKREFKVDANVGKPQ
VAYRETITKPVDVEGKFIRQTGGRGQYGHVKIKVEPLPRGSGFEFVNAIVGGVIPKEYIPAVQKGIEEAMQSGPLIGFPV
VDIKVTLYDGSYHEVDSSEMAFKIAGSMAIKEAVQKGDPVILEPIMRVEVTTPEEYMGDVIGDLNARRGQILGMEPRGNA
QVIRAFVPLAEMFGYATDLRSKTQGRGSFVMFFDHYQEVPKQVQEKLIKGQ
;
;MAVKVEYDLKRLRNIGIAAHIDAGKTTTTERILYYTGRIHKIGEVHEGAATMDFMEQERERGITITAAVTTCFWKDHRIN
IIDTPGHVDFTIEVERSMRVLDGAIVVFDSSQGVEPQSETVWRQAEKYKVPRIAFANKMDKTGADLWLVIRTMQERLGAR
PVVMQLPIGREDTFSGIIDVLRMKAYTYGNDLGTDIREIPIPEEYLDNAREYHEKLVEVAADFDENIMLKYLEGEEPTEE
ELVAAIRKGTIDLKITPVFLGSALKNKGVQLLLDAVVDYLPSPLDIPPIKGTTPEGEVVEIHPDPNGPLAALAFKIMADP
YVGRLTFIRVYSGTLTSGSYVYNTTKGRKERVARLLRMHANHREEVEELKAGDLGAVVGLKETITGDTLVGEDAPRVILE
SIEVPEPVIDVAIEPKTKADQEKLSQALARLAEEDPTFRVSTHPETGQTIISGMGELHLEIIVDRLKREFKVDANVGKPQ
VAYRETITKPVDVEGKFIRQTGGRGQYGHVKIKVEPLPRGSGFEFVNAIVGGVIPKEYIPAVQKGIEEAMQSGPLIGFPV
VDIKVTLYDGSYHEVDSSEMAFKIAGSMAIKEAVQKGDPVILEPIMRVEVTTPEEYMGDVIGDLNARRGQILGMEPRGNA
QVIRAFVPLAEMFGYATDLRSKTQGRGSFVMFFDHYQEVPKQVQEKLIKGQ
;
A ? 
2 'polypeptide(L)' no no 
;(UNK)(UNK)(UNK)(UNK)(UNK)(UNK)(UNK)(UNK)(UNK)(UNK)(UNK)(UNK)(UNK)(UNK)(UNK)(UNK)
(UNK)(UNK)(UNK)(UNK)(UNK)(UNK)(UNK)(UNK)(UNK)(UNK)(UNK)(UNK)(UNK)(UNK)(UNK)(UNK)
(UNK)(UNK)(UNK)(UNK)
;
XXXXXXXXXXXXXXXXXXXXXXXXXXXXXXXXXXXX B ? 
3 'polypeptide(L)' no no 
;(UNK)(UNK)(UNK)(UNK)(UNK)(UNK)(UNK)(UNK)(UNK)(UNK)(UNK)(UNK)(UNK)(UNK)(UNK)(UNK)
(UNK)(UNK)(UNK)(UNK)(UNK)(UNK)(UNK)(UNK)(UNK)(UNK)(UNK)(UNK)
;
XXXXXXXXXXXXXXXXXXXXXXXXXXXX C ? 
# 
_pdbx_entity_nonpoly.entity_id   4 
_pdbx_entity_nonpoly.name        "GUANOSINE-5'-DIPHOSPHATE" 
_pdbx_entity_nonpoly.comp_id     GDP 
# 
loop_
_entity_poly_seq.entity_id 
_entity_poly_seq.num 
_entity_poly_seq.mon_id 
_entity_poly_seq.hetero 
1 1   MET n 
1 2   ALA n 
1 3   VAL n 
1 4   LYS n 
1 5   VAL n 
1 6   GLU n 
1 7   TYR n 
1 8   ASP n 
1 9   LEU n 
1 10  LYS n 
1 11  ARG n 
1 12  LEU n 
1 13  ARG n 
1 14  ASN n 
1 15  ILE n 
1 16  GLY n 
1 17  ILE n 
1 18  ALA n 
1 19  ALA n 
1 20  HIS n 
1 21  ILE n 
1 22  ASP n 
1 23  ALA n 
1 24  GLY n 
1 25  LYS n 
1 26  THR n 
1 27  THR n 
1 28  THR n 
1 29  THR n 
1 30  GLU n 
1 31  ARG n 
1 32  ILE n 
1 33  LEU n 
1 34  TYR n 
1 35  TYR n 
1 36  THR n 
1 37  GLY n 
1 38  ARG n 
1 39  ILE n 
1 40  HIS n 
1 41  LYS n 
1 42  ILE n 
1 43  GLY n 
1 44  GLU n 
1 45  VAL n 
1 46  HIS n 
1 47  GLU n 
1 48  GLY n 
1 49  ALA n 
1 50  ALA n 
1 51  THR n 
1 52  MET n 
1 53  ASP n 
1 54  PHE n 
1 55  MET n 
1 56  GLU n 
1 57  GLN n 
1 58  GLU n 
1 59  ARG n 
1 60  GLU n 
1 61  ARG n 
1 62  GLY n 
1 63  ILE n 
1 64  THR n 
1 65  ILE n 
1 66  THR n 
1 67  ALA n 
1 68  ALA n 
1 69  VAL n 
1 70  THR n 
1 71  THR n 
1 72  CYS n 
1 73  PHE n 
1 74  TRP n 
1 75  LYS n 
1 76  ASP n 
1 77  HIS n 
1 78  ARG n 
1 79  ILE n 
1 80  ASN n 
1 81  ILE n 
1 82  ILE n 
1 83  ASP n 
1 84  THR n 
1 85  PRO n 
1 86  GLY n 
1 87  HIS n 
1 88  VAL n 
1 89  ASP n 
1 90  PHE n 
1 91  THR n 
1 92  ILE n 
1 93  GLU n 
1 94  VAL n 
1 95  GLU n 
1 96  ARG n 
1 97  SER n 
1 98  MET n 
1 99  ARG n 
1 100 VAL n 
1 101 LEU n 
1 102 ASP n 
1 103 GLY n 
1 104 ALA n 
1 105 ILE n 
1 106 VAL n 
1 107 VAL n 
1 108 PHE n 
1 109 ASP n 
1 110 SER n 
1 111 SER n 
1 112 GLN n 
1 113 GLY n 
1 114 VAL n 
1 115 GLU n 
1 116 PRO n 
1 117 GLN n 
1 118 SER n 
1 119 GLU n 
1 120 THR n 
1 121 VAL n 
1 122 TRP n 
1 123 ARG n 
1 124 GLN n 
1 125 ALA n 
1 126 GLU n 
1 127 LYS n 
1 128 TYR n 
1 129 LYS n 
1 130 VAL n 
1 131 PRO n 
1 132 ARG n 
1 133 ILE n 
1 134 ALA n 
1 135 PHE n 
1 136 ALA n 
1 137 ASN n 
1 138 LYS n 
1 139 MET n 
1 140 ASP n 
1 141 LYS n 
1 142 THR n 
1 143 GLY n 
1 144 ALA n 
1 145 ASP n 
1 146 LEU n 
1 147 TRP n 
1 148 LEU n 
1 149 VAL n 
1 150 ILE n 
1 151 ARG n 
1 152 THR n 
1 153 MET n 
1 154 GLN n 
1 155 GLU n 
1 156 ARG n 
1 157 LEU n 
1 158 GLY n 
1 159 ALA n 
1 160 ARG n 
1 161 PRO n 
1 162 VAL n 
1 163 VAL n 
1 164 MET n 
1 165 GLN n 
1 166 LEU n 
1 167 PRO n 
1 168 ILE n 
1 169 GLY n 
1 170 ARG n 
1 171 GLU n 
1 172 ASP n 
1 173 THR n 
1 174 PHE n 
1 175 SER n 
1 176 GLY n 
1 177 ILE n 
1 178 ILE n 
1 179 ASP n 
1 180 VAL n 
1 181 LEU n 
1 182 ARG n 
1 183 MET n 
1 184 LYS n 
1 185 ALA n 
1 186 TYR n 
1 187 THR n 
1 188 TYR n 
1 189 GLY n 
1 190 ASN n 
1 191 ASP n 
1 192 LEU n 
1 193 GLY n 
1 194 THR n 
1 195 ASP n 
1 196 ILE n 
1 197 ARG n 
1 198 GLU n 
1 199 ILE n 
1 200 PRO n 
1 201 ILE n 
1 202 PRO n 
1 203 GLU n 
1 204 GLU n 
1 205 TYR n 
1 206 LEU n 
1 207 ASP n 
1 208 ASN n 
1 209 ALA n 
1 210 ARG n 
1 211 GLU n 
1 212 TYR n 
1 213 HIS n 
1 214 GLU n 
1 215 LYS n 
1 216 LEU n 
1 217 VAL n 
1 218 GLU n 
1 219 VAL n 
1 220 ALA n 
1 221 ALA n 
1 222 ASP n 
1 223 PHE n 
1 224 ASP n 
1 225 GLU n 
1 226 ASN n 
1 227 ILE n 
1 228 MET n 
1 229 LEU n 
1 230 LYS n 
1 231 TYR n 
1 232 LEU n 
1 233 GLU n 
1 234 GLY n 
1 235 GLU n 
1 236 GLU n 
1 237 PRO n 
1 238 THR n 
1 239 GLU n 
1 240 GLU n 
1 241 GLU n 
1 242 LEU n 
1 243 VAL n 
1 244 ALA n 
1 245 ALA n 
1 246 ILE n 
1 247 ARG n 
1 248 LYS n 
1 249 GLY n 
1 250 THR n 
1 251 ILE n 
1 252 ASP n 
1 253 LEU n 
1 254 LYS n 
1 255 ILE n 
1 256 THR n 
1 257 PRO n 
1 258 VAL n 
1 259 PHE n 
1 260 LEU n 
1 261 GLY n 
1 262 SER n 
1 263 ALA n 
1 264 LEU n 
1 265 LYS n 
1 266 ASN n 
1 267 LYS n 
1 268 GLY n 
1 269 VAL n 
1 270 GLN n 
1 271 LEU n 
1 272 LEU n 
1 273 LEU n 
1 274 ASP n 
1 275 ALA n 
1 276 VAL n 
1 277 VAL n 
1 278 ASP n 
1 279 TYR n 
1 280 LEU n 
1 281 PRO n 
1 282 SER n 
1 283 PRO n 
1 284 LEU n 
1 285 ASP n 
1 286 ILE n 
1 287 PRO n 
1 288 PRO n 
1 289 ILE n 
1 290 LYS n 
1 291 GLY n 
1 292 THR n 
1 293 THR n 
1 294 PRO n 
1 295 GLU n 
1 296 GLY n 
1 297 GLU n 
1 298 VAL n 
1 299 VAL n 
1 300 GLU n 
1 301 ILE n 
1 302 HIS n 
1 303 PRO n 
1 304 ASP n 
1 305 PRO n 
1 306 ASN n 
1 307 GLY n 
1 308 PRO n 
1 309 LEU n 
1 310 ALA n 
1 311 ALA n 
1 312 LEU n 
1 313 ALA n 
1 314 PHE n 
1 315 LYS n 
1 316 ILE n 
1 317 MET n 
1 318 ALA n 
1 319 ASP n 
1 320 PRO n 
1 321 TYR n 
1 322 VAL n 
1 323 GLY n 
1 324 ARG n 
1 325 LEU n 
1 326 THR n 
1 327 PHE n 
1 328 ILE n 
1 329 ARG n 
1 330 VAL n 
1 331 TYR n 
1 332 SER n 
1 333 GLY n 
1 334 THR n 
1 335 LEU n 
1 336 THR n 
1 337 SER n 
1 338 GLY n 
1 339 SER n 
1 340 TYR n 
1 341 VAL n 
1 342 TYR n 
1 343 ASN n 
1 344 THR n 
1 345 THR n 
1 346 LYS n 
1 347 GLY n 
1 348 ARG n 
1 349 LYS n 
1 350 GLU n 
1 351 ARG n 
1 352 VAL n 
1 353 ALA n 
1 354 ARG n 
1 355 LEU n 
1 356 LEU n 
1 357 ARG n 
1 358 MET n 
1 359 HIS n 
1 360 ALA n 
1 361 ASN n 
1 362 HIS n 
1 363 ARG n 
1 364 GLU n 
1 365 GLU n 
1 366 VAL n 
1 367 GLU n 
1 368 GLU n 
1 369 LEU n 
1 370 LYS n 
1 371 ALA n 
1 372 GLY n 
1 373 ASP n 
1 374 LEU n 
1 375 GLY n 
1 376 ALA n 
1 377 VAL n 
1 378 VAL n 
1 379 GLY n 
1 380 LEU n 
1 381 LYS n 
1 382 GLU n 
1 383 THR n 
1 384 ILE n 
1 385 THR n 
1 386 GLY n 
1 387 ASP n 
1 388 THR n 
1 389 LEU n 
1 390 VAL n 
1 391 GLY n 
1 392 GLU n 
1 393 ASP n 
1 394 ALA n 
1 395 PRO n 
1 396 ARG n 
1 397 VAL n 
1 398 ILE n 
1 399 LEU n 
1 400 GLU n 
1 401 SER n 
1 402 ILE n 
1 403 GLU n 
1 404 VAL n 
1 405 PRO n 
1 406 GLU n 
1 407 PRO n 
1 408 VAL n 
1 409 ILE n 
1 410 ASP n 
1 411 VAL n 
1 412 ALA n 
1 413 ILE n 
1 414 GLU n 
1 415 PRO n 
1 416 LYS n 
1 417 THR n 
1 418 LYS n 
1 419 ALA n 
1 420 ASP n 
1 421 GLN n 
1 422 GLU n 
1 423 LYS n 
1 424 LEU n 
1 425 SER n 
1 426 GLN n 
1 427 ALA n 
1 428 LEU n 
1 429 ALA n 
1 430 ARG n 
1 431 LEU n 
1 432 ALA n 
1 433 GLU n 
1 434 GLU n 
1 435 ASP n 
1 436 PRO n 
1 437 THR n 
1 438 PHE n 
1 439 ARG n 
1 440 VAL n 
1 441 SER n 
1 442 THR n 
1 443 HIS n 
1 444 PRO n 
1 445 GLU n 
1 446 THR n 
1 447 GLY n 
1 448 GLN n 
1 449 THR n 
1 450 ILE n 
1 451 ILE n 
1 452 SER n 
1 453 GLY n 
1 454 MET n 
1 455 GLY n 
1 456 GLU n 
1 457 LEU n 
1 458 HIS n 
1 459 LEU n 
1 460 GLU n 
1 461 ILE n 
1 462 ILE n 
1 463 VAL n 
1 464 ASP n 
1 465 ARG n 
1 466 LEU n 
1 467 LYS n 
1 468 ARG n 
1 469 GLU n 
1 470 PHE n 
1 471 LYS n 
1 472 VAL n 
1 473 ASP n 
1 474 ALA n 
1 475 ASN n 
1 476 VAL n 
1 477 GLY n 
1 478 LYS n 
1 479 PRO n 
1 480 GLN n 
1 481 VAL n 
1 482 ALA n 
1 483 TYR n 
1 484 ARG n 
1 485 GLU n 
1 486 THR n 
1 487 ILE n 
1 488 THR n 
1 489 LYS n 
1 490 PRO n 
1 491 VAL n 
1 492 ASP n 
1 493 VAL n 
1 494 GLU n 
1 495 GLY n 
1 496 LYS n 
1 497 PHE n 
1 498 ILE n 
1 499 ARG n 
1 500 GLN n 
1 501 THR n 
1 502 GLY n 
1 503 GLY n 
1 504 ARG n 
1 505 GLY n 
1 506 GLN n 
1 507 TYR n 
1 508 GLY n 
1 509 HIS n 
1 510 VAL n 
1 511 LYS n 
1 512 ILE n 
1 513 LYS n 
1 514 VAL n 
1 515 GLU n 
1 516 PRO n 
1 517 LEU n 
1 518 PRO n 
1 519 ARG n 
1 520 GLY n 
1 521 SER n 
1 522 GLY n 
1 523 PHE n 
1 524 GLU n 
1 525 PHE n 
1 526 VAL n 
1 527 ASN n 
1 528 ALA n 
1 529 ILE n 
1 530 VAL n 
1 531 GLY n 
1 532 GLY n 
1 533 VAL n 
1 534 ILE n 
1 535 PRO n 
1 536 LYS n 
1 537 GLU n 
1 538 TYR n 
1 539 ILE n 
1 540 PRO n 
1 541 ALA n 
1 542 VAL n 
1 543 GLN n 
1 544 LYS n 
1 545 GLY n 
1 546 ILE n 
1 547 GLU n 
1 548 GLU n 
1 549 ALA n 
1 550 MET n 
1 551 GLN n 
1 552 SER n 
1 553 GLY n 
1 554 PRO n 
1 555 LEU n 
1 556 ILE n 
1 557 GLY n 
1 558 PHE n 
1 559 PRO n 
1 560 VAL n 
1 561 VAL n 
1 562 ASP n 
1 563 ILE n 
1 564 LYS n 
1 565 VAL n 
1 566 THR n 
1 567 LEU n 
1 568 TYR n 
1 569 ASP n 
1 570 GLY n 
1 571 SER n 
1 572 TYR n 
1 573 HIS n 
1 574 GLU n 
1 575 VAL n 
1 576 ASP n 
1 577 SER n 
1 578 SER n 
1 579 GLU n 
1 580 MET n 
1 581 ALA n 
1 582 PHE n 
1 583 LYS n 
1 584 ILE n 
1 585 ALA n 
1 586 GLY n 
1 587 SER n 
1 588 MET n 
1 589 ALA n 
1 590 ILE n 
1 591 LYS n 
1 592 GLU n 
1 593 ALA n 
1 594 VAL n 
1 595 GLN n 
1 596 LYS n 
1 597 GLY n 
1 598 ASP n 
1 599 PRO n 
1 600 VAL n 
1 601 ILE n 
1 602 LEU n 
1 603 GLU n 
1 604 PRO n 
1 605 ILE n 
1 606 MET n 
1 607 ARG n 
1 608 VAL n 
1 609 GLU n 
1 610 VAL n 
1 611 THR n 
1 612 THR n 
1 613 PRO n 
1 614 GLU n 
1 615 GLU n 
1 616 TYR n 
1 617 MET n 
1 618 GLY n 
1 619 ASP n 
1 620 VAL n 
1 621 ILE n 
1 622 GLY n 
1 623 ASP n 
1 624 LEU n 
1 625 ASN n 
1 626 ALA n 
1 627 ARG n 
1 628 ARG n 
1 629 GLY n 
1 630 GLN n 
1 631 ILE n 
1 632 LEU n 
1 633 GLY n 
1 634 MET n 
1 635 GLU n 
1 636 PRO n 
1 637 ARG n 
1 638 GLY n 
1 639 ASN n 
1 640 ALA n 
1 641 GLN n 
1 642 VAL n 
1 643 ILE n 
1 644 ARG n 
1 645 ALA n 
1 646 PHE n 
1 647 VAL n 
1 648 PRO n 
1 649 LEU n 
1 650 ALA n 
1 651 GLU n 
1 652 MET n 
1 653 PHE n 
1 654 GLY n 
1 655 TYR n 
1 656 ALA n 
1 657 THR n 
1 658 ASP n 
1 659 LEU n 
1 660 ARG n 
1 661 SER n 
1 662 LYS n 
1 663 THR n 
1 664 GLN n 
1 665 GLY n 
1 666 ARG n 
1 667 GLY n 
1 668 SER n 
1 669 PHE n 
1 670 VAL n 
1 671 MET n 
1 672 PHE n 
1 673 PHE n 
1 674 ASP n 
1 675 HIS n 
1 676 TYR n 
1 677 GLN n 
1 678 GLU n 
1 679 VAL n 
1 680 PRO n 
1 681 LYS n 
1 682 GLN n 
1 683 VAL n 
1 684 GLN n 
1 685 GLU n 
1 686 LYS n 
1 687 LEU n 
1 688 ILE n 
1 689 LYS n 
1 690 GLY n 
1 691 GLN n 
2 1   UNK n 
2 2   UNK n 
2 3   UNK n 
2 4   UNK n 
2 5   UNK n 
2 6   UNK n 
2 7   UNK n 
2 8   UNK n 
2 9   UNK n 
2 10  UNK n 
2 11  UNK n 
2 12  UNK n 
2 13  UNK n 
2 14  UNK n 
2 15  UNK n 
2 16  UNK n 
2 17  UNK n 
2 18  UNK n 
2 19  UNK n 
2 20  UNK n 
2 21  UNK n 
2 22  UNK n 
2 23  UNK n 
2 24  UNK n 
2 25  UNK n 
2 26  UNK n 
2 27  UNK n 
2 28  UNK n 
2 29  UNK n 
2 30  UNK n 
2 31  UNK n 
2 32  UNK n 
2 33  UNK n 
2 34  UNK n 
2 35  UNK n 
2 36  UNK n 
3 1   UNK n 
3 2   UNK n 
3 3   UNK n 
3 4   UNK n 
3 5   UNK n 
3 6   UNK n 
3 7   UNK n 
3 8   UNK n 
3 9   UNK n 
3 10  UNK n 
3 11  UNK n 
3 12  UNK n 
3 13  UNK n 
3 14  UNK n 
3 15  UNK n 
3 16  UNK n 
3 17  UNK n 
3 18  UNK n 
3 19  UNK n 
3 20  UNK n 
3 21  UNK n 
3 22  UNK n 
3 23  UNK n 
3 24  UNK n 
3 25  UNK n 
3 26  UNK n 
3 27  UNK n 
3 28  UNK n 
# 
loop_
_entity_src_nat.entity_id 
_entity_src_nat.pdbx_src_id 
_entity_src_nat.pdbx_alt_source_flag 
_entity_src_nat.pdbx_beg_seq_num 
_entity_src_nat.pdbx_end_seq_num 
_entity_src_nat.common_name 
_entity_src_nat.pdbx_organism_scientific 
_entity_src_nat.pdbx_ncbi_taxonomy_id 
_entity_src_nat.genus 
_entity_src_nat.species 
_entity_src_nat.strain 
_entity_src_nat.tissue 
_entity_src_nat.tissue_fraction 
_entity_src_nat.pdbx_secretion 
_entity_src_nat.pdbx_fragment 
_entity_src_nat.pdbx_variant 
_entity_src_nat.pdbx_cell_line 
_entity_src_nat.pdbx_atcc 
_entity_src_nat.pdbx_cellular_location 
_entity_src_nat.pdbx_organ 
_entity_src_nat.pdbx_organelle 
_entity_src_nat.pdbx_cell 
_entity_src_nat.pdbx_plasmid_name 
_entity_src_nat.pdbx_plasmid_details 
_entity_src_nat.details 
1 1 sample ? ? ? 'Thermus thermophilus' 274 Thermus 'Thermus thermophilus' HB8 ? ? ? ? ? ? ? ? ? ? ? ? ? ? 
2 1 sample ? ? ? 'Thermus thermophilus' 274 Thermus 'Thermus thermophilus' HB8 ? ? ? ? ? ? ? ? ? ? ? ? ? ? 
3 1 sample ? ? ? 'Thermus thermophilus' 274 Thermus 'Thermus thermophilus' HB8 ? ? ? ? ? ? ? ? ? ? ? ? ? ? 
# 
loop_
_chem_comp.id 
_chem_comp.type 
_chem_comp.mon_nstd_flag 
_chem_comp.name 
_chem_comp.pdbx_synonyms 
_chem_comp.formula 
_chem_comp.formula_weight 
ALA 'L-peptide linking' y ALANINE                    ? 'C3 H7 N O2'        89.093  
ARG 'L-peptide linking' y ARGININE                   ? 'C6 H15 N4 O2 1'    175.209 
ASN 'L-peptide linking' y ASPARAGINE                 ? 'C4 H8 N2 O3'       132.118 
ASP 'L-peptide linking' y 'ASPARTIC ACID'            ? 'C4 H7 N O4'        133.103 
CYS 'L-peptide linking' y CYSTEINE                   ? 'C3 H7 N O2 S'      121.158 
GDP 'RNA linking'       n "GUANOSINE-5'-DIPHOSPHATE" ? 'C10 H15 N5 O11 P2' 443.201 
GLN 'L-peptide linking' y GLUTAMINE                  ? 'C5 H10 N2 O3'      146.144 
GLU 'L-peptide linking' y 'GLUTAMIC ACID'            ? 'C5 H9 N O4'        147.129 
GLY 'peptide linking'   y GLYCINE                    ? 'C2 H5 N O2'        75.067  
HIS 'L-peptide linking' y HISTIDINE                  ? 'C6 H10 N3 O2 1'    156.162 
ILE 'L-peptide linking' y ISOLEUCINE                 ? 'C6 H13 N O2'       131.173 
LEU 'L-peptide linking' y LEUCINE                    ? 'C6 H13 N O2'       131.173 
LYS 'L-peptide linking' y LYSINE                     ? 'C6 H15 N2 O2 1'    147.195 
MET 'L-peptide linking' y METHIONINE                 ? 'C5 H11 N O2 S'     149.211 
PHE 'L-peptide linking' y PHENYLALANINE              ? 'C9 H11 N O2'       165.189 
PRO 'L-peptide linking' y PROLINE                    ? 'C5 H9 N O2'        115.130 
SER 'L-peptide linking' y SERINE                     ? 'C3 H7 N O3'        105.093 
THR 'L-peptide linking' y THREONINE                  ? 'C4 H9 N O3'        119.119 
TRP 'L-peptide linking' y TRYPTOPHAN                 ? 'C11 H12 N2 O2'     204.225 
TYR 'L-peptide linking' y TYROSINE                   ? 'C9 H11 N O3'       181.189 
UNK 'L-peptide linking' . UNKNOWN                    ? 'C4 H9 N O2'        103.120 
VAL 'L-peptide linking' y VALINE                     ? 'C5 H11 N O2'       117.146 
# 
loop_
_pdbx_poly_seq_scheme.asym_id 
_pdbx_poly_seq_scheme.entity_id 
_pdbx_poly_seq_scheme.seq_id 
_pdbx_poly_seq_scheme.mon_id 
_pdbx_poly_seq_scheme.ndb_seq_num 
_pdbx_poly_seq_scheme.pdb_seq_num 
_pdbx_poly_seq_scheme.auth_seq_num 
_pdbx_poly_seq_scheme.pdb_mon_id 
_pdbx_poly_seq_scheme.auth_mon_id 
_pdbx_poly_seq_scheme.pdb_strand_id 
_pdbx_poly_seq_scheme.pdb_ins_code 
_pdbx_poly_seq_scheme.hetero 
A 1 1   MET 1   1   1   MET MET A . n 
A 1 2   ALA 2   2   2   ALA ALA A . n 
A 1 3   VAL 3   3   3   VAL VAL A . n 
A 1 4   LYS 4   4   4   LYS LYS A . n 
A 1 5   VAL 5   5   5   VAL VAL A . n 
A 1 6   GLU 6   6   6   GLU GLU A . n 
A 1 7   TYR 7   7   7   TYR TYR A . n 
A 1 8   ASP 8   8   8   ASP ASP A . n 
A 1 9   LEU 9   9   9   LEU LEU A . n 
A 1 10  LYS 10  10  10  LYS LYS A . n 
A 1 11  ARG 11  11  11  ARG ARG A . n 
A 1 12  LEU 12  12  12  LEU LEU A . n 
A 1 13  ARG 13  13  13  ARG ARG A . n 
A 1 14  ASN 14  14  14  ASN ASN A . n 
A 1 15  ILE 15  15  15  ILE ILE A . n 
A 1 16  GLY 16  16  16  GLY GLY A . n 
A 1 17  ILE 17  17  17  ILE ILE A . n 
A 1 18  ALA 18  18  18  ALA ALA A . n 
A 1 19  ALA 19  19  19  ALA ALA A . n 
A 1 20  HIS 20  20  20  HIS HIS A . n 
A 1 21  ILE 21  21  21  ILE ILE A . n 
A 1 22  ASP 22  22  22  ASP ASP A . n 
A 1 23  ALA 23  23  23  ALA ALA A . n 
A 1 24  GLY 24  24  24  GLY GLY A . n 
A 1 25  LYS 25  25  25  LYS LYS A . n 
A 1 26  THR 26  26  26  THR THR A . n 
A 1 27  THR 27  27  27  THR THR A . n 
A 1 28  THR 28  28  28  THR THR A . n 
A 1 29  THR 29  29  29  THR THR A . n 
A 1 30  GLU 30  30  30  GLU GLU A . n 
A 1 31  ARG 31  31  31  ARG ARG A . n 
A 1 32  ILE 32  32  32  ILE ILE A . n 
A 1 33  LEU 33  33  33  LEU LEU A . n 
A 1 34  TYR 34  34  34  TYR TYR A . n 
A 1 35  TYR 35  35  35  TYR TYR A . n 
A 1 36  THR 36  36  36  THR THR A . n 
A 1 37  GLY 37  37  37  GLY GLY A . n 
A 1 38  ARG 38  38  38  ARG ARG A . n 
A 1 39  ILE 39  39  39  ILE ILE A . n 
A 1 40  HIS 40  40  40  HIS HIS A . n 
A 1 41  LYS 41  41  41  LYS LYS A . n 
A 1 42  ILE 42  42  ?   ?   ?   A . n 
A 1 43  GLY 43  43  ?   ?   ?   A . n 
A 1 44  GLU 44  44  ?   ?   ?   A . n 
A 1 45  VAL 45  45  ?   ?   ?   A . n 
A 1 46  HIS 46  46  ?   ?   ?   A . n 
A 1 47  GLU 47  47  ?   ?   ?   A . n 
A 1 48  GLY 48  48  ?   ?   ?   A . n 
A 1 49  ALA 49  49  ?   ?   ?   A . n 
A 1 50  ALA 50  50  ?   ?   ?   A . n 
A 1 51  THR 51  51  ?   ?   ?   A . n 
A 1 52  MET 52  52  ?   ?   ?   A . n 
A 1 53  ASP 53  53  ?   ?   ?   A . n 
A 1 54  PHE 54  54  ?   ?   ?   A . n 
A 1 55  MET 55  55  ?   ?   ?   A . n 
A 1 56  GLU 56  56  ?   ?   ?   A . n 
A 1 57  GLN 57  57  ?   ?   ?   A . n 
A 1 58  GLU 58  58  ?   ?   ?   A . n 
A 1 59  ARG 59  59  ?   ?   ?   A . n 
A 1 60  GLU 60  60  ?   ?   ?   A . n 
A 1 61  ARG 61  61  ?   ?   ?   A . n 
A 1 62  GLY 62  62  ?   ?   ?   A . n 
A 1 63  ILE 63  63  ?   ?   ?   A . n 
A 1 64  THR 64  64  ?   ?   ?   A . n 
A 1 65  ILE 65  65  ?   ?   ?   A . n 
A 1 66  THR 66  66  66  THR THR A . n 
A 1 67  ALA 67  67  67  ALA ALA A . n 
A 1 68  ALA 68  68  68  ALA ALA A . n 
A 1 69  VAL 69  69  69  VAL VAL A . n 
A 1 70  THR 70  70  70  THR THR A . n 
A 1 71  THR 71  71  71  THR THR A . n 
A 1 72  CYS 72  72  72  CYS CYS A . n 
A 1 73  PHE 73  73  73  PHE PHE A . n 
A 1 74  TRP 74  74  74  TRP TRP A . n 
A 1 75  LYS 75  75  75  LYS LYS A . n 
A 1 76  ASP 76  76  76  ASP ASP A . n 
A 1 77  HIS 77  77  77  HIS HIS A . n 
A 1 78  ARG 78  78  78  ARG ARG A . n 
A 1 79  ILE 79  79  79  ILE ILE A . n 
A 1 80  ASN 80  80  80  ASN ASN A . n 
A 1 81  ILE 81  81  81  ILE ILE A . n 
A 1 82  ILE 82  82  82  ILE ILE A . n 
A 1 83  ASP 83  83  83  ASP ASP A . n 
A 1 84  THR 84  84  84  THR THR A . n 
A 1 85  PRO 85  85  85  PRO PRO A . n 
A 1 86  GLY 86  86  86  GLY GLY A . n 
A 1 87  HIS 87  87  87  HIS HIS A . n 
A 1 88  VAL 88  88  88  VAL VAL A . n 
A 1 89  ASP 89  89  89  ASP ASP A . n 
A 1 90  PHE 90  90  90  PHE PHE A . n 
A 1 91  THR 91  91  91  THR THR A . n 
A 1 92  ILE 92  92  92  ILE ILE A . n 
A 1 93  GLU 93  93  93  GLU GLU A . n 
A 1 94  VAL 94  94  94  VAL VAL A . n 
A 1 95  GLU 95  95  95  GLU GLU A . n 
A 1 96  ARG 96  96  96  ARG ARG A . n 
A 1 97  SER 97  97  97  SER SER A . n 
A 1 98  MET 98  98  98  MET MET A . n 
A 1 99  ARG 99  99  99  ARG ARG A . n 
A 1 100 VAL 100 100 100 VAL VAL A . n 
A 1 101 LEU 101 101 101 LEU LEU A . n 
A 1 102 ASP 102 102 102 ASP ASP A . n 
A 1 103 GLY 103 103 103 GLY GLY A . n 
A 1 104 ALA 104 104 104 ALA ALA A . n 
A 1 105 ILE 105 105 105 ILE ILE A . n 
A 1 106 VAL 106 106 106 VAL VAL A . n 
A 1 107 VAL 107 107 107 VAL VAL A . n 
A 1 108 PHE 108 108 108 PHE PHE A . n 
A 1 109 ASP 109 109 109 ASP ASP A . n 
A 1 110 SER 110 110 110 SER SER A . n 
A 1 111 SER 111 111 111 SER SER A . n 
A 1 112 GLN 112 112 112 GLN GLN A . n 
A 1 113 GLY 113 113 113 GLY GLY A . n 
A 1 114 VAL 114 114 114 VAL VAL A . n 
A 1 115 GLU 115 115 115 GLU GLU A . n 
A 1 116 PRO 116 116 116 PRO PRO A . n 
A 1 117 GLN 117 117 117 GLN GLN A . n 
A 1 118 SER 118 118 118 SER SER A . n 
A 1 119 GLU 119 119 119 GLU GLU A . n 
A 1 120 THR 120 120 120 THR THR A . n 
A 1 121 VAL 121 121 121 VAL VAL A . n 
A 1 122 TRP 122 122 122 TRP TRP A . n 
A 1 123 ARG 123 123 123 ARG ARG A . n 
A 1 124 GLN 124 124 124 GLN GLN A . n 
A 1 125 ALA 125 125 125 ALA ALA A . n 
A 1 126 GLU 126 126 126 GLU GLU A . n 
A 1 127 LYS 127 127 127 LYS LYS A . n 
A 1 128 TYR 128 128 128 TYR TYR A . n 
A 1 129 LYS 129 129 129 LYS LYS A . n 
A 1 130 VAL 130 130 130 VAL VAL A . n 
A 1 131 PRO 131 131 131 PRO PRO A . n 
A 1 132 ARG 132 132 132 ARG ARG A . n 
A 1 133 ILE 133 133 133 ILE ILE A . n 
A 1 134 ALA 134 134 134 ALA ALA A . n 
A 1 135 PHE 135 135 135 PHE PHE A . n 
A 1 136 ALA 136 136 136 ALA ALA A . n 
A 1 137 ASN 137 137 137 ASN ASN A . n 
A 1 138 LYS 138 138 138 LYS LYS A . n 
A 1 139 MET 139 139 139 MET MET A . n 
A 1 140 ASP 140 140 140 ASP ASP A . n 
A 1 141 LYS 141 141 141 LYS LYS A . n 
A 1 142 THR 142 142 142 THR THR A . n 
A 1 143 GLY 143 143 143 GLY GLY A . n 
A 1 144 ALA 144 144 144 ALA ALA A . n 
A 1 145 ASP 145 145 145 ASP ASP A . n 
A 1 146 LEU 146 146 146 LEU LEU A . n 
A 1 147 TRP 147 147 147 TRP TRP A . n 
A 1 148 LEU 148 148 148 LEU LEU A . n 
A 1 149 VAL 149 149 149 VAL VAL A . n 
A 1 150 ILE 150 150 150 ILE ILE A . n 
A 1 151 ARG 151 151 151 ARG ARG A . n 
A 1 152 THR 152 152 152 THR THR A . n 
A 1 153 MET 153 153 153 MET MET A . n 
A 1 154 GLN 154 154 154 GLN GLN A . n 
A 1 155 GLU 155 155 155 GLU GLU A . n 
A 1 156 ARG 156 156 156 ARG ARG A . n 
A 1 157 LEU 157 157 157 LEU LEU A . n 
A 1 158 GLY 158 158 158 GLY GLY A . n 
A 1 159 ALA 159 159 159 ALA ALA A . n 
A 1 160 ARG 160 160 160 ARG ARG A . n 
A 1 161 PRO 161 161 161 PRO PRO A . n 
A 1 162 VAL 162 162 162 VAL VAL A . n 
A 1 163 VAL 163 163 163 VAL VAL A . n 
A 1 164 MET 164 164 164 MET MET A . n 
A 1 165 GLN 165 165 165 GLN GLN A . n 
A 1 166 LEU 166 166 166 LEU LEU A . n 
A 1 167 PRO 167 167 167 PRO PRO A . n 
A 1 168 ILE 168 168 168 ILE ILE A . n 
A 1 169 GLY 169 169 169 GLY GLY A . n 
A 1 170 ARG 170 170 170 ARG ARG A . n 
A 1 171 GLU 171 171 171 GLU GLU A . n 
A 1 172 ASP 172 172 172 ASP ASP A . n 
A 1 173 THR 173 173 173 THR THR A . n 
A 1 174 PHE 174 174 174 PHE PHE A . n 
A 1 175 SER 175 175 175 SER SER A . n 
A 1 176 GLY 176 176 176 GLY GLY A . n 
A 1 177 ILE 177 177 177 ILE ILE A . n 
A 1 178 ILE 178 178 178 ILE ILE A . n 
A 1 179 ASP 179 179 179 ASP ASP A . n 
A 1 180 VAL 180 180 180 VAL VAL A . n 
A 1 181 LEU 181 181 181 LEU LEU A . n 
A 1 182 ARG 182 182 182 ARG ARG A . n 
A 1 183 MET 183 183 183 MET MET A . n 
A 1 184 LYS 184 184 184 LYS LYS A . n 
A 1 185 ALA 185 185 185 ALA ALA A . n 
A 1 186 TYR 186 186 186 TYR TYR A . n 
A 1 187 THR 187 187 187 THR THR A . n 
A 1 188 TYR 188 188 188 TYR TYR A . n 
A 1 189 GLY 189 189 189 GLY GLY A . n 
A 1 190 ASN 190 190 190 ASN ASN A . n 
A 1 191 ASP 191 191 191 ASP ASP A . n 
A 1 192 LEU 192 192 192 LEU LEU A . n 
A 1 193 GLY 193 193 193 GLY GLY A . n 
A 1 194 THR 194 194 194 THR THR A . n 
A 1 195 ASP 195 195 195 ASP ASP A . n 
A 1 196 ILE 196 196 196 ILE ILE A . n 
A 1 197 ARG 197 197 197 ARG ARG A . n 
A 1 198 GLU 198 198 198 GLU GLU A . n 
A 1 199 ILE 199 199 199 ILE ILE A . n 
A 1 200 PRO 200 200 200 PRO PRO A . n 
A 1 201 ILE 201 201 201 ILE ILE A . n 
A 1 202 PRO 202 202 202 PRO PRO A . n 
A 1 203 GLU 203 203 203 GLU GLU A . n 
A 1 204 GLU 204 204 204 GLU GLU A . n 
A 1 205 TYR 205 205 205 TYR TYR A . n 
A 1 206 LEU 206 206 206 LEU LEU A . n 
A 1 207 ASP 207 207 207 ASP ASP A . n 
A 1 208 ASN 208 208 208 ASN ASN A . n 
A 1 209 ALA 209 209 209 ALA ALA A . n 
A 1 210 ARG 210 210 210 ARG ARG A . n 
A 1 211 GLU 211 211 211 GLU GLU A . n 
A 1 212 TYR 212 212 212 TYR TYR A . n 
A 1 213 HIS 213 213 213 HIS HIS A . n 
A 1 214 GLU 214 214 214 GLU GLU A . n 
A 1 215 LYS 215 215 215 LYS LYS A . n 
A 1 216 LEU 216 216 216 LEU LEU A . n 
A 1 217 VAL 217 217 217 VAL VAL A . n 
A 1 218 GLU 218 218 218 GLU GLU A . n 
A 1 219 VAL 219 219 219 VAL VAL A . n 
A 1 220 ALA 220 220 220 ALA ALA A . n 
A 1 221 ALA 221 221 221 ALA ALA A . n 
A 1 222 ASP 222 222 222 ASP ASP A . n 
A 1 223 PHE 223 223 223 PHE PHE A . n 
A 1 224 ASP 224 224 224 ASP ASP A . n 
A 1 225 GLU 225 225 225 GLU GLU A . n 
A 1 226 ASN 226 226 226 ASN ASN A . n 
A 1 227 ILE 227 227 227 ILE ILE A . n 
A 1 228 MET 228 228 228 MET MET A . n 
A 1 229 LEU 229 229 229 LEU LEU A . n 
A 1 230 LYS 230 230 230 LYS LYS A . n 
A 1 231 TYR 231 231 231 TYR TYR A . n 
A 1 232 LEU 232 232 232 LEU LEU A . n 
A 1 233 GLU 233 233 233 GLU GLU A . n 
A 1 234 GLY 234 234 234 GLY GLY A . n 
A 1 235 GLU 235 235 235 GLU GLU A . n 
A 1 236 GLU 236 236 236 GLU GLU A . n 
A 1 237 PRO 237 237 237 PRO PRO A . n 
A 1 238 THR 238 238 238 THR THR A . n 
A 1 239 GLU 239 239 239 GLU GLU A . n 
A 1 240 GLU 240 240 240 GLU GLU A . n 
A 1 241 GLU 241 241 241 GLU GLU A . n 
A 1 242 LEU 242 242 242 LEU LEU A . n 
A 1 243 VAL 243 243 243 VAL VAL A . n 
A 1 244 ALA 244 244 244 ALA ALA A . n 
A 1 245 ALA 245 245 245 ALA ALA A . n 
A 1 246 ILE 246 246 246 ILE ILE A . n 
A 1 247 ARG 247 247 247 ARG ARG A . n 
A 1 248 LYS 248 248 248 LYS LYS A . n 
A 1 249 GLY 249 249 249 GLY GLY A . n 
A 1 250 THR 250 250 250 THR THR A . n 
A 1 251 ILE 251 251 251 ILE ILE A . n 
A 1 252 ASP 252 252 252 ASP ASP A . n 
A 1 253 LEU 253 253 253 LEU LEU A . n 
A 1 254 LYS 254 254 254 LYS LYS A . n 
A 1 255 ILE 255 255 255 ILE ILE A . n 
A 1 256 THR 256 256 256 THR THR A . n 
A 1 257 PRO 257 257 257 PRO PRO A . n 
A 1 258 VAL 258 258 258 VAL VAL A . n 
A 1 259 PHE 259 259 259 PHE PHE A . n 
A 1 260 LEU 260 260 260 LEU LEU A . n 
A 1 261 GLY 261 261 261 GLY GLY A . n 
A 1 262 SER 262 262 262 SER SER A . n 
A 1 263 ALA 263 263 263 ALA ALA A . n 
A 1 264 LEU 264 264 264 LEU LEU A . n 
A 1 265 LYS 265 265 265 LYS LYS A . n 
A 1 266 ASN 266 266 266 ASN ASN A . n 
A 1 267 LYS 267 267 267 LYS LYS A . n 
A 1 268 GLY 268 268 268 GLY GLY A . n 
A 1 269 VAL 269 269 269 VAL VAL A . n 
A 1 270 GLN 270 270 270 GLN GLN A . n 
A 1 271 LEU 271 271 271 LEU LEU A . n 
A 1 272 LEU 272 272 272 LEU LEU A . n 
A 1 273 LEU 273 273 273 LEU LEU A . n 
A 1 274 ASP 274 274 274 ASP ASP A . n 
A 1 275 ALA 275 275 275 ALA ALA A . n 
A 1 276 VAL 276 276 276 VAL VAL A . n 
A 1 277 VAL 277 277 277 VAL VAL A . n 
A 1 278 ASP 278 278 278 ASP ASP A . n 
A 1 279 TYR 279 279 279 TYR TYR A . n 
A 1 280 LEU 280 280 280 LEU LEU A . n 
A 1 281 PRO 281 281 281 PRO PRO A . n 
A 1 282 SER 282 282 282 SER SER A . n 
A 1 283 PRO 283 283 283 PRO PRO A . n 
A 1 284 LEU 284 284 284 LEU LEU A . n 
A 1 285 ASP 285 285 285 ASP ASP A . n 
A 1 286 ILE 286 286 286 ILE ILE A . n 
A 1 287 PRO 287 287 287 PRO PRO A . n 
A 1 288 PRO 288 288 288 PRO PRO A . n 
A 1 289 ILE 289 289 289 ILE ILE A . n 
A 1 290 LYS 290 290 290 LYS LYS A . n 
A 1 291 GLY 291 291 291 GLY GLY A . n 
A 1 292 THR 292 292 292 THR THR A . n 
A 1 293 THR 293 293 293 THR THR A . n 
A 1 294 PRO 294 294 294 PRO PRO A . n 
A 1 295 GLU 295 295 295 GLU GLU A . n 
A 1 296 GLY 296 296 296 GLY GLY A . n 
A 1 297 GLU 297 297 297 GLU GLU A . n 
A 1 298 VAL 298 298 298 VAL VAL A . n 
A 1 299 VAL 299 299 299 VAL VAL A . n 
A 1 300 GLU 300 300 300 GLU GLU A . n 
A 1 301 ILE 301 301 301 ILE ILE A . n 
A 1 302 HIS 302 302 302 HIS HIS A . n 
A 1 303 PRO 303 303 303 PRO PRO A . n 
A 1 304 ASP 304 304 304 ASP ASP A . n 
A 1 305 PRO 305 305 305 PRO PRO A . n 
A 1 306 ASN 306 306 306 ASN ASN A . n 
A 1 307 GLY 307 307 307 GLY GLY A . n 
A 1 308 PRO 308 308 308 PRO PRO A . n 
A 1 309 LEU 309 309 309 LEU LEU A . n 
A 1 310 ALA 310 310 310 ALA ALA A . n 
A 1 311 ALA 311 311 311 ALA ALA A . n 
A 1 312 LEU 312 312 312 LEU LEU A . n 
A 1 313 ALA 313 313 313 ALA ALA A . n 
A 1 314 PHE 314 314 314 PHE PHE A . n 
A 1 315 LYS 315 315 315 LYS LYS A . n 
A 1 316 ILE 316 316 316 ILE ILE A . n 
A 1 317 MET 317 317 317 MET MET A . n 
A 1 318 ALA 318 318 318 ALA ALA A . n 
A 1 319 ASP 319 319 319 ASP ASP A . n 
A 1 320 PRO 320 320 320 PRO PRO A . n 
A 1 321 TYR 321 321 321 TYR TYR A . n 
A 1 322 VAL 322 322 322 VAL VAL A . n 
A 1 323 GLY 323 323 323 GLY GLY A . n 
A 1 324 ARG 324 324 324 ARG ARG A . n 
A 1 325 LEU 325 325 325 LEU LEU A . n 
A 1 326 THR 326 326 326 THR THR A . n 
A 1 327 PHE 327 327 327 PHE PHE A . n 
A 1 328 ILE 328 328 328 ILE ILE A . n 
A 1 329 ARG 329 329 329 ARG ARG A . n 
A 1 330 VAL 330 330 330 VAL VAL A . n 
A 1 331 TYR 331 331 331 TYR TYR A . n 
A 1 332 SER 332 332 332 SER SER A . n 
A 1 333 GLY 333 333 333 GLY GLY A . n 
A 1 334 THR 334 334 334 THR THR A . n 
A 1 335 LEU 335 335 335 LEU LEU A . n 
A 1 336 THR 336 336 336 THR THR A . n 
A 1 337 SER 337 337 337 SER SER A . n 
A 1 338 GLY 338 338 338 GLY GLY A . n 
A 1 339 SER 339 339 339 SER SER A . n 
A 1 340 TYR 340 340 340 TYR TYR A . n 
A 1 341 VAL 341 341 341 VAL VAL A . n 
A 1 342 TYR 342 342 342 TYR TYR A . n 
A 1 343 ASN 343 343 343 ASN ASN A . n 
A 1 344 THR 344 344 344 THR THR A . n 
A 1 345 THR 345 345 345 THR THR A . n 
A 1 346 LYS 346 346 346 LYS LYS A . n 
A 1 347 GLY 347 347 347 GLY GLY A . n 
A 1 348 ARG 348 348 348 ARG ARG A . n 
A 1 349 LYS 349 349 349 LYS LYS A . n 
A 1 350 GLU 350 350 350 GLU GLU A . n 
A 1 351 ARG 351 351 351 ARG ARG A . n 
A 1 352 VAL 352 352 352 VAL VAL A . n 
A 1 353 ALA 353 353 353 ALA ALA A . n 
A 1 354 ARG 354 354 354 ARG ARG A . n 
A 1 355 LEU 355 355 355 LEU LEU A . n 
A 1 356 LEU 356 356 356 LEU LEU A . n 
A 1 357 ARG 357 357 357 ARG ARG A . n 
A 1 358 MET 358 358 358 MET MET A . n 
A 1 359 HIS 359 359 359 HIS HIS A . n 
A 1 360 ALA 360 360 360 ALA ALA A . n 
A 1 361 ASN 361 361 361 ASN ASN A . n 
A 1 362 HIS 362 362 362 HIS HIS A . n 
A 1 363 ARG 363 363 363 ARG ARG A . n 
A 1 364 GLU 364 364 364 GLU GLU A . n 
A 1 365 GLU 365 365 365 GLU GLU A . n 
A 1 366 VAL 366 366 366 VAL VAL A . n 
A 1 367 GLU 367 367 367 GLU GLU A . n 
A 1 368 GLU 368 368 368 GLU GLU A . n 
A 1 369 LEU 369 369 369 LEU LEU A . n 
A 1 370 LYS 370 370 370 LYS LYS A . n 
A 1 371 ALA 371 371 371 ALA ALA A . n 
A 1 372 GLY 372 372 372 GLY GLY A . n 
A 1 373 ASP 373 373 373 ASP ASP A . n 
A 1 374 LEU 374 374 374 LEU LEU A . n 
A 1 375 GLY 375 375 375 GLY GLY A . n 
A 1 376 ALA 376 376 376 ALA ALA A . n 
A 1 377 VAL 377 377 377 VAL VAL A . n 
A 1 378 VAL 378 378 378 VAL VAL A . n 
A 1 379 GLY 379 379 379 GLY GLY A . n 
A 1 380 LEU 380 380 380 LEU LEU A . n 
A 1 381 LYS 381 381 381 LYS LYS A . n 
A 1 382 GLU 382 382 382 GLU GLU A . n 
A 1 383 THR 383 383 383 THR THR A . n 
A 1 384 ILE 384 384 384 ILE ILE A . n 
A 1 385 THR 385 385 385 THR THR A . n 
A 1 386 GLY 386 386 386 GLY GLY A . n 
A 1 387 ASP 387 387 387 ASP ASP A . n 
A 1 388 THR 388 388 388 THR THR A . n 
A 1 389 LEU 389 389 389 LEU LEU A . n 
A 1 390 VAL 390 390 390 VAL VAL A . n 
A 1 391 GLY 391 391 391 GLY GLY A . n 
A 1 392 GLU 392 392 392 GLU GLU A . n 
A 1 393 ASP 393 393 393 ASP ASP A . n 
A 1 394 ALA 394 394 394 ALA ALA A . n 
A 1 395 PRO 395 395 395 PRO PRO A . n 
A 1 396 ARG 396 396 396 ARG ARG A . n 
A 1 397 VAL 397 397 397 VAL VAL A . n 
A 1 398 ILE 398 398 398 ILE ILE A . n 
A 1 399 LEU 399 399 399 LEU LEU A . n 
A 1 400 GLU 400 400 400 GLU GLU A . n 
A 1 401 SER 401 401 401 SER SER A . n 
A 1 402 ILE 402 402 402 ILE ILE A . n 
A 1 403 GLU 403 403 403 GLU GLU A . n 
A 1 404 VAL 404 404 ?   ?   ?   A . n 
A 1 405 PRO 405 405 ?   ?   ?   A . n 
A 1 406 GLU 406 406 ?   ?   ?   A . n 
A 1 407 PRO 407 407 ?   ?   ?   A . n 
A 1 408 VAL 408 408 ?   ?   ?   A . n 
A 1 409 ILE 409 409 ?   ?   ?   A . n 
A 1 410 ASP 410 410 ?   ?   ?   A . n 
A 1 411 VAL 411 411 ?   ?   ?   A . n 
A 1 412 ALA 412 412 ?   ?   ?   A . n 
A 1 413 ILE 413 413 ?   ?   ?   A . n 
A 1 414 GLU 414 414 ?   ?   ?   A . n 
A 1 415 PRO 415 415 ?   ?   ?   A . n 
A 1 416 LYS 416 416 ?   ?   ?   A . n 
A 1 417 THR 417 417 ?   ?   ?   A . n 
A 1 418 LYS 418 418 ?   ?   ?   A . n 
A 1 419 ALA 419 419 ?   ?   ?   A . n 
A 1 420 ASP 420 420 ?   ?   ?   A . n 
A 1 421 GLN 421 421 ?   ?   ?   A . n 
A 1 422 GLU 422 422 ?   ?   ?   A . n 
A 1 423 LYS 423 423 ?   ?   ?   A . n 
A 1 424 LEU 424 424 ?   ?   ?   A . n 
A 1 425 SER 425 425 ?   ?   ?   A . n 
A 1 426 GLN 426 426 ?   ?   ?   A . n 
A 1 427 ALA 427 427 ?   ?   ?   A . n 
A 1 428 LEU 428 428 ?   ?   ?   A . n 
A 1 429 ALA 429 429 ?   ?   ?   A . n 
A 1 430 ARG 430 430 ?   ?   ?   A . n 
A 1 431 LEU 431 431 ?   ?   ?   A . n 
A 1 432 ALA 432 432 ?   ?   ?   A . n 
A 1 433 GLU 433 433 ?   ?   ?   A . n 
A 1 434 GLU 434 434 ?   ?   ?   A . n 
A 1 435 ASP 435 435 ?   ?   ?   A . n 
A 1 436 PRO 436 436 ?   ?   ?   A . n 
A 1 437 THR 437 437 ?   ?   ?   A . n 
A 1 438 PHE 438 438 ?   ?   ?   A . n 
A 1 439 ARG 439 439 ?   ?   ?   A . n 
A 1 440 VAL 440 440 ?   ?   ?   A . n 
A 1 441 SER 441 441 ?   ?   ?   A . n 
A 1 442 THR 442 442 ?   ?   ?   A . n 
A 1 443 HIS 443 443 ?   ?   ?   A . n 
A 1 444 PRO 444 444 ?   ?   ?   A . n 
A 1 445 GLU 445 445 ?   ?   ?   A . n 
A 1 446 THR 446 446 ?   ?   ?   A . n 
A 1 447 GLY 447 447 ?   ?   ?   A . n 
A 1 448 GLN 448 448 ?   ?   ?   A . n 
A 1 449 THR 449 449 ?   ?   ?   A . n 
A 1 450 ILE 450 450 ?   ?   ?   A . n 
A 1 451 ILE 451 451 ?   ?   ?   A . n 
A 1 452 SER 452 452 ?   ?   ?   A . n 
A 1 453 GLY 453 453 ?   ?   ?   A . n 
A 1 454 MET 454 454 ?   ?   ?   A . n 
A 1 455 GLY 455 455 ?   ?   ?   A . n 
A 1 456 GLU 456 456 ?   ?   ?   A . n 
A 1 457 LEU 457 457 ?   ?   ?   A . n 
A 1 458 HIS 458 458 ?   ?   ?   A . n 
A 1 459 LEU 459 459 ?   ?   ?   A . n 
A 1 460 GLU 460 460 ?   ?   ?   A . n 
A 1 461 ILE 461 461 ?   ?   ?   A . n 
A 1 462 ILE 462 462 ?   ?   ?   A . n 
A 1 463 VAL 463 463 ?   ?   ?   A . n 
A 1 464 ASP 464 464 ?   ?   ?   A . n 
A 1 465 ARG 465 465 ?   ?   ?   A . n 
A 1 466 LEU 466 466 ?   ?   ?   A . n 
A 1 467 LYS 467 467 ?   ?   ?   A . n 
A 1 468 ARG 468 468 ?   ?   ?   A . n 
A 1 469 GLU 469 469 ?   ?   ?   A . n 
A 1 470 PHE 470 470 ?   ?   ?   A . n 
A 1 471 LYS 471 471 ?   ?   ?   A . n 
A 1 472 VAL 472 472 ?   ?   ?   A . n 
A 1 473 ASP 473 473 ?   ?   ?   A . n 
A 1 474 ALA 474 474 ?   ?   ?   A . n 
A 1 475 ASN 475 475 ?   ?   ?   A . n 
A 1 476 VAL 476 476 ?   ?   ?   A . n 
A 1 477 GLY 477 477 477 GLY GLY A . n 
A 1 478 LYS 478 478 478 LYS LYS A . n 
A 1 479 PRO 479 479 479 PRO PRO A . n 
A 1 480 GLN 480 480 480 GLN GLN A . n 
A 1 481 VAL 481 481 481 VAL VAL A . n 
A 1 482 ALA 482 482 482 ALA ALA A . n 
A 1 483 TYR 483 483 483 TYR TYR A . n 
A 1 484 ARG 484 484 484 ARG ARG A . n 
A 1 485 GLU 485 485 485 GLU GLU A . n 
A 1 486 THR 486 486 486 THR THR A . n 
A 1 487 ILE 487 487 487 ILE ILE A . n 
A 1 488 THR 488 488 488 THR THR A . n 
A 1 489 LYS 489 489 489 LYS LYS A . n 
A 1 490 PRO 490 490 490 PRO PRO A . n 
A 1 491 VAL 491 491 491 VAL VAL A . n 
A 1 492 ASP 492 492 492 ASP ASP A . n 
A 1 493 VAL 493 493 493 VAL VAL A . n 
A 1 494 GLU 494 494 494 GLU GLU A . n 
A 1 495 GLY 495 495 495 GLY GLY A . n 
A 1 496 LYS 496 496 496 LYS LYS A . n 
A 1 497 PHE 497 497 497 PHE PHE A . n 
A 1 498 ILE 498 498 498 ILE ILE A . n 
A 1 499 ARG 499 499 499 ARG ARG A . n 
A 1 500 GLN 500 500 500 GLN GLN A . n 
A 1 501 THR 501 501 501 THR THR A . n 
A 1 502 GLY 502 502 502 GLY GLY A . n 
A 1 503 GLY 503 503 503 GLY GLY A . n 
A 1 504 ARG 504 504 504 ARG ARG A . n 
A 1 505 GLY 505 505 505 GLY GLY A . n 
A 1 506 GLN 506 506 506 GLN GLN A . n 
A 1 507 TYR 507 507 507 TYR TYR A . n 
A 1 508 GLY 508 508 508 GLY GLY A . n 
A 1 509 HIS 509 509 509 HIS HIS A . n 
A 1 510 VAL 510 510 510 VAL VAL A . n 
A 1 511 LYS 511 511 511 LYS LYS A . n 
A 1 512 ILE 512 512 512 ILE ILE A . n 
A 1 513 LYS 513 513 513 LYS LYS A . n 
A 1 514 VAL 514 514 514 VAL VAL A . n 
A 1 515 GLU 515 515 515 GLU GLU A . n 
A 1 516 PRO 516 516 516 PRO PRO A . n 
A 1 517 LEU 517 517 517 LEU LEU A . n 
A 1 518 PRO 518 518 518 PRO PRO A . n 
A 1 519 ARG 519 519 519 ARG ARG A . n 
A 1 520 GLY 520 520 520 GLY GLY A . n 
A 1 521 SER 521 521 521 SER SER A . n 
A 1 522 GLY 522 522 522 GLY GLY A . n 
A 1 523 PHE 523 523 523 PHE PHE A . n 
A 1 524 GLU 524 524 524 GLU GLU A . n 
A 1 525 PHE 525 525 525 PHE PHE A . n 
A 1 526 VAL 526 526 526 VAL VAL A . n 
A 1 527 ASN 527 527 527 ASN ASN A . n 
A 1 528 ALA 528 528 528 ALA ALA A . n 
A 1 529 ILE 529 529 529 ILE ILE A . n 
A 1 530 VAL 530 530 530 VAL VAL A . n 
A 1 531 GLY 531 531 531 GLY GLY A . n 
A 1 532 GLY 532 532 532 GLY GLY A . n 
A 1 533 VAL 533 533 533 VAL VAL A . n 
A 1 534 ILE 534 534 534 ILE ILE A . n 
A 1 535 PRO 535 535 535 PRO PRO A . n 
A 1 536 LYS 536 536 536 LYS LYS A . n 
A 1 537 GLU 537 537 537 GLU GLU A . n 
A 1 538 TYR 538 538 538 TYR TYR A . n 
A 1 539 ILE 539 539 539 ILE ILE A . n 
A 1 540 PRO 540 540 540 PRO PRO A . n 
A 1 541 ALA 541 541 541 ALA ALA A . n 
A 1 542 VAL 542 542 542 VAL VAL A . n 
A 1 543 GLN 543 543 543 GLN GLN A . n 
A 1 544 LYS 544 544 544 LYS LYS A . n 
A 1 545 GLY 545 545 545 GLY GLY A . n 
A 1 546 ILE 546 546 546 ILE ILE A . n 
A 1 547 GLU 547 547 547 GLU GLU A . n 
A 1 548 GLU 548 548 548 GLU GLU A . n 
A 1 549 ALA 549 549 549 ALA ALA A . n 
A 1 550 MET 550 550 550 MET MET A . n 
A 1 551 GLN 551 551 551 GLN GLN A . n 
A 1 552 SER 552 552 552 SER SER A . n 
A 1 553 GLY 553 553 553 GLY GLY A . n 
A 1 554 PRO 554 554 554 PRO PRO A . n 
A 1 555 LEU 555 555 555 LEU LEU A . n 
A 1 556 ILE 556 556 556 ILE ILE A . n 
A 1 557 GLY 557 557 557 GLY GLY A . n 
A 1 558 PHE 558 558 558 PHE PHE A . n 
A 1 559 PRO 559 559 559 PRO PRO A . n 
A 1 560 VAL 560 560 560 VAL VAL A . n 
A 1 561 VAL 561 561 561 VAL VAL A . n 
A 1 562 ASP 562 562 562 ASP ASP A . n 
A 1 563 ILE 563 563 563 ILE ILE A . n 
A 1 564 LYS 564 564 564 LYS LYS A . n 
A 1 565 VAL 565 565 565 VAL VAL A . n 
A 1 566 THR 566 566 566 THR THR A . n 
A 1 567 LEU 567 567 567 LEU LEU A . n 
A 1 568 TYR 568 568 568 TYR TYR A . n 
A 1 569 ASP 569 569 569 ASP ASP A . n 
A 1 570 GLY 570 570 570 GLY GLY A . n 
A 1 571 SER 571 571 571 SER SER A . n 
A 1 572 TYR 572 572 572 TYR TYR A . n 
A 1 573 HIS 573 573 573 HIS HIS A . n 
A 1 574 GLU 574 574 574 GLU GLU A . n 
A 1 575 VAL 575 575 575 VAL VAL A . n 
A 1 576 ASP 576 576 576 ASP ASP A . n 
A 1 577 SER 577 577 577 SER SER A . n 
A 1 578 SER 578 578 578 SER SER A . n 
A 1 579 GLU 579 579 579 GLU GLU A . n 
A 1 580 MET 580 580 580 MET MET A . n 
A 1 581 ALA 581 581 581 ALA ALA A . n 
A 1 582 PHE 582 582 582 PHE PHE A . n 
A 1 583 LYS 583 583 583 LYS LYS A . n 
A 1 584 ILE 584 584 584 ILE ILE A . n 
A 1 585 ALA 585 585 585 ALA ALA A . n 
A 1 586 GLY 586 586 586 GLY GLY A . n 
A 1 587 SER 587 587 587 SER SER A . n 
A 1 588 MET 588 588 588 MET MET A . n 
A 1 589 ALA 589 589 589 ALA ALA A . n 
A 1 590 ILE 590 590 590 ILE ILE A . n 
A 1 591 LYS 591 591 591 LYS LYS A . n 
A 1 592 GLU 592 592 592 GLU GLU A . n 
A 1 593 ALA 593 593 593 ALA ALA A . n 
A 1 594 VAL 594 594 594 VAL VAL A . n 
A 1 595 GLN 595 595 595 GLN GLN A . n 
A 1 596 LYS 596 596 596 LYS LYS A . n 
A 1 597 GLY 597 597 597 GLY GLY A . n 
A 1 598 ASP 598 598 598 ASP ASP A . n 
A 1 599 PRO 599 599 599 PRO PRO A . n 
A 1 600 VAL 600 600 600 VAL VAL A . n 
A 1 601 ILE 601 601 601 ILE ILE A . n 
A 1 602 LEU 602 602 602 LEU LEU A . n 
A 1 603 GLU 603 603 603 GLU GLU A . n 
A 1 604 PRO 604 604 604 PRO PRO A . n 
A 1 605 ILE 605 605 605 ILE ILE A . n 
A 1 606 MET 606 606 606 MET MET A . n 
A 1 607 ARG 607 607 607 ARG ARG A . n 
A 1 608 VAL 608 608 608 VAL VAL A . n 
A 1 609 GLU 609 609 609 GLU GLU A . n 
A 1 610 VAL 610 610 610 VAL VAL A . n 
A 1 611 THR 611 611 611 THR THR A . n 
A 1 612 THR 612 612 612 THR THR A . n 
A 1 613 PRO 613 613 613 PRO PRO A . n 
A 1 614 GLU 614 614 614 GLU GLU A . n 
A 1 615 GLU 615 615 615 GLU GLU A . n 
A 1 616 TYR 616 616 616 TYR TYR A . n 
A 1 617 MET 617 617 617 MET MET A . n 
A 1 618 GLY 618 618 618 GLY GLY A . n 
A 1 619 ASP 619 619 619 ASP ASP A . n 
A 1 620 VAL 620 620 620 VAL VAL A . n 
A 1 621 ILE 621 621 621 ILE ILE A . n 
A 1 622 GLY 622 622 622 GLY GLY A . n 
A 1 623 ASP 623 623 623 ASP ASP A . n 
A 1 624 LEU 624 624 624 LEU LEU A . n 
A 1 625 ASN 625 625 625 ASN ASN A . n 
A 1 626 ALA 626 626 626 ALA ALA A . n 
A 1 627 ARG 627 627 627 ARG ARG A . n 
A 1 628 ARG 628 628 628 ARG ARG A . n 
A 1 629 GLY 629 629 629 GLY GLY A . n 
A 1 630 GLN 630 630 630 GLN GLN A . n 
A 1 631 ILE 631 631 631 ILE ILE A . n 
A 1 632 LEU 632 632 632 LEU LEU A . n 
A 1 633 GLY 633 633 633 GLY GLY A . n 
A 1 634 MET 634 634 634 MET MET A . n 
A 1 635 GLU 635 635 635 GLU GLU A . n 
A 1 636 PRO 636 636 636 PRO PRO A . n 
A 1 637 ARG 637 637 637 ARG ARG A . n 
A 1 638 GLY 638 638 638 GLY GLY A . n 
A 1 639 ASN 639 639 639 ASN ASN A . n 
A 1 640 ALA 640 640 640 ALA ALA A . n 
A 1 641 GLN 641 641 641 GLN GLN A . n 
A 1 642 VAL 642 642 642 VAL VAL A . n 
A 1 643 ILE 643 643 643 ILE ILE A . n 
A 1 644 ARG 644 644 644 ARG ARG A . n 
A 1 645 ALA 645 645 645 ALA ALA A . n 
A 1 646 PHE 646 646 646 PHE PHE A . n 
A 1 647 VAL 647 647 647 VAL VAL A . n 
A 1 648 PRO 648 648 648 PRO PRO A . n 
A 1 649 LEU 649 649 649 LEU LEU A . n 
A 1 650 ALA 650 650 650 ALA ALA A . n 
A 1 651 GLU 651 651 651 GLU GLU A . n 
A 1 652 MET 652 652 652 MET MET A . n 
A 1 653 PHE 653 653 653 PHE PHE A . n 
A 1 654 GLY 654 654 654 GLY GLY A . n 
A 1 655 TYR 655 655 655 TYR TYR A . n 
A 1 656 ALA 656 656 656 ALA ALA A . n 
A 1 657 THR 657 657 657 THR THR A . n 
A 1 658 ASP 658 658 658 ASP ASP A . n 
A 1 659 LEU 659 659 659 LEU LEU A . n 
A 1 660 ARG 660 660 660 ARG ARG A . n 
A 1 661 SER 661 661 661 SER SER A . n 
A 1 662 LYS 662 662 662 LYS LYS A . n 
A 1 663 THR 663 663 663 THR THR A . n 
A 1 664 GLN 664 664 664 GLN GLN A . n 
A 1 665 GLY 665 665 665 GLY GLY A . n 
A 1 666 ARG 666 666 666 ARG ARG A . n 
A 1 667 GLY 667 667 667 GLY GLY A . n 
A 1 668 SER 668 668 668 SER SER A . n 
A 1 669 PHE 669 669 669 PHE PHE A . n 
A 1 670 VAL 670 670 670 VAL VAL A . n 
A 1 671 MET 671 671 671 MET MET A . n 
A 1 672 PHE 672 672 672 PHE PHE A . n 
A 1 673 PHE 673 673 673 PHE PHE A . n 
A 1 674 ASP 674 674 674 ASP ASP A . n 
A 1 675 HIS 675 675 675 HIS HIS A . n 
A 1 676 TYR 676 676 676 TYR TYR A . n 
A 1 677 GLN 677 677 677 GLN GLN A . n 
A 1 678 GLU 678 678 678 GLU GLU A . n 
A 1 679 VAL 679 679 679 VAL VAL A . n 
A 1 680 PRO 680 680 680 PRO PRO A . n 
A 1 681 LYS 681 681 681 LYS LYS A . n 
A 1 682 GLN 682 682 682 GLN GLN A . n 
A 1 683 VAL 683 683 683 VAL VAL A . n 
A 1 684 GLN 684 684 684 GLN GLN A . n 
A 1 685 GLU 685 685 685 GLU GLU A . n 
A 1 686 LYS 686 686 686 LYS LYS A . n 
A 1 687 LEU 687 687 687 LEU LEU A . n 
A 1 688 ILE 688 688 688 ILE ILE A . n 
A 1 689 LYS 689 689 689 LYS LYS A . n 
A 1 690 GLY 690 690 ?   ?   ?   A . n 
A 1 691 GLN 691 691 ?   ?   ?   A . n 
B 2 1   UNK 1   700 700 UNK UNK B . n 
B 2 2   UNK 2   701 701 UNK UNK B . n 
B 2 3   UNK 3   702 702 UNK UNK B . n 
B 2 4   UNK 4   703 703 UNK UNK B . n 
B 2 5   UNK 5   704 704 UNK UNK B . n 
B 2 6   UNK 6   705 705 UNK UNK B . n 
B 2 7   UNK 7   706 706 UNK UNK B . n 
B 2 8   UNK 8   707 707 UNK UNK B . n 
B 2 9   UNK 9   708 708 UNK UNK B . n 
B 2 10  UNK 10  709 709 UNK UNK B . n 
B 2 11  UNK 11  710 710 UNK UNK B . n 
B 2 12  UNK 12  711 711 UNK UNK B . n 
B 2 13  UNK 13  712 712 UNK UNK B . n 
B 2 14  UNK 14  713 713 UNK UNK B . n 
B 2 15  UNK 15  714 714 UNK UNK B . n 
B 2 16  UNK 16  715 715 UNK UNK B . n 
B 2 17  UNK 17  716 716 UNK UNK B . n 
B 2 18  UNK 18  717 717 UNK UNK B . n 
B 2 19  UNK 19  718 718 UNK UNK B . n 
B 2 20  UNK 20  719 719 UNK UNK B . n 
B 2 21  UNK 21  720 720 UNK UNK B . n 
B 2 22  UNK 22  721 721 UNK UNK B . n 
B 2 23  UNK 23  722 722 UNK UNK B . n 
B 2 24  UNK 24  723 723 UNK UNK B . n 
B 2 25  UNK 25  724 724 UNK UNK B . n 
B 2 26  UNK 26  725 725 UNK UNK B . n 
B 2 27  UNK 27  726 726 UNK UNK B . n 
B 2 28  UNK 28  727 727 UNK UNK B . n 
B 2 29  UNK 29  728 728 UNK UNK B . n 
B 2 30  UNK 30  729 729 UNK UNK B . n 
B 2 31  UNK 31  730 730 UNK UNK B . n 
B 2 32  UNK 32  731 731 UNK UNK B . n 
B 2 33  UNK 33  732 732 UNK UNK B . n 
B 2 34  UNK 34  733 733 UNK UNK B . n 
B 2 35  UNK 35  734 734 UNK UNK B . n 
B 2 36  UNK 36  735 735 UNK UNK B . n 
C 3 1   UNK 1   800 800 UNK UNK C . n 
C 3 2   UNK 2   801 801 UNK UNK C . n 
C 3 3   UNK 3   802 802 UNK UNK C . n 
C 3 4   UNK 4   803 803 UNK UNK C . n 
C 3 5   UNK 5   804 804 UNK UNK C . n 
C 3 6   UNK 6   805 805 UNK UNK C . n 
C 3 7   UNK 7   806 806 UNK UNK C . n 
C 3 8   UNK 8   807 807 UNK UNK C . n 
C 3 9   UNK 9   808 808 UNK UNK C . n 
C 3 10  UNK 10  809 809 UNK UNK C . n 
C 3 11  UNK 11  810 810 UNK UNK C . n 
C 3 12  UNK 12  811 811 UNK UNK C . n 
C 3 13  UNK 13  812 812 UNK UNK C . n 
C 3 14  UNK 14  813 813 UNK UNK C . n 
C 3 15  UNK 15  814 814 UNK UNK C . n 
C 3 16  UNK 16  815 815 UNK UNK C . n 
C 3 17  UNK 17  816 816 UNK UNK C . n 
C 3 18  UNK 18  817 817 UNK UNK C . n 
C 3 19  UNK 19  818 818 UNK UNK C . n 
C 3 20  UNK 20  819 819 UNK UNK C . n 
C 3 21  UNK 21  820 820 UNK UNK C . n 
C 3 22  UNK 22  821 821 UNK UNK C . n 
C 3 23  UNK 23  822 822 UNK UNK C . n 
C 3 24  UNK 24  823 823 UNK UNK C . n 
C 3 25  UNK 25  824 824 UNK UNK C . n 
C 3 26  UNK 26  825 825 UNK UNK C . n 
C 3 27  UNK 27  826 826 UNK UNK C . n 
C 3 28  UNK 28  827 827 UNK UNK C . n 
# 
_pdbx_nonpoly_scheme.asym_id         D 
_pdbx_nonpoly_scheme.entity_id       4 
_pdbx_nonpoly_scheme.mon_id          GDP 
_pdbx_nonpoly_scheme.ndb_seq_num     1 
_pdbx_nonpoly_scheme.pdb_seq_num     692 
_pdbx_nonpoly_scheme.auth_seq_num    1 
_pdbx_nonpoly_scheme.pdb_mon_id      GDP 
_pdbx_nonpoly_scheme.auth_mon_id     GDP 
_pdbx_nonpoly_scheme.pdb_strand_id   A 
_pdbx_nonpoly_scheme.pdb_ins_code    . 
# 
loop_
_software.name 
_software.classification 
_software.version 
_software.citation_id 
_software.pdbx_ordinal 
X-PLOR 'model building' . ? 1 
X-PLOR refinement       . ? 2 
X-PLOR phasing          . ? 3 
# 
_cell.entry_id           1EFG 
_cell.length_a           77.269 
_cell.length_b           115.447 
_cell.length_c           106.224 
_cell.angle_alpha        90.00 
_cell.angle_beta         90.00 
_cell.angle_gamma        90.00 
_cell.Z_PDB              4 
_cell.pdbx_unique_axis   ? 
_cell.length_a_esd       ? 
_cell.length_b_esd       ? 
_cell.length_c_esd       ? 
_cell.angle_alpha_esd    ? 
_cell.angle_beta_esd     ? 
_cell.angle_gamma_esd    ? 
# 
_symmetry.entry_id                         1EFG 
_symmetry.space_group_name_H-M             'P 21 21 21' 
_symmetry.pdbx_full_space_group_name_H-M   ? 
_symmetry.cell_setting                     ? 
_symmetry.Int_Tables_number                19 
_symmetry.space_group_name_Hall            ? 
# 
_exptl.entry_id          1EFG 
_exptl.method            'X-RAY DIFFRACTION' 
_exptl.crystals_number   ? 
# 
_exptl_crystal.id                    1 
_exptl_crystal.density_meas          ? 
_exptl_crystal.density_Matthews      2.87 
_exptl_crystal.density_percent_sol   57.17 
_exptl_crystal.description           ? 
_exptl_crystal.F_000                 ? 
_exptl_crystal.preparation           ? 
# 
_exptl_crystal_grow.crystal_id      1 
_exptl_crystal_grow.method          ? 
_exptl_crystal_grow.temp            277 
_exptl_crystal_grow.temp_details    ? 
_exptl_crystal_grow.pH              7.8 
_exptl_crystal_grow.pdbx_pH_range   ? 
_exptl_crystal_grow.pdbx_details    'pH 7.8, temperature 277K' 
# 
_diffrn.id                     1 
_diffrn.ambient_temp           ? 
_diffrn.ambient_temp_details   ? 
_diffrn.crystal_id             1 
# 
_diffrn_radiation.diffrn_id                        1 
_diffrn_radiation.wavelength_id                    1 
_diffrn_radiation.monochromator                    ? 
_diffrn_radiation.pdbx_monochromatic_or_laue_m_l   ? 
_diffrn_radiation.pdbx_diffrn_protocol             ? 
_diffrn_radiation.pdbx_scattering_type             x-ray 
# 
_diffrn_radiation_wavelength.id           1 
_diffrn_radiation_wavelength.wavelength   . 
_diffrn_radiation_wavelength.wt           1.0 
# 
_reflns.entry_id                     1EFG 
_reflns.observed_criterion_sigma_I   ? 
_reflns.observed_criterion_sigma_F   ? 
_reflns.d_resolution_low             ? 
_reflns.d_resolution_high            ? 
_reflns.number_obs                   26380 
_reflns.number_all                   ? 
_reflns.percent_possible_obs         97.6 
_reflns.pdbx_Rmerge_I_obs            ? 
_reflns.pdbx_Rsym_value              ? 
_reflns.pdbx_netI_over_sigmaI        ? 
_reflns.B_iso_Wilson_estimate        ? 
_reflns.pdbx_redundancy              ? 
_reflns.R_free_details               ? 
_reflns.limit_h_max                  ? 
_reflns.limit_h_min                  ? 
_reflns.limit_k_max                  ? 
_reflns.limit_k_min                  ? 
_reflns.limit_l_max                  ? 
_reflns.limit_l_min                  ? 
_reflns.observed_criterion_F_max     ? 
_reflns.observed_criterion_F_min     ? 
_reflns.pdbx_chi_squared             ? 
_reflns.pdbx_scaling_rejects         ? 
_reflns.pdbx_ordinal                 1 
_reflns.pdbx_diffrn_id               1 
# 
_refine.entry_id                                 1EFG 
_refine.ls_number_reflns_obs                     25632 
_refine.ls_number_reflns_all                     ? 
_refine.pdbx_ls_sigma_I                          ? 
_refine.pdbx_ls_sigma_F                          2.0 
_refine.pdbx_data_cutoff_high_absF               ? 
_refine.pdbx_data_cutoff_low_absF                ? 
_refine.pdbx_data_cutoff_high_rms_absF           ? 
_refine.ls_d_res_low                             10. 
_refine.ls_d_res_high                            2.7 
_refine.ls_percent_reflns_obs                    97.8 
_refine.ls_R_factor_obs                          0.2670000 
_refine.ls_R_factor_all                          ? 
_refine.ls_R_factor_R_work                       0.2670000 
_refine.ls_R_factor_R_free                       0.3960000 
_refine.ls_R_factor_R_free_error                 ? 
_refine.ls_R_factor_R_free_error_details         ? 
_refine.ls_percent_reflns_R_free                 ? 
_refine.ls_number_reflns_R_free                  ? 
_refine.ls_number_parameters                     ? 
_refine.ls_number_restraints                     ? 
_refine.occupancy_min                            ? 
_refine.occupancy_max                            ? 
_refine.B_iso_mean                               33.18 
_refine.aniso_B[1][1]                            ? 
_refine.aniso_B[2][2]                            ? 
_refine.aniso_B[3][3]                            ? 
_refine.aniso_B[1][2]                            ? 
_refine.aniso_B[1][3]                            ? 
_refine.aniso_B[2][3]                            ? 
_refine.solvent_model_details                    ? 
_refine.solvent_model_param_ksol                 ? 
_refine.solvent_model_param_bsol                 ? 
_refine.pdbx_ls_cross_valid_method               ? 
_refine.details                                  
;AN OVERALL TEMPERATURE FACTOR HAS BEEN DETERMINED FOR
EACH OF THE FIVE DOMAINS.
;
_refine.pdbx_starting_model                      ? 
_refine.pdbx_method_to_determine_struct          ? 
_refine.pdbx_isotropic_thermal_model             ? 
_refine.pdbx_stereochemistry_target_values       ? 
_refine.pdbx_stereochem_target_val_spec_case     ? 
_refine.pdbx_R_Free_selection_details            ? 
_refine.pdbx_overall_ESU_R                       ? 
_refine.pdbx_overall_ESU_R_Free                  ? 
_refine.overall_SU_ML                            ? 
_refine.overall_SU_B                             ? 
_refine.pdbx_refine_id                           'X-RAY DIFFRACTION' 
_refine.ls_redundancy_reflns_obs                 ? 
_refine.pdbx_overall_phase_error                 ? 
_refine.B_iso_min                                ? 
_refine.B_iso_max                                ? 
_refine.correlation_coeff_Fo_to_Fc               ? 
_refine.correlation_coeff_Fo_to_Fc_free          ? 
_refine.pdbx_solvent_vdw_probe_radii             ? 
_refine.pdbx_solvent_ion_probe_radii             ? 
_refine.pdbx_solvent_shrinkage_radii             ? 
_refine.overall_SU_R_Cruickshank_DPI             ? 
_refine.overall_SU_R_free                        ? 
_refine.ls_wR_factor_R_free                      ? 
_refine.ls_wR_factor_R_work                      ? 
_refine.overall_FOM_free_R_set                   ? 
_refine.overall_FOM_work_R_set                   ? 
_refine.pdbx_diffrn_id                           1 
_refine.pdbx_TLS_residual_ADP_flag               ? 
_refine.pdbx_overall_SU_R_free_Cruickshank_DPI   ? 
_refine.pdbx_overall_SU_R_Blow_DPI               ? 
_refine.pdbx_overall_SU_R_free_Blow_DPI          ? 
# 
_refine_analyze.entry_id                        1EFG 
_refine_analyze.Luzzati_coordinate_error_obs    0.45 
_refine_analyze.Luzzati_sigma_a_obs             ? 
_refine_analyze.Luzzati_d_res_low_obs           ? 
_refine_analyze.Luzzati_coordinate_error_free   ? 
_refine_analyze.Luzzati_sigma_a_free            ? 
_refine_analyze.Luzzati_d_res_low_free          ? 
_refine_analyze.number_disordered_residues      ? 
_refine_analyze.occupancy_sum_hydrogen          ? 
_refine_analyze.occupancy_sum_non_hydrogen      ? 
_refine_analyze.pdbx_refine_id                  'X-RAY DIFFRACTION' 
_refine_analyze.pdbx_Luzzati_d_res_high_obs     ? 
# 
_refine_hist.pdbx_refine_id                   'X-RAY DIFFRACTION' 
_refine_hist.cycle_id                         LAST 
_refine_hist.pdbx_number_atoms_protein        656 
_refine_hist.pdbx_number_atoms_nucleic_acid   0 
_refine_hist.pdbx_number_atoms_ligand         28 
_refine_hist.number_atoms_solvent             0 
_refine_hist.number_atoms_total               684 
_refine_hist.d_res_high                       2.7 
_refine_hist.d_res_low                        10. 
# 
_struct.entry_id                  1EFG 
_struct.title                     'THE CRYSTAL STRUCTURE OF ELONGATION FACTOR G COMPLEXED WITH GDP, AT 2.7 ANGSTROMS RESOLUTION' 
_struct.pdbx_model_details        ? 
_struct.pdbx_CASP_flag            ? 
_struct.pdbx_model_type_details   ? 
# 
_struct_keywords.entry_id        1EFG 
_struct_keywords.pdbx_keywords   'ELONGATION FACTOR' 
_struct_keywords.text            'ELONGATION FACTOR' 
# 
loop_
_struct_asym.id 
_struct_asym.pdbx_blank_PDB_chainid_flag 
_struct_asym.pdbx_modified 
_struct_asym.entity_id 
_struct_asym.details 
A N N 1 ? 
B N N 2 ? 
C N N 3 ? 
D N N 4 ? 
# 
loop_
_struct_ref.id 
_struct_ref.db_name 
_struct_ref.db_code 
_struct_ref.entity_id 
_struct_ref.pdbx_db_accession 
_struct_ref.pdbx_align_begin 
_struct_ref.pdbx_seq_one_letter_code 
_struct_ref.pdbx_db_isoform 
1 UNP EFG_THETH 1 P13551 1 
;MAVKVEYDLKRLRNIGIAAHIDAGKTTTTERILYYTGRIHKIGEVHEGAATMDFMEQERERGITITAAVTTCFWKDHRIN
IIDTPGHVDFTIEVERSMRVLDGAIVVFDSSQGVEPQSETVWRQAEKYKVPRIAFANKMDKTGADLWLVIRTMQERLGAR
PVVMQLPIGREDTFSGIIDVLRMKAYTYGNDLGTDIREIPIPEEYLDQAREYHEKLVEVAADFDENIMLKYLEGEEPTEE
ELVAAIRKGTIDLKITPVFLGSALKNKGVQLLLDAVVDYLPSPLDIPPIKGTTPEGEVVEIHPDPNGPLAALAFKIMADP
YVGRLTFIRVYSGTLTSGSYVYNTTKGRKERVARLLRMHANHREEVEELKAGDLGAVVGLKETITGDTLVGEDAPRVILE
SIEVPEPVIDVAIEPKTKADQEKLSQALARLAEEDPTFRVSTHPETGQTIISGMGELHLEIIVDRLKREFKVDANVGKPQ
VAYRETITKPVDVEGKFIRQTGGRGQYGHVKIKVEPLPRGSGFEFVNAIVGGVIPKEYIPAVQKGIEEAMQSGPLIGFPV
VDIKVTLYDGSYHEVDSSEMAFKIAGSMAIKEAVQKGDPVILEPIMRVEVTTPEEYMGDVIGDLNARRGQILGMEPRGNA
QVIRAFVPLAEMFGYATDLRSKTQGRGSFVMFFDHYQEVPKQVQEKLIKGQ
;
? 
2 PDB 1EFG      2 1EFG   ? ? ? 
3 PDB 1EFG      3 1EFG   ? ? ? 
# 
loop_
_struct_ref_seq.align_id 
_struct_ref_seq.ref_id 
_struct_ref_seq.pdbx_PDB_id_code 
_struct_ref_seq.pdbx_strand_id 
_struct_ref_seq.seq_align_beg 
_struct_ref_seq.pdbx_seq_align_beg_ins_code 
_struct_ref_seq.seq_align_end 
_struct_ref_seq.pdbx_seq_align_end_ins_code 
_struct_ref_seq.pdbx_db_accession 
_struct_ref_seq.db_align_beg 
_struct_ref_seq.pdbx_db_align_beg_ins_code 
_struct_ref_seq.db_align_end 
_struct_ref_seq.pdbx_db_align_end_ins_code 
_struct_ref_seq.pdbx_auth_seq_align_beg 
_struct_ref_seq.pdbx_auth_seq_align_end 
1 1 1EFG A 1 ? 691 ? P13551 1   ? 691 ? 1   691 
2 2 1EFG B 1 ? 36  ? 1EFG   700 ? 735 ? 700 735 
3 3 1EFG C 1 ? 28  ? 1EFG   800 ? 827 ? 800 827 
# 
_struct_ref_seq_dif.align_id                     1 
_struct_ref_seq_dif.pdbx_pdb_id_code             1EFG 
_struct_ref_seq_dif.mon_id                       ASN 
_struct_ref_seq_dif.pdbx_pdb_strand_id           A 
_struct_ref_seq_dif.seq_num                      208 
_struct_ref_seq_dif.pdbx_pdb_ins_code            ? 
_struct_ref_seq_dif.pdbx_seq_db_name             UNP 
_struct_ref_seq_dif.pdbx_seq_db_accession_code   P13551 
_struct_ref_seq_dif.db_mon_id                    GLN 
_struct_ref_seq_dif.pdbx_seq_db_seq_num          208 
_struct_ref_seq_dif.details                      conflict 
_struct_ref_seq_dif.pdbx_auth_seq_num            208 
_struct_ref_seq_dif.pdbx_ordinal                 1 
# 
_pdbx_struct_assembly.id                   1 
_pdbx_struct_assembly.details              author_defined_assembly 
_pdbx_struct_assembly.method_details       ? 
_pdbx_struct_assembly.oligomeric_details   trimeric 
_pdbx_struct_assembly.oligomeric_count     3 
# 
_pdbx_struct_assembly_gen.assembly_id       1 
_pdbx_struct_assembly_gen.oper_expression   1 
_pdbx_struct_assembly_gen.asym_id_list      A,B,C,D 
# 
_pdbx_struct_oper_list.id                   1 
_pdbx_struct_oper_list.type                 'identity operation' 
_pdbx_struct_oper_list.name                 1_555 
_pdbx_struct_oper_list.symmetry_operation   x,y,z 
_pdbx_struct_oper_list.matrix[1][1]         1.0000000000 
_pdbx_struct_oper_list.matrix[1][2]         0.0000000000 
_pdbx_struct_oper_list.matrix[1][3]         0.0000000000 
_pdbx_struct_oper_list.vector[1]            0.0000000000 
_pdbx_struct_oper_list.matrix[2][1]         0.0000000000 
_pdbx_struct_oper_list.matrix[2][2]         1.0000000000 
_pdbx_struct_oper_list.matrix[2][3]         0.0000000000 
_pdbx_struct_oper_list.vector[2]            0.0000000000 
_pdbx_struct_oper_list.matrix[3][1]         0.0000000000 
_pdbx_struct_oper_list.matrix[3][2]         0.0000000000 
_pdbx_struct_oper_list.matrix[3][3]         1.0000000000 
_pdbx_struct_oper_list.vector[3]            0.0000000000 
# 
_struct_biol.id        1 
_struct_biol.details   ? 
# 
_struct_site.id                   AC1 
_struct_site.pdbx_evidence_code   Software 
_struct_site.pdbx_auth_asym_id    A 
_struct_site.pdbx_auth_comp_id    GDP 
_struct_site.pdbx_auth_seq_id     692 
_struct_site.pdbx_auth_ins_code   ? 
_struct_site.pdbx_num_residues    5 
_struct_site.details              'BINDING SITE FOR RESIDUE GDP A 692' 
# 
loop_
_struct_site_gen.id 
_struct_site_gen.site_id 
_struct_site_gen.pdbx_num_res 
_struct_site_gen.label_comp_id 
_struct_site_gen.label_asym_id 
_struct_site_gen.label_seq_id 
_struct_site_gen.pdbx_auth_ins_code 
_struct_site_gen.auth_comp_id 
_struct_site_gen.auth_asym_id 
_struct_site_gen.auth_seq_id 
_struct_site_gen.label_atom_id 
_struct_site_gen.label_alt_id 
_struct_site_gen.symmetry 
_struct_site_gen.details 
1 AC1 5 ASP A 22  ? ASP A 22  . ? 1_555 ? 
2 AC1 5 GLY A 24  ? GLY A 24  . ? 1_555 ? 
3 AC1 5 LYS A 25  ? LYS A 25  . ? 1_555 ? 
4 AC1 5 LYS A 138 ? LYS A 138 . ? 1_555 ? 
5 AC1 5 SER A 262 ? SER A 262 . ? 1_555 ? 
# 
loop_
_pdbx_unobs_or_zero_occ_residues.id 
_pdbx_unobs_or_zero_occ_residues.PDB_model_num 
_pdbx_unobs_or_zero_occ_residues.polymer_flag 
_pdbx_unobs_or_zero_occ_residues.occupancy_flag 
_pdbx_unobs_or_zero_occ_residues.auth_asym_id 
_pdbx_unobs_or_zero_occ_residues.auth_comp_id 
_pdbx_unobs_or_zero_occ_residues.auth_seq_id 
_pdbx_unobs_or_zero_occ_residues.PDB_ins_code 
_pdbx_unobs_or_zero_occ_residues.label_asym_id 
_pdbx_unobs_or_zero_occ_residues.label_comp_id 
_pdbx_unobs_or_zero_occ_residues.label_seq_id 
1  1 Y 1 A ILE 42  ? A ILE 42  
2  1 Y 1 A GLY 43  ? A GLY 43  
3  1 Y 1 A GLU 44  ? A GLU 44  
4  1 Y 1 A VAL 45  ? A VAL 45  
5  1 Y 1 A HIS 46  ? A HIS 46  
6  1 Y 1 A GLU 47  ? A GLU 47  
7  1 Y 1 A GLY 48  ? A GLY 48  
8  1 Y 1 A ALA 49  ? A ALA 49  
9  1 Y 1 A ALA 50  ? A ALA 50  
10 1 Y 1 A THR 51  ? A THR 51  
11 1 Y 1 A MET 52  ? A MET 52  
12 1 Y 1 A ASP 53  ? A ASP 53  
13 1 Y 1 A PHE 54  ? A PHE 54  
14 1 Y 1 A MET 55  ? A MET 55  
15 1 Y 1 A GLU 56  ? A GLU 56  
16 1 Y 1 A GLN 57  ? A GLN 57  
17 1 Y 1 A GLU 58  ? A GLU 58  
18 1 Y 1 A ARG 59  ? A ARG 59  
19 1 Y 1 A GLU 60  ? A GLU 60  
20 1 Y 1 A ARG 61  ? A ARG 61  
21 1 Y 1 A GLY 62  ? A GLY 62  
22 1 Y 1 A ILE 63  ? A ILE 63  
23 1 Y 1 A THR 64  ? A THR 64  
24 1 Y 1 A ILE 65  ? A ILE 65  
25 1 Y 1 A VAL 404 ? A VAL 404 
26 1 Y 1 A PRO 405 ? A PRO 405 
27 1 Y 1 A GLU 406 ? A GLU 406 
28 1 Y 1 A PRO 407 ? A PRO 407 
29 1 Y 1 A VAL 408 ? A VAL 408 
30 1 Y 1 A ILE 409 ? A ILE 409 
31 1 Y 1 A ASP 410 ? A ASP 410 
32 1 Y 1 A VAL 411 ? A VAL 411 
33 1 Y 1 A ALA 412 ? A ALA 412 
34 1 Y 1 A ILE 413 ? A ILE 413 
35 1 Y 1 A GLU 414 ? A GLU 414 
36 1 Y 1 A PRO 415 ? A PRO 415 
37 1 Y 1 A LYS 416 ? A LYS 416 
38 1 Y 1 A THR 417 ? A THR 417 
39 1 Y 1 A LYS 418 ? A LYS 418 
40 1 Y 1 A ALA 419 ? A ALA 419 
41 1 Y 1 A ASP 420 ? A ASP 420 
42 1 Y 1 A GLN 421 ? A GLN 421 
43 1 Y 1 A GLU 422 ? A GLU 422 
44 1 Y 1 A LYS 423 ? A LYS 423 
45 1 Y 1 A LEU 424 ? A LEU 424 
46 1 Y 1 A SER 425 ? A SER 425 
47 1 Y 1 A GLN 426 ? A GLN 426 
48 1 Y 1 A ALA 427 ? A ALA 427 
49 1 Y 1 A LEU 428 ? A LEU 428 
50 1 Y 1 A ALA 429 ? A ALA 429 
51 1 Y 1 A ARG 430 ? A ARG 430 
52 1 Y 1 A LEU 431 ? A LEU 431 
53 1 Y 1 A ALA 432 ? A ALA 432 
54 1 Y 1 A GLU 433 ? A GLU 433 
55 1 Y 1 A GLU 434 ? A GLU 434 
56 1 Y 1 A ASP 435 ? A ASP 435 
57 1 Y 1 A PRO 436 ? A PRO 436 
58 1 Y 1 A THR 437 ? A THR 437 
59 1 Y 1 A PHE 438 ? A PHE 438 
60 1 Y 1 A ARG 439 ? A ARG 439 
61 1 Y 1 A VAL 440 ? A VAL 440 
62 1 Y 1 A SER 441 ? A SER 441 
63 1 Y 1 A THR 442 ? A THR 442 
64 1 Y 1 A HIS 443 ? A HIS 443 
65 1 Y 1 A PRO 444 ? A PRO 444 
66 1 Y 1 A GLU 445 ? A GLU 445 
67 1 Y 1 A THR 446 ? A THR 446 
68 1 Y 1 A GLY 447 ? A GLY 447 
69 1 Y 1 A GLN 448 ? A GLN 448 
70 1 Y 1 A THR 449 ? A THR 449 
71 1 Y 1 A ILE 450 ? A ILE 450 
72 1 Y 1 A ILE 451 ? A ILE 451 
73 1 Y 1 A SER 452 ? A SER 452 
74 1 Y 1 A GLY 453 ? A GLY 453 
75 1 Y 1 A MET 454 ? A MET 454 
76 1 Y 1 A GLY 455 ? A GLY 455 
77 1 Y 1 A GLU 456 ? A GLU 456 
78 1 Y 1 A LEU 457 ? A LEU 457 
79 1 Y 1 A HIS 458 ? A HIS 458 
80 1 Y 1 A LEU 459 ? A LEU 459 
81 1 Y 1 A GLU 460 ? A GLU 460 
82 1 Y 1 A ILE 461 ? A ILE 461 
83 1 Y 1 A ILE 462 ? A ILE 462 
84 1 Y 1 A VAL 463 ? A VAL 463 
85 1 Y 1 A ASP 464 ? A ASP 464 
86 1 Y 1 A ARG 465 ? A ARG 465 
87 1 Y 1 A LEU 466 ? A LEU 466 
88 1 Y 1 A LYS 467 ? A LYS 467 
89 1 Y 1 A ARG 468 ? A ARG 468 
90 1 Y 1 A GLU 469 ? A GLU 469 
91 1 Y 1 A PHE 470 ? A PHE 470 
92 1 Y 1 A LYS 471 ? A LYS 471 
93 1 Y 1 A VAL 472 ? A VAL 472 
94 1 Y 1 A ASP 473 ? A ASP 473 
95 1 Y 1 A ALA 474 ? A ALA 474 
96 1 Y 1 A ASN 475 ? A ASN 475 
97 1 Y 1 A VAL 476 ? A VAL 476 
98 1 Y 1 A GLY 690 ? A GLY 690 
99 1 Y 1 A GLN 691 ? A GLN 691 
# 
loop_
_chem_comp_atom.comp_id 
_chem_comp_atom.atom_id 
_chem_comp_atom.type_symbol 
_chem_comp_atom.pdbx_aromatic_flag 
_chem_comp_atom.pdbx_stereo_config 
_chem_comp_atom.pdbx_ordinal 
ALA N      N N N 1   
ALA CA     C N S 2   
ALA C      C N N 3   
ALA O      O N N 4   
ALA CB     C N N 5   
ALA OXT    O N N 6   
ALA H      H N N 7   
ALA H2     H N N 8   
ALA HA     H N N 9   
ALA HB1    H N N 10  
ALA HB2    H N N 11  
ALA HB3    H N N 12  
ALA HXT    H N N 13  
ARG N      N N N 14  
ARG CA     C N S 15  
ARG C      C N N 16  
ARG O      O N N 17  
ARG CB     C N N 18  
ARG CG     C N N 19  
ARG CD     C N N 20  
ARG NE     N N N 21  
ARG CZ     C N N 22  
ARG NH1    N N N 23  
ARG NH2    N N N 24  
ARG OXT    O N N 25  
ARG H      H N N 26  
ARG H2     H N N 27  
ARG HA     H N N 28  
ARG HB2    H N N 29  
ARG HB3    H N N 30  
ARG HG2    H N N 31  
ARG HG3    H N N 32  
ARG HD2    H N N 33  
ARG HD3    H N N 34  
ARG HE     H N N 35  
ARG HH11   H N N 36  
ARG HH12   H N N 37  
ARG HH21   H N N 38  
ARG HH22   H N N 39  
ARG HXT    H N N 40  
ASN N      N N N 41  
ASN CA     C N S 42  
ASN C      C N N 43  
ASN O      O N N 44  
ASN CB     C N N 45  
ASN CG     C N N 46  
ASN OD1    O N N 47  
ASN ND2    N N N 48  
ASN OXT    O N N 49  
ASN H      H N N 50  
ASN H2     H N N 51  
ASN HA     H N N 52  
ASN HB2    H N N 53  
ASN HB3    H N N 54  
ASN HD21   H N N 55  
ASN HD22   H N N 56  
ASN HXT    H N N 57  
ASP N      N N N 58  
ASP CA     C N S 59  
ASP C      C N N 60  
ASP O      O N N 61  
ASP CB     C N N 62  
ASP CG     C N N 63  
ASP OD1    O N N 64  
ASP OD2    O N N 65  
ASP OXT    O N N 66  
ASP H      H N N 67  
ASP H2     H N N 68  
ASP HA     H N N 69  
ASP HB2    H N N 70  
ASP HB3    H N N 71  
ASP HD2    H N N 72  
ASP HXT    H N N 73  
CYS N      N N N 74  
CYS CA     C N R 75  
CYS C      C N N 76  
CYS O      O N N 77  
CYS CB     C N N 78  
CYS SG     S N N 79  
CYS OXT    O N N 80  
CYS H      H N N 81  
CYS H2     H N N 82  
CYS HA     H N N 83  
CYS HB2    H N N 84  
CYS HB3    H N N 85  
CYS HG     H N N 86  
CYS HXT    H N N 87  
GDP PB     P N N 88  
GDP O1B    O N N 89  
GDP O2B    O N N 90  
GDP O3B    O N N 91  
GDP O3A    O N N 92  
GDP PA     P N N 93  
GDP O1A    O N N 94  
GDP O2A    O N N 95  
GDP "O5'"  O N N 96  
GDP "C5'"  C N N 97  
GDP "C4'"  C N R 98  
GDP "O4'"  O N N 99  
GDP "C3'"  C N S 100 
GDP "O3'"  O N N 101 
GDP "C2'"  C N R 102 
GDP "O2'"  O N N 103 
GDP "C1'"  C N R 104 
GDP N9     N Y N 105 
GDP C8     C Y N 106 
GDP N7     N Y N 107 
GDP C5     C Y N 108 
GDP C6     C N N 109 
GDP O6     O N N 110 
GDP N1     N N N 111 
GDP C2     C N N 112 
GDP N2     N N N 113 
GDP N3     N N N 114 
GDP C4     C Y N 115 
GDP HOB2   H N N 116 
GDP HOB3   H N N 117 
GDP HOA2   H N N 118 
GDP "H5'"  H N N 119 
GDP "H5''" H N N 120 
GDP "H4'"  H N N 121 
GDP "H3'"  H N N 122 
GDP "HO3'" H N N 123 
GDP "H2'"  H N N 124 
GDP "HO2'" H N N 125 
GDP "H1'"  H N N 126 
GDP H8     H N N 127 
GDP HN1    H N N 128 
GDP HN21   H N N 129 
GDP HN22   H N N 130 
GLN N      N N N 131 
GLN CA     C N S 132 
GLN C      C N N 133 
GLN O      O N N 134 
GLN CB     C N N 135 
GLN CG     C N N 136 
GLN CD     C N N 137 
GLN OE1    O N N 138 
GLN NE2    N N N 139 
GLN OXT    O N N 140 
GLN H      H N N 141 
GLN H2     H N N 142 
GLN HA     H N N 143 
GLN HB2    H N N 144 
GLN HB3    H N N 145 
GLN HG2    H N N 146 
GLN HG3    H N N 147 
GLN HE21   H N N 148 
GLN HE22   H N N 149 
GLN HXT    H N N 150 
GLU N      N N N 151 
GLU CA     C N S 152 
GLU C      C N N 153 
GLU O      O N N 154 
GLU CB     C N N 155 
GLU CG     C N N 156 
GLU CD     C N N 157 
GLU OE1    O N N 158 
GLU OE2    O N N 159 
GLU OXT    O N N 160 
GLU H      H N N 161 
GLU H2     H N N 162 
GLU HA     H N N 163 
GLU HB2    H N N 164 
GLU HB3    H N N 165 
GLU HG2    H N N 166 
GLU HG3    H N N 167 
GLU HE2    H N N 168 
GLU HXT    H N N 169 
GLY N      N N N 170 
GLY CA     C N N 171 
GLY C      C N N 172 
GLY O      O N N 173 
GLY OXT    O N N 174 
GLY H      H N N 175 
GLY H2     H N N 176 
GLY HA2    H N N 177 
GLY HA3    H N N 178 
GLY HXT    H N N 179 
HIS N      N N N 180 
HIS CA     C N S 181 
HIS C      C N N 182 
HIS O      O N N 183 
HIS CB     C N N 184 
HIS CG     C Y N 185 
HIS ND1    N Y N 186 
HIS CD2    C Y N 187 
HIS CE1    C Y N 188 
HIS NE2    N Y N 189 
HIS OXT    O N N 190 
HIS H      H N N 191 
HIS H2     H N N 192 
HIS HA     H N N 193 
HIS HB2    H N N 194 
HIS HB3    H N N 195 
HIS HD1    H N N 196 
HIS HD2    H N N 197 
HIS HE1    H N N 198 
HIS HE2    H N N 199 
HIS HXT    H N N 200 
ILE N      N N N 201 
ILE CA     C N S 202 
ILE C      C N N 203 
ILE O      O N N 204 
ILE CB     C N S 205 
ILE CG1    C N N 206 
ILE CG2    C N N 207 
ILE CD1    C N N 208 
ILE OXT    O N N 209 
ILE H      H N N 210 
ILE H2     H N N 211 
ILE HA     H N N 212 
ILE HB     H N N 213 
ILE HG12   H N N 214 
ILE HG13   H N N 215 
ILE HG21   H N N 216 
ILE HG22   H N N 217 
ILE HG23   H N N 218 
ILE HD11   H N N 219 
ILE HD12   H N N 220 
ILE HD13   H N N 221 
ILE HXT    H N N 222 
LEU N      N N N 223 
LEU CA     C N S 224 
LEU C      C N N 225 
LEU O      O N N 226 
LEU CB     C N N 227 
LEU CG     C N N 228 
LEU CD1    C N N 229 
LEU CD2    C N N 230 
LEU OXT    O N N 231 
LEU H      H N N 232 
LEU H2     H N N 233 
LEU HA     H N N 234 
LEU HB2    H N N 235 
LEU HB3    H N N 236 
LEU HG     H N N 237 
LEU HD11   H N N 238 
LEU HD12   H N N 239 
LEU HD13   H N N 240 
LEU HD21   H N N 241 
LEU HD22   H N N 242 
LEU HD23   H N N 243 
LEU HXT    H N N 244 
LYS N      N N N 245 
LYS CA     C N S 246 
LYS C      C N N 247 
LYS O      O N N 248 
LYS CB     C N N 249 
LYS CG     C N N 250 
LYS CD     C N N 251 
LYS CE     C N N 252 
LYS NZ     N N N 253 
LYS OXT    O N N 254 
LYS H      H N N 255 
LYS H2     H N N 256 
LYS HA     H N N 257 
LYS HB2    H N N 258 
LYS HB3    H N N 259 
LYS HG2    H N N 260 
LYS HG3    H N N 261 
LYS HD2    H N N 262 
LYS HD3    H N N 263 
LYS HE2    H N N 264 
LYS HE3    H N N 265 
LYS HZ1    H N N 266 
LYS HZ2    H N N 267 
LYS HZ3    H N N 268 
LYS HXT    H N N 269 
MET N      N N N 270 
MET CA     C N S 271 
MET C      C N N 272 
MET O      O N N 273 
MET CB     C N N 274 
MET CG     C N N 275 
MET SD     S N N 276 
MET CE     C N N 277 
MET OXT    O N N 278 
MET H      H N N 279 
MET H2     H N N 280 
MET HA     H N N 281 
MET HB2    H N N 282 
MET HB3    H N N 283 
MET HG2    H N N 284 
MET HG3    H N N 285 
MET HE1    H N N 286 
MET HE2    H N N 287 
MET HE3    H N N 288 
MET HXT    H N N 289 
PHE N      N N N 290 
PHE CA     C N S 291 
PHE C      C N N 292 
PHE O      O N N 293 
PHE CB     C N N 294 
PHE CG     C Y N 295 
PHE CD1    C Y N 296 
PHE CD2    C Y N 297 
PHE CE1    C Y N 298 
PHE CE2    C Y N 299 
PHE CZ     C Y N 300 
PHE OXT    O N N 301 
PHE H      H N N 302 
PHE H2     H N N 303 
PHE HA     H N N 304 
PHE HB2    H N N 305 
PHE HB3    H N N 306 
PHE HD1    H N N 307 
PHE HD2    H N N 308 
PHE HE1    H N N 309 
PHE HE2    H N N 310 
PHE HZ     H N N 311 
PHE HXT    H N N 312 
PRO N      N N N 313 
PRO CA     C N S 314 
PRO C      C N N 315 
PRO O      O N N 316 
PRO CB     C N N 317 
PRO CG     C N N 318 
PRO CD     C N N 319 
PRO OXT    O N N 320 
PRO H      H N N 321 
PRO HA     H N N 322 
PRO HB2    H N N 323 
PRO HB3    H N N 324 
PRO HG2    H N N 325 
PRO HG3    H N N 326 
PRO HD2    H N N 327 
PRO HD3    H N N 328 
PRO HXT    H N N 329 
SER N      N N N 330 
SER CA     C N S 331 
SER C      C N N 332 
SER O      O N N 333 
SER CB     C N N 334 
SER OG     O N N 335 
SER OXT    O N N 336 
SER H      H N N 337 
SER H2     H N N 338 
SER HA     H N N 339 
SER HB2    H N N 340 
SER HB3    H N N 341 
SER HG     H N N 342 
SER HXT    H N N 343 
THR N      N N N 344 
THR CA     C N S 345 
THR C      C N N 346 
THR O      O N N 347 
THR CB     C N R 348 
THR OG1    O N N 349 
THR CG2    C N N 350 
THR OXT    O N N 351 
THR H      H N N 352 
THR H2     H N N 353 
THR HA     H N N 354 
THR HB     H N N 355 
THR HG1    H N N 356 
THR HG21   H N N 357 
THR HG22   H N N 358 
THR HG23   H N N 359 
THR HXT    H N N 360 
TRP N      N N N 361 
TRP CA     C N S 362 
TRP C      C N N 363 
TRP O      O N N 364 
TRP CB     C N N 365 
TRP CG     C Y N 366 
TRP CD1    C Y N 367 
TRP CD2    C Y N 368 
TRP NE1    N Y N 369 
TRP CE2    C Y N 370 
TRP CE3    C Y N 371 
TRP CZ2    C Y N 372 
TRP CZ3    C Y N 373 
TRP CH2    C Y N 374 
TRP OXT    O N N 375 
TRP H      H N N 376 
TRP H2     H N N 377 
TRP HA     H N N 378 
TRP HB2    H N N 379 
TRP HB3    H N N 380 
TRP HD1    H N N 381 
TRP HE1    H N N 382 
TRP HE3    H N N 383 
TRP HZ2    H N N 384 
TRP HZ3    H N N 385 
TRP HH2    H N N 386 
TRP HXT    H N N 387 
TYR N      N N N 388 
TYR CA     C N S 389 
TYR C      C N N 390 
TYR O      O N N 391 
TYR CB     C N N 392 
TYR CG     C Y N 393 
TYR CD1    C Y N 394 
TYR CD2    C Y N 395 
TYR CE1    C Y N 396 
TYR CE2    C Y N 397 
TYR CZ     C Y N 398 
TYR OH     O N N 399 
TYR OXT    O N N 400 
TYR H      H N N 401 
TYR H2     H N N 402 
TYR HA     H N N 403 
TYR HB2    H N N 404 
TYR HB3    H N N 405 
TYR HD1    H N N 406 
TYR HD2    H N N 407 
TYR HE1    H N N 408 
TYR HE2    H N N 409 
TYR HH     H N N 410 
TYR HXT    H N N 411 
VAL N      N N N 412 
VAL CA     C N S 413 
VAL C      C N N 414 
VAL O      O N N 415 
VAL CB     C N N 416 
VAL CG1    C N N 417 
VAL CG2    C N N 418 
VAL OXT    O N N 419 
VAL H      H N N 420 
VAL H2     H N N 421 
VAL HA     H N N 422 
VAL HB     H N N 423 
VAL HG11   H N N 424 
VAL HG12   H N N 425 
VAL HG13   H N N 426 
VAL HG21   H N N 427 
VAL HG22   H N N 428 
VAL HG23   H N N 429 
VAL HXT    H N N 430 
# 
loop_
_chem_comp_bond.comp_id 
_chem_comp_bond.atom_id_1 
_chem_comp_bond.atom_id_2 
_chem_comp_bond.value_order 
_chem_comp_bond.pdbx_aromatic_flag 
_chem_comp_bond.pdbx_stereo_config 
_chem_comp_bond.pdbx_ordinal 
ALA N     CA     sing N N 1   
ALA N     H      sing N N 2   
ALA N     H2     sing N N 3   
ALA CA    C      sing N N 4   
ALA CA    CB     sing N N 5   
ALA CA    HA     sing N N 6   
ALA C     O      doub N N 7   
ALA C     OXT    sing N N 8   
ALA CB    HB1    sing N N 9   
ALA CB    HB2    sing N N 10  
ALA CB    HB3    sing N N 11  
ALA OXT   HXT    sing N N 12  
ARG N     CA     sing N N 13  
ARG N     H      sing N N 14  
ARG N     H2     sing N N 15  
ARG CA    C      sing N N 16  
ARG CA    CB     sing N N 17  
ARG CA    HA     sing N N 18  
ARG C     O      doub N N 19  
ARG C     OXT    sing N N 20  
ARG CB    CG     sing N N 21  
ARG CB    HB2    sing N N 22  
ARG CB    HB3    sing N N 23  
ARG CG    CD     sing N N 24  
ARG CG    HG2    sing N N 25  
ARG CG    HG3    sing N N 26  
ARG CD    NE     sing N N 27  
ARG CD    HD2    sing N N 28  
ARG CD    HD3    sing N N 29  
ARG NE    CZ     sing N N 30  
ARG NE    HE     sing N N 31  
ARG CZ    NH1    sing N N 32  
ARG CZ    NH2    doub N N 33  
ARG NH1   HH11   sing N N 34  
ARG NH1   HH12   sing N N 35  
ARG NH2   HH21   sing N N 36  
ARG NH2   HH22   sing N N 37  
ARG OXT   HXT    sing N N 38  
ASN N     CA     sing N N 39  
ASN N     H      sing N N 40  
ASN N     H2     sing N N 41  
ASN CA    C      sing N N 42  
ASN CA    CB     sing N N 43  
ASN CA    HA     sing N N 44  
ASN C     O      doub N N 45  
ASN C     OXT    sing N N 46  
ASN CB    CG     sing N N 47  
ASN CB    HB2    sing N N 48  
ASN CB    HB3    sing N N 49  
ASN CG    OD1    doub N N 50  
ASN CG    ND2    sing N N 51  
ASN ND2   HD21   sing N N 52  
ASN ND2   HD22   sing N N 53  
ASN OXT   HXT    sing N N 54  
ASP N     CA     sing N N 55  
ASP N     H      sing N N 56  
ASP N     H2     sing N N 57  
ASP CA    C      sing N N 58  
ASP CA    CB     sing N N 59  
ASP CA    HA     sing N N 60  
ASP C     O      doub N N 61  
ASP C     OXT    sing N N 62  
ASP CB    CG     sing N N 63  
ASP CB    HB2    sing N N 64  
ASP CB    HB3    sing N N 65  
ASP CG    OD1    doub N N 66  
ASP CG    OD2    sing N N 67  
ASP OD2   HD2    sing N N 68  
ASP OXT   HXT    sing N N 69  
CYS N     CA     sing N N 70  
CYS N     H      sing N N 71  
CYS N     H2     sing N N 72  
CYS CA    C      sing N N 73  
CYS CA    CB     sing N N 74  
CYS CA    HA     sing N N 75  
CYS C     O      doub N N 76  
CYS C     OXT    sing N N 77  
CYS CB    SG     sing N N 78  
CYS CB    HB2    sing N N 79  
CYS CB    HB3    sing N N 80  
CYS SG    HG     sing N N 81  
CYS OXT   HXT    sing N N 82  
GDP PB    O1B    doub N N 83  
GDP PB    O2B    sing N N 84  
GDP PB    O3B    sing N N 85  
GDP PB    O3A    sing N N 86  
GDP O2B   HOB2   sing N N 87  
GDP O3B   HOB3   sing N N 88  
GDP O3A   PA     sing N N 89  
GDP PA    O1A    doub N N 90  
GDP PA    O2A    sing N N 91  
GDP PA    "O5'"  sing N N 92  
GDP O2A   HOA2   sing N N 93  
GDP "O5'" "C5'"  sing N N 94  
GDP "C5'" "C4'"  sing N N 95  
GDP "C5'" "H5'"  sing N N 96  
GDP "C5'" "H5''" sing N N 97  
GDP "C4'" "O4'"  sing N N 98  
GDP "C4'" "C3'"  sing N N 99  
GDP "C4'" "H4'"  sing N N 100 
GDP "O4'" "C1'"  sing N N 101 
GDP "C3'" "O3'"  sing N N 102 
GDP "C3'" "C2'"  sing N N 103 
GDP "C3'" "H3'"  sing N N 104 
GDP "O3'" "HO3'" sing N N 105 
GDP "C2'" "O2'"  sing N N 106 
GDP "C2'" "C1'"  sing N N 107 
GDP "C2'" "H2'"  sing N N 108 
GDP "O2'" "HO2'" sing N N 109 
GDP "C1'" N9     sing N N 110 
GDP "C1'" "H1'"  sing N N 111 
GDP N9    C8     sing Y N 112 
GDP N9    C4     sing Y N 113 
GDP C8    N7     doub Y N 114 
GDP C8    H8     sing N N 115 
GDP N7    C5     sing Y N 116 
GDP C5    C6     sing N N 117 
GDP C5    C4     doub Y N 118 
GDP C6    O6     doub N N 119 
GDP C6    N1     sing N N 120 
GDP N1    C2     sing N N 121 
GDP N1    HN1    sing N N 122 
GDP C2    N2     sing N N 123 
GDP C2    N3     doub N N 124 
GDP N2    HN21   sing N N 125 
GDP N2    HN22   sing N N 126 
GDP N3    C4     sing N N 127 
GLN N     CA     sing N N 128 
GLN N     H      sing N N 129 
GLN N     H2     sing N N 130 
GLN CA    C      sing N N 131 
GLN CA    CB     sing N N 132 
GLN CA    HA     sing N N 133 
GLN C     O      doub N N 134 
GLN C     OXT    sing N N 135 
GLN CB    CG     sing N N 136 
GLN CB    HB2    sing N N 137 
GLN CB    HB3    sing N N 138 
GLN CG    CD     sing N N 139 
GLN CG    HG2    sing N N 140 
GLN CG    HG3    sing N N 141 
GLN CD    OE1    doub N N 142 
GLN CD    NE2    sing N N 143 
GLN NE2   HE21   sing N N 144 
GLN NE2   HE22   sing N N 145 
GLN OXT   HXT    sing N N 146 
GLU N     CA     sing N N 147 
GLU N     H      sing N N 148 
GLU N     H2     sing N N 149 
GLU CA    C      sing N N 150 
GLU CA    CB     sing N N 151 
GLU CA    HA     sing N N 152 
GLU C     O      doub N N 153 
GLU C     OXT    sing N N 154 
GLU CB    CG     sing N N 155 
GLU CB    HB2    sing N N 156 
GLU CB    HB3    sing N N 157 
GLU CG    CD     sing N N 158 
GLU CG    HG2    sing N N 159 
GLU CG    HG3    sing N N 160 
GLU CD    OE1    doub N N 161 
GLU CD    OE2    sing N N 162 
GLU OE2   HE2    sing N N 163 
GLU OXT   HXT    sing N N 164 
GLY N     CA     sing N N 165 
GLY N     H      sing N N 166 
GLY N     H2     sing N N 167 
GLY CA    C      sing N N 168 
GLY CA    HA2    sing N N 169 
GLY CA    HA3    sing N N 170 
GLY C     O      doub N N 171 
GLY C     OXT    sing N N 172 
GLY OXT   HXT    sing N N 173 
HIS N     CA     sing N N 174 
HIS N     H      sing N N 175 
HIS N     H2     sing N N 176 
HIS CA    C      sing N N 177 
HIS CA    CB     sing N N 178 
HIS CA    HA     sing N N 179 
HIS C     O      doub N N 180 
HIS C     OXT    sing N N 181 
HIS CB    CG     sing N N 182 
HIS CB    HB2    sing N N 183 
HIS CB    HB3    sing N N 184 
HIS CG    ND1    sing Y N 185 
HIS CG    CD2    doub Y N 186 
HIS ND1   CE1    doub Y N 187 
HIS ND1   HD1    sing N N 188 
HIS CD2   NE2    sing Y N 189 
HIS CD2   HD2    sing N N 190 
HIS CE1   NE2    sing Y N 191 
HIS CE1   HE1    sing N N 192 
HIS NE2   HE2    sing N N 193 
HIS OXT   HXT    sing N N 194 
ILE N     CA     sing N N 195 
ILE N     H      sing N N 196 
ILE N     H2     sing N N 197 
ILE CA    C      sing N N 198 
ILE CA    CB     sing N N 199 
ILE CA    HA     sing N N 200 
ILE C     O      doub N N 201 
ILE C     OXT    sing N N 202 
ILE CB    CG1    sing N N 203 
ILE CB    CG2    sing N N 204 
ILE CB    HB     sing N N 205 
ILE CG1   CD1    sing N N 206 
ILE CG1   HG12   sing N N 207 
ILE CG1   HG13   sing N N 208 
ILE CG2   HG21   sing N N 209 
ILE CG2   HG22   sing N N 210 
ILE CG2   HG23   sing N N 211 
ILE CD1   HD11   sing N N 212 
ILE CD1   HD12   sing N N 213 
ILE CD1   HD13   sing N N 214 
ILE OXT   HXT    sing N N 215 
LEU N     CA     sing N N 216 
LEU N     H      sing N N 217 
LEU N     H2     sing N N 218 
LEU CA    C      sing N N 219 
LEU CA    CB     sing N N 220 
LEU CA    HA     sing N N 221 
LEU C     O      doub N N 222 
LEU C     OXT    sing N N 223 
LEU CB    CG     sing N N 224 
LEU CB    HB2    sing N N 225 
LEU CB    HB3    sing N N 226 
LEU CG    CD1    sing N N 227 
LEU CG    CD2    sing N N 228 
LEU CG    HG     sing N N 229 
LEU CD1   HD11   sing N N 230 
LEU CD1   HD12   sing N N 231 
LEU CD1   HD13   sing N N 232 
LEU CD2   HD21   sing N N 233 
LEU CD2   HD22   sing N N 234 
LEU CD2   HD23   sing N N 235 
LEU OXT   HXT    sing N N 236 
LYS N     CA     sing N N 237 
LYS N     H      sing N N 238 
LYS N     H2     sing N N 239 
LYS CA    C      sing N N 240 
LYS CA    CB     sing N N 241 
LYS CA    HA     sing N N 242 
LYS C     O      doub N N 243 
LYS C     OXT    sing N N 244 
LYS CB    CG     sing N N 245 
LYS CB    HB2    sing N N 246 
LYS CB    HB3    sing N N 247 
LYS CG    CD     sing N N 248 
LYS CG    HG2    sing N N 249 
LYS CG    HG3    sing N N 250 
LYS CD    CE     sing N N 251 
LYS CD    HD2    sing N N 252 
LYS CD    HD3    sing N N 253 
LYS CE    NZ     sing N N 254 
LYS CE    HE2    sing N N 255 
LYS CE    HE3    sing N N 256 
LYS NZ    HZ1    sing N N 257 
LYS NZ    HZ2    sing N N 258 
LYS NZ    HZ3    sing N N 259 
LYS OXT   HXT    sing N N 260 
MET N     CA     sing N N 261 
MET N     H      sing N N 262 
MET N     H2     sing N N 263 
MET CA    C      sing N N 264 
MET CA    CB     sing N N 265 
MET CA    HA     sing N N 266 
MET C     O      doub N N 267 
MET C     OXT    sing N N 268 
MET CB    CG     sing N N 269 
MET CB    HB2    sing N N 270 
MET CB    HB3    sing N N 271 
MET CG    SD     sing N N 272 
MET CG    HG2    sing N N 273 
MET CG    HG3    sing N N 274 
MET SD    CE     sing N N 275 
MET CE    HE1    sing N N 276 
MET CE    HE2    sing N N 277 
MET CE    HE3    sing N N 278 
MET OXT   HXT    sing N N 279 
PHE N     CA     sing N N 280 
PHE N     H      sing N N 281 
PHE N     H2     sing N N 282 
PHE CA    C      sing N N 283 
PHE CA    CB     sing N N 284 
PHE CA    HA     sing N N 285 
PHE C     O      doub N N 286 
PHE C     OXT    sing N N 287 
PHE CB    CG     sing N N 288 
PHE CB    HB2    sing N N 289 
PHE CB    HB3    sing N N 290 
PHE CG    CD1    doub Y N 291 
PHE CG    CD2    sing Y N 292 
PHE CD1   CE1    sing Y N 293 
PHE CD1   HD1    sing N N 294 
PHE CD2   CE2    doub Y N 295 
PHE CD2   HD2    sing N N 296 
PHE CE1   CZ     doub Y N 297 
PHE CE1   HE1    sing N N 298 
PHE CE2   CZ     sing Y N 299 
PHE CE2   HE2    sing N N 300 
PHE CZ    HZ     sing N N 301 
PHE OXT   HXT    sing N N 302 
PRO N     CA     sing N N 303 
PRO N     CD     sing N N 304 
PRO N     H      sing N N 305 
PRO CA    C      sing N N 306 
PRO CA    CB     sing N N 307 
PRO CA    HA     sing N N 308 
PRO C     O      doub N N 309 
PRO C     OXT    sing N N 310 
PRO CB    CG     sing N N 311 
PRO CB    HB2    sing N N 312 
PRO CB    HB3    sing N N 313 
PRO CG    CD     sing N N 314 
PRO CG    HG2    sing N N 315 
PRO CG    HG3    sing N N 316 
PRO CD    HD2    sing N N 317 
PRO CD    HD3    sing N N 318 
PRO OXT   HXT    sing N N 319 
SER N     CA     sing N N 320 
SER N     H      sing N N 321 
SER N     H2     sing N N 322 
SER CA    C      sing N N 323 
SER CA    CB     sing N N 324 
SER CA    HA     sing N N 325 
SER C     O      doub N N 326 
SER C     OXT    sing N N 327 
SER CB    OG     sing N N 328 
SER CB    HB2    sing N N 329 
SER CB    HB3    sing N N 330 
SER OG    HG     sing N N 331 
SER OXT   HXT    sing N N 332 
THR N     CA     sing N N 333 
THR N     H      sing N N 334 
THR N     H2     sing N N 335 
THR CA    C      sing N N 336 
THR CA    CB     sing N N 337 
THR CA    HA     sing N N 338 
THR C     O      doub N N 339 
THR C     OXT    sing N N 340 
THR CB    OG1    sing N N 341 
THR CB    CG2    sing N N 342 
THR CB    HB     sing N N 343 
THR OG1   HG1    sing N N 344 
THR CG2   HG21   sing N N 345 
THR CG2   HG22   sing N N 346 
THR CG2   HG23   sing N N 347 
THR OXT   HXT    sing N N 348 
TRP N     CA     sing N N 349 
TRP N     H      sing N N 350 
TRP N     H2     sing N N 351 
TRP CA    C      sing N N 352 
TRP CA    CB     sing N N 353 
TRP CA    HA     sing N N 354 
TRP C     O      doub N N 355 
TRP C     OXT    sing N N 356 
TRP CB    CG     sing N N 357 
TRP CB    HB2    sing N N 358 
TRP CB    HB3    sing N N 359 
TRP CG    CD1    doub Y N 360 
TRP CG    CD2    sing Y N 361 
TRP CD1   NE1    sing Y N 362 
TRP CD1   HD1    sing N N 363 
TRP CD2   CE2    doub Y N 364 
TRP CD2   CE3    sing Y N 365 
TRP NE1   CE2    sing Y N 366 
TRP NE1   HE1    sing N N 367 
TRP CE2   CZ2    sing Y N 368 
TRP CE3   CZ3    doub Y N 369 
TRP CE3   HE3    sing N N 370 
TRP CZ2   CH2    doub Y N 371 
TRP CZ2   HZ2    sing N N 372 
TRP CZ3   CH2    sing Y N 373 
TRP CZ3   HZ3    sing N N 374 
TRP CH2   HH2    sing N N 375 
TRP OXT   HXT    sing N N 376 
TYR N     CA     sing N N 377 
TYR N     H      sing N N 378 
TYR N     H2     sing N N 379 
TYR CA    C      sing N N 380 
TYR CA    CB     sing N N 381 
TYR CA    HA     sing N N 382 
TYR C     O      doub N N 383 
TYR C     OXT    sing N N 384 
TYR CB    CG     sing N N 385 
TYR CB    HB2    sing N N 386 
TYR CB    HB3    sing N N 387 
TYR CG    CD1    doub Y N 388 
TYR CG    CD2    sing Y N 389 
TYR CD1   CE1    sing Y N 390 
TYR CD1   HD1    sing N N 391 
TYR CD2   CE2    doub Y N 392 
TYR CD2   HD2    sing N N 393 
TYR CE1   CZ     doub Y N 394 
TYR CE1   HE1    sing N N 395 
TYR CE2   CZ     sing Y N 396 
TYR CE2   HE2    sing N N 397 
TYR CZ    OH     sing N N 398 
TYR OH    HH     sing N N 399 
TYR OXT   HXT    sing N N 400 
VAL N     CA     sing N N 401 
VAL N     H      sing N N 402 
VAL N     H2     sing N N 403 
VAL CA    C      sing N N 404 
VAL CA    CB     sing N N 405 
VAL CA    HA     sing N N 406 
VAL C     O      doub N N 407 
VAL C     OXT    sing N N 408 
VAL CB    CG1    sing N N 409 
VAL CB    CG2    sing N N 410 
VAL CB    HB     sing N N 411 
VAL CG1   HG11   sing N N 412 
VAL CG1   HG12   sing N N 413 
VAL CG1   HG13   sing N N 414 
VAL CG2   HG21   sing N N 415 
VAL CG2   HG22   sing N N 416 
VAL CG2   HG23   sing N N 417 
VAL OXT   HXT    sing N N 418 
# 
loop_
_pdbx_coordinate_model.asym_id 
_pdbx_coordinate_model.type 
A 'CA ATOMS ONLY' 
B 'CA ATOMS ONLY' 
C 'CA ATOMS ONLY' 
# 
_atom_sites.entry_id                    1EFG 
_atom_sites.fract_transf_matrix[1][1]   0.00552885 
_atom_sites.fract_transf_matrix[1][2]   -0.01154493 
_atom_sites.fract_transf_matrix[1][3]   0.00190838 
_atom_sites.fract_transf_matrix[2][1]   0.00096268 
_atom_sites.fract_transf_matrix[2][2]   0.00185071 
_atom_sites.fract_transf_matrix[2][3]   0.00840704 
_atom_sites.fract_transf_matrix[3][1]   -0.00844718 
_atom_sites.fract_transf_matrix[3][2]   -0.00374903 
_atom_sites.fract_transf_matrix[3][3]   0.00179258 
_atom_sites.fract_transf_vector[1]      0.716230 
_atom_sites.fract_transf_vector[2]      0.465148 
_atom_sites.fract_transf_vector[3]      0.287608 
# 
loop_
_atom_type.symbol 
C 
N 
O 
P 
# 
loop_
_atom_site.group_PDB 
_atom_site.id 
_atom_site.type_symbol 
_atom_site.label_atom_id 
_atom_site.label_alt_id 
_atom_site.label_comp_id 
_atom_site.label_asym_id 
_atom_site.label_entity_id 
_atom_site.label_seq_id 
_atom_site.pdbx_PDB_ins_code 
_atom_site.Cartn_x 
_atom_site.Cartn_y 
_atom_site.Cartn_z 
_atom_site.occupancy 
_atom_site.B_iso_or_equiv 
_atom_site.pdbx_formal_charge 
_atom_site.auth_seq_id 
_atom_site.auth_comp_id 
_atom_site.auth_asym_id 
_atom_site.auth_atom_id 
_atom_site.pdbx_PDB_model_num 
ATOM   1   C CA    . MET A 1 1   ? 15.792  -32.650 19.320  1.00 29.29 ? 1   MET A CA    1 
ATOM   2   C CA    . ALA A 1 2   ? 19.500  -32.560 18.203  1.00 29.29 ? 2   ALA A CA    1 
ATOM   3   C CA    . VAL A 1 3   ? 19.793  -29.501 15.961  1.00 29.29 ? 3   VAL A CA    1 
ATOM   4   C CA    . LYS A 1 4   ? 16.599  -27.522 15.062  1.00 29.29 ? 4   LYS A CA    1 
ATOM   5   C CA    . VAL A 1 5   ? 14.650  -28.539 18.125  1.00 29.29 ? 5   VAL A CA    1 
ATOM   6   C CA    . GLU A 1 6   ? 10.973  -27.491 18.028  1.00 29.29 ? 6   GLU A CA    1 
ATOM   7   C CA    . TYR A 1 7   ? 11.566  -24.369 15.841  1.00 29.29 ? 7   TYR A CA    1 
ATOM   8   C CA    . ASP A 1 8   ? 13.053  -25.156 12.429  1.00 29.29 ? 8   ASP A CA    1 
ATOM   9   C CA    . LEU A 1 9   ? 13.476  -22.705 9.615   1.00 29.29 ? 9   LEU A CA    1 
ATOM   10  C CA    . LYS A 1 10  ? 12.753  -25.470 7.032   1.00 29.29 ? 10  LYS A CA    1 
ATOM   11  C CA    . ARG A 1 11  ? 9.281   -26.125 8.457   1.00 29.29 ? 11  ARG A CA    1 
ATOM   12  C CA    . LEU A 1 12  ? 8.008   -22.597 8.386   1.00 29.29 ? 12  LEU A CA    1 
ATOM   13  C CA    . ARG A 1 13  ? 5.486   -21.152 5.929   1.00 29.29 ? 13  ARG A CA    1 
ATOM   14  C CA    . ASN A 1 14  ? 4.584   -17.441 5.909   1.00 29.29 ? 14  ASN A CA    1 
ATOM   15  C CA    . ILE A 1 15  ? 1.648   -17.623 3.475   1.00 29.29 ? 15  ILE A CA    1 
ATOM   16  C CA    . GLY A 1 16  ? -0.571  -14.894 1.991   1.00 29.29 ? 16  GLY A CA    1 
ATOM   17  C CA    . ILE A 1 17  ? -4.043  -15.311 0.458   1.00 29.29 ? 17  ILE A CA    1 
ATOM   18  C CA    . ALA A 1 18  ? -4.400  -12.820 -2.347  1.00 29.29 ? 18  ALA A CA    1 
ATOM   19  C CA    . ALA A 1 19  ? -7.616  -12.989 -4.330  1.00 29.29 ? 19  ALA A CA    1 
ATOM   20  C CA    . HIS A 1 20  ? -10.144 -10.755 -6.168  1.00 29.29 ? 20  HIS A CA    1 
ATOM   21  C CA    . ILE A 1 21  ? -12.990 -9.382  -4.041  1.00 29.29 ? 21  ILE A CA    1 
ATOM   22  C CA    . ASP A 1 22  ? -15.803 -11.925 -3.296  1.00 29.29 ? 22  ASP A CA    1 
ATOM   23  C CA    . ALA A 1 23  ? -13.688 -14.748 -4.781  1.00 29.29 ? 23  ALA A CA    1 
ATOM   24  C CA    . GLY A 1 24  ? -13.298 -16.498 -1.463  1.00 29.29 ? 24  GLY A CA    1 
ATOM   25  C CA    . LYS A 1 25  ? -10.304 -14.952 0.320   1.00 29.29 ? 25  LYS A CA    1 
ATOM   26  C CA    . THR A 1 26  ? -11.985 -15.000 3.760   1.00 29.29 ? 26  THR A CA    1 
ATOM   27  C CA    . THR A 1 27  ? -13.860 -18.325 3.622   1.00 29.29 ? 27  THR A CA    1 
ATOM   28  C CA    . THR A 1 28  ? -10.749 -20.104 2.476   1.00 29.29 ? 28  THR A CA    1 
ATOM   29  C CA    . THR A 1 29  ? -8.578  -18.770 5.285   1.00 29.29 ? 29  THR A CA    1 
ATOM   30  C CA    . GLU A 1 30  ? -11.243 -19.202 7.863   1.00 29.29 ? 30  GLU A CA    1 
ATOM   31  C CA    . ARG A 1 31  ? -11.786 -22.772 6.606   1.00 29.29 ? 31  ARG A CA    1 
ATOM   32  C CA    . ILE A 1 32  ? -8.085  -23.249 6.704   1.00 29.29 ? 32  ILE A CA    1 
ATOM   33  C CA    . LEU A 1 33  ? -7.953  -22.293 10.381  1.00 29.29 ? 33  LEU A CA    1 
ATOM   34  C CA    . TYR A 1 34  ? -10.726 -24.740 11.367  1.00 29.29 ? 34  TYR A CA    1 
ATOM   35  C CA    . TYR A 1 35  ? -8.951  -27.707 9.764   1.00 29.29 ? 35  TYR A CA    1 
ATOM   36  C CA    . THR A 1 36  ? -5.460  -26.901 11.209  1.00 29.29 ? 36  THR A CA    1 
ATOM   37  C CA    . GLY A 1 37  ? -6.661  -26.222 14.668  1.00 29.29 ? 37  GLY A CA    1 
ATOM   38  C CA    . ARG A 1 38  ? -9.610  -27.593 16.573  1.00 29.29 ? 38  ARG A CA    1 
ATOM   39  C CA    . ILE A 1 39  ? -9.186  -31.103 15.300  1.00 29.29 ? 39  ILE A CA    1 
ATOM   40  C CA    . HIS A 1 40  ? -7.148  -32.167 18.305  1.00 29.29 ? 40  HIS A CA    1 
ATOM   41  C CA    . LYS A 1 41  ? -5.873  -28.571 18.399  1.00 29.29 ? 41  LYS A CA    1 
ATOM   42  C CA    . THR A 1 66  ? -8.094  -9.152  12.465  1.00 29.29 ? 66  THR A CA    1 
ATOM   43  C CA    . ALA A 1 67  ? -4.980  -11.173 13.371  1.00 29.29 ? 67  ALA A CA    1 
ATOM   44  C CA    . ALA A 1 68  ? -2.509  -9.429  11.012  1.00 29.29 ? 68  ALA A CA    1 
ATOM   45  C CA    . VAL A 1 69  ? -0.353  -12.555 10.969  1.00 29.29 ? 69  VAL A CA    1 
ATOM   46  C CA    . THR A 1 70  ? -2.312  -15.528 12.301  1.00 29.29 ? 70  THR A CA    1 
ATOM   47  C CA    . THR A 1 71  ? -0.430  -18.814 12.899  1.00 29.29 ? 71  THR A CA    1 
ATOM   48  C CA    . CYS A 1 72  ? -1.532  -22.438 12.847  1.00 29.29 ? 72  CYS A CA    1 
ATOM   49  C CA    . PHE A 1 73  ? -0.115  -25.886 12.316  1.00 29.29 ? 73  PHE A CA    1 
ATOM   50  C CA    . TRP A 1 74  ? -0.127  -28.395 9.457   1.00 29.29 ? 74  TRP A CA    1 
ATOM   51  C CA    . LYS A 1 75  ? 1.813   -31.689 9.545   1.00 29.29 ? 75  LYS A CA    1 
ATOM   52  C CA    . ASP A 1 76  ? 4.672   -30.389 11.725  1.00 29.29 ? 76  ASP A CA    1 
ATOM   53  C CA    . HIS A 1 77  ? 5.048   -26.984 9.989   1.00 29.29 ? 77  HIS A CA    1 
ATOM   54  C CA    . ARG A 1 78  ? 4.056   -23.490 11.115  1.00 29.29 ? 78  ARG A CA    1 
ATOM   55  C CA    . ILE A 1 79  ? 1.757   -21.870 8.627   1.00 29.29 ? 79  ILE A CA    1 
ATOM   56  C CA    . ASN A 1 80  ? 2.025   -18.146 9.400   1.00 29.29 ? 80  ASN A CA    1 
ATOM   57  C CA    . ILE A 1 81  ? -1.099  -16.630 7.776   1.00 29.29 ? 81  ILE A CA    1 
ATOM   58  C CA    . ILE A 1 82  ? -0.017  -13.032 7.194   1.00 29.29 ? 82  ILE A CA    1 
ATOM   59  C CA    . ASP A 1 83  ? -3.198  -11.110 6.554   1.00 29.29 ? 83  ASP A CA    1 
ATOM   60  C CA    . THR A 1 84  ? -3.121  -9.153  3.267   1.00 29.29 ? 84  THR A CA    1 
ATOM   61  C CA    . PRO A 1 85  ? -4.984  -5.910  2.232   1.00 29.29 ? 85  PRO A CA    1 
ATOM   62  C CA    . GLY A 1 86  ? -8.204  -5.485  0.188   1.00 29.29 ? 86  GLY A CA    1 
ATOM   63  C CA    . HIS A 1 87  ? -9.694  -2.069  -0.592  1.00 29.29 ? 87  HIS A CA    1 
ATOM   64  C CA    . VAL A 1 88  ? -7.877  -0.344  2.366   1.00 29.29 ? 88  VAL A CA    1 
ATOM   65  C CA    . ASP A 1 89  ? -5.312  1.951   0.714   1.00 29.29 ? 89  ASP A CA    1 
ATOM   66  C CA    . PHE A 1 90  ? -4.637  -0.563  -2.052  1.00 29.29 ? 90  PHE A CA    1 
ATOM   67  C CA    . THR A 1 91  ? -0.886  -0.155  -2.746  1.00 29.29 ? 91  THR A CA    1 
ATOM   68  C CA    . ILE A 1 92  ? 1.827   0.678   -0.108  1.00 29.29 ? 92  ILE A CA    1 
ATOM   69  C CA    . GLU A 1 93  ? -0.115  -1.658  2.165   1.00 29.29 ? 93  GLU A CA    1 
ATOM   70  C CA    . VAL A 1 94  ? 0.018   -4.415  -0.513  1.00 29.29 ? 94  VAL A CA    1 
ATOM   71  C CA    . GLU A 1 95  ? 3.677   -3.901  -1.591  1.00 29.29 ? 95  GLU A CA    1 
ATOM   72  C CA    . ARG A 1 96  ? 4.810   -4.059  1.985   1.00 29.29 ? 96  ARG A CA    1 
ATOM   73  C CA    . SER A 1 97  ? 2.382   -6.915  2.538   1.00 29.29 ? 97  SER A CA    1 
ATOM   74  C CA    . MET A 1 98  ? 4.130   -8.869  -0.239  1.00 29.29 ? 98  MET A CA    1 
ATOM   75  C CA    . ARG A 1 99  ? 7.502   -7.788  1.116   1.00 29.29 ? 99  ARG A CA    1 
ATOM   76  C CA    . VAL A 1 100 ? 6.832   -9.774  4.340   1.00 29.29 ? 100 VAL A CA    1 
ATOM   77  C CA    . LEU A 1 101 ? 4.919   -12.860 3.088   1.00 29.29 ? 101 LEU A CA    1 
ATOM   78  C CA    . ASP A 1 102 ? 6.718   -15.887 1.650   1.00 29.29 ? 102 ASP A CA    1 
ATOM   79  C CA    . GLY A 1 103 ? 4.432   -17.625 -0.814  1.00 29.29 ? 103 GLY A CA    1 
ATOM   80  C CA    . ALA A 1 104 ? 0.960   -16.884 -2.116  1.00 29.29 ? 104 ALA A CA    1 
ATOM   81  C CA    . ILE A 1 105 ? -2.318  -18.699 -2.660  1.00 29.29 ? 105 ILE A CA    1 
ATOM   82  C CA    . VAL A 1 106 ? -4.106  -16.718 -5.364  1.00 29.29 ? 106 VAL A CA    1 
ATOM   83  C CA    . VAL A 1 107 ? -7.721  -17.734 -4.990  1.00 29.29 ? 107 VAL A CA    1 
ATOM   84  C CA    . PHE A 1 108 ? -9.642  -17.653 -8.260  1.00 29.29 ? 108 PHE A CA    1 
ATOM   85  C CA    . ASP A 1 109 ? -13.419 -17.929 -8.595  1.00 29.29 ? 109 ASP A CA    1 
ATOM   86  C CA    . SER A 1 110 ? -13.757 -21.091 -10.744 1.00 29.29 ? 110 SER A CA    1 
ATOM   87  C CA    . SER A 1 111 ? -16.944 -19.820 -12.496 1.00 29.29 ? 111 SER A CA    1 
ATOM   88  C CA    . GLN A 1 112 ? -15.107 -16.687 -13.685 1.00 29.29 ? 112 GLN A CA    1 
ATOM   89  C CA    . GLY A 1 113 ? -11.445 -17.589 -13.789 1.00 29.29 ? 113 GLY A CA    1 
ATOM   90  C CA    . VAL A 1 114 ? -8.928  -14.806 -13.990 1.00 29.29 ? 114 VAL A CA    1 
ATOM   91  C CA    . GLU A 1 115 ? -10.931 -11.833 -12.766 1.00 29.29 ? 115 GLU A CA    1 
ATOM   92  C CA    . PRO A 1 116 ? -9.382  -8.413  -13.410 1.00 29.29 ? 116 PRO A CA    1 
ATOM   93  C CA    . GLN A 1 117 ? -7.600  -7.546  -10.139 1.00 29.29 ? 117 GLN A CA    1 
ATOM   94  C CA    . SER A 1 118 ? -6.120  -10.985 -10.022 1.00 29.29 ? 118 SER A CA    1 
ATOM   95  C CA    . GLU A 1 119 ? -4.207  -9.271  -12.781 1.00 29.29 ? 119 GLU A CA    1 
ATOM   96  C CA    . THR A 1 120 ? -3.146  -6.516  -10.376 1.00 29.29 ? 120 THR A CA    1 
ATOM   97  C CA    . VAL A 1 121 ? -2.222  -8.717  -7.466  1.00 29.29 ? 121 VAL A CA    1 
ATOM   98  C CA    . TRP A 1 122 ? -0.615  -11.178 -9.912  1.00 29.29 ? 122 TRP A CA    1 
ATOM   99  C CA    . ARG A 1 123 ? 1.636   -8.375  -11.123 1.00 29.29 ? 123 ARG A CA    1 
ATOM   100 C CA    . GLN A 1 124 ? 2.419   -7.291  -7.596  1.00 29.29 ? 124 GLN A CA    1 
ATOM   101 C CA    . ALA A 1 125 ? 3.332   -10.853 -6.568  1.00 29.29 ? 125 ALA A CA    1 
ATOM   102 C CA    . GLU A 1 126 ? 5.274   -11.271 -9.769  1.00 29.29 ? 126 GLU A CA    1 
ATOM   103 C CA    . LYS A 1 127 ? 7.110   -8.001  -9.037  1.00 29.29 ? 127 LYS A CA    1 
ATOM   104 C CA    . TYR A 1 128 ? 8.353   -8.879  -5.516  1.00 29.29 ? 128 TYR A CA    1 
ATOM   105 C CA    . LYS A 1 129 ? 9.168   -12.417 -6.766  1.00 29.29 ? 129 LYS A CA    1 
ATOM   106 C CA    . VAL A 1 130 ? 6.502   -14.328 -4.753  1.00 29.29 ? 130 VAL A CA    1 
ATOM   107 C CA    . PRO A 1 131 ? 5.892   -18.031 -5.542  1.00 29.29 ? 131 PRO A CA    1 
ATOM   108 C CA    . ARG A 1 132 ? 2.116   -18.458 -5.988  1.00 29.29 ? 132 ARG A CA    1 
ATOM   109 C CA    . ILE A 1 133 ? -0.169  -21.454 -5.907  1.00 29.29 ? 133 ILE A CA    1 
ATOM   110 C CA    . ALA A 1 134 ? -3.701  -20.625 -7.109  1.00 29.29 ? 134 ALA A CA    1 
ATOM   111 C CA    . PHE A 1 135 ? -7.003  -22.129 -5.775  1.00 29.29 ? 135 PHE A CA    1 
ATOM   112 C CA    . ALA A 1 136 ? -9.850  -22.840 -8.120  1.00 29.29 ? 136 ALA A CA    1 
ATOM   113 C CA    . ASN A 1 137 ? -12.493 -21.957 -5.570  1.00 29.29 ? 137 ASN A CA    1 
ATOM   114 C CA    . LYS A 1 138 ? -16.313 -22.284 -5.856  1.00 29.29 ? 138 LYS A CA    1 
ATOM   115 C CA    . MET A 1 139 ? -16.259 -25.538 -7.892  1.00 29.29 ? 139 MET A CA    1 
ATOM   116 C CA    . ASP A 1 140 ? -19.828 -26.255 -6.733  1.00 29.29 ? 140 ASP A CA    1 
ATOM   117 C CA    . LYS A 1 141 ? -21.141 -22.841 -7.761  1.00 29.29 ? 141 LYS A CA    1 
ATOM   118 C CA    . THR A 1 142 ? -22.740 -22.999 -11.193 1.00 29.29 ? 142 THR A CA    1 
ATOM   119 C CA    . GLY A 1 143 ? -20.682 -21.960 -14.243 1.00 29.29 ? 143 GLY A CA    1 
ATOM   120 C CA    . ALA A 1 144 ? -17.695 -23.120 -12.251 1.00 29.29 ? 144 ALA A CA    1 
ATOM   121 C CA    . ASP A 1 145 ? -15.201 -24.580 -14.707 1.00 29.29 ? 145 ASP A CA    1 
ATOM   122 C CA    . LEU A 1 146 ? -11.628 -25.575 -13.968 1.00 29.29 ? 146 LEU A CA    1 
ATOM   123 C CA    . TRP A 1 147 ? -10.351 -25.182 -17.527 1.00 29.29 ? 147 TRP A CA    1 
ATOM   124 C CA    . LEU A 1 148 ? -11.770 -21.677 -17.635 1.00 29.29 ? 148 LEU A CA    1 
ATOM   125 C CA    . VAL A 1 149 ? -9.526  -20.737 -14.718 1.00 29.29 ? 149 VAL A CA    1 
ATOM   126 C CA    . ILE A 1 150 ? -6.765  -22.705 -16.313 1.00 29.29 ? 150 ILE A CA    1 
ATOM   127 C CA    . ARG A 1 151 ? -7.232  -21.036 -19.664 1.00 29.29 ? 151 ARG A CA    1 
ATOM   128 C CA    . THR A 1 152 ? -7.769  -17.413 -18.473 1.00 29.29 ? 152 THR A CA    1 
ATOM   129 C CA    . MET A 1 153 ? -4.553  -17.869 -16.431 1.00 29.29 ? 153 MET A CA    1 
ATOM   130 C CA    . GLN A 1 154 ? -2.342  -18.419 -19.482 1.00 29.29 ? 154 GLN A CA    1 
ATOM   131 C CA    . GLU A 1 155 ? -4.371  -16.060 -21.616 1.00 29.29 ? 155 GLU A CA    1 
ATOM   132 C CA    . ARG A 1 156 ? -4.406  -13.092 -19.274 1.00 29.29 ? 156 ARG A CA    1 
ATOM   133 C CA    . LEU A 1 157 ? -1.670  -13.560 -16.716 1.00 29.29 ? 157 LEU A CA    1 
ATOM   134 C CA    . GLY A 1 158 ? 0.730   -15.861 -18.499 1.00 29.29 ? 158 GLY A CA    1 
ATOM   135 C CA    . ALA A 1 159 ? 2.213   -18.418 -16.146 1.00 29.29 ? 159 ALA A CA    1 
ATOM   136 C CA    . ARG A 1 160 ? 2.262   -22.018 -17.078 1.00 29.29 ? 160 ARG A CA    1 
ATOM   137 C CA    . PRO A 1 161 ? -0.400  -23.540 -14.828 1.00 29.29 ? 161 PRO A CA    1 
ATOM   138 C CA    . VAL A 1 162 ? -0.123  -27.222 -13.951 1.00 29.29 ? 162 VAL A CA    1 
ATOM   139 C CA    . VAL A 1 163 ? -3.293  -29.191 -13.677 1.00 29.29 ? 163 VAL A CA    1 
ATOM   140 C CA    . MET A 1 164 ? -2.566  -30.631 -10.260 1.00 29.29 ? 164 MET A CA    1 
ATOM   141 C CA    . GLN A 1 165 ? -5.976  -32.106 -9.512  1.00 29.29 ? 165 GLN A CA    1 
ATOM   142 C CA    . LEU A 1 166 ? -9.107  -32.990 -11.464 1.00 29.29 ? 166 LEU A CA    1 
ATOM   143 C CA    . PRO A 1 167 ? -12.763 -32.641 -10.321 1.00 29.29 ? 167 PRO A CA    1 
ATOM   144 C CA    . ILE A 1 168 ? -15.287 -35.446 -10.012 1.00 29.29 ? 168 ILE A CA    1 
ATOM   145 C CA    . GLY A 1 169 ? -18.539 -33.725 -10.769 1.00 29.29 ? 169 GLY A CA    1 
ATOM   146 C CA    . ARG A 1 170 ? -19.650 -30.589 -12.510 1.00 29.29 ? 170 ARG A CA    1 
ATOM   147 C CA    . GLU A 1 171 ? -20.770 -27.670 -10.327 1.00 29.29 ? 171 GLU A CA    1 
ATOM   148 C CA    . ASP A 1 172 ? -23.671 -28.792 -8.025  1.00 29.29 ? 172 ASP A CA    1 
ATOM   149 C CA    . THR A 1 173 ? -22.210 -32.330 -8.385  1.00 29.29 ? 173 THR A CA    1 
ATOM   150 C CA    . PHE A 1 174 ? -18.583 -31.704 -7.462  1.00 29.29 ? 174 PHE A CA    1 
ATOM   151 C CA    . SER A 1 175 ? -17.701 -34.265 -4.807  1.00 29.29 ? 175 SER A CA    1 
ATOM   152 C CA    . GLY A 1 176 ? -14.326 -35.799 -5.473  1.00 29.29 ? 176 GLY A CA    1 
ATOM   153 C CA    . ILE A 1 177 ? -10.881 -34.639 -6.234  1.00 29.29 ? 177 ILE A CA    1 
ATOM   154 C CA    . ILE A 1 178 ? -8.279  -36.525 -8.169  1.00 29.29 ? 178 ILE A CA    1 
ATOM   155 C CA    . ASP A 1 179 ? -4.724  -36.082 -7.058  1.00 29.29 ? 179 ASP A CA    1 
ATOM   156 C CA    . VAL A 1 180 ? -2.844  -36.236 -10.320 1.00 29.29 ? 180 VAL A CA    1 
ATOM   157 C CA    . LEU A 1 181 ? 0.600   -36.492 -8.832  1.00 29.29 ? 181 LEU A CA    1 
ATOM   158 C CA    . ARG A 1 182 ? -0.226  -39.560 -6.752  1.00 29.29 ? 182 ARG A CA    1 
ATOM   159 C CA    . MET A 1 183 ? -3.303  -40.681 -8.621  1.00 29.29 ? 183 MET A CA    1 
ATOM   160 C CA    . LYS A 1 184 ? -5.370  -40.748 -5.476  1.00 29.29 ? 184 LYS A CA    1 
ATOM   161 C CA    . ALA A 1 185 ? -9.015  -39.795 -5.357  1.00 29.29 ? 185 ALA A CA    1 
ATOM   162 C CA    . TYR A 1 186 ? -10.977 -38.318 -2.424  1.00 29.29 ? 186 TYR A CA    1 
ATOM   163 C CA    . THR A 1 187 ? -14.744 -38.359 -1.968  1.00 29.29 ? 187 THR A CA    1 
ATOM   164 C CA    . TYR A 1 188 ? -16.558 -36.033 0.361   1.00 29.29 ? 188 TYR A CA    1 
ATOM   165 C CA    . GLY A 1 189 ? -19.834 -37.296 1.800   1.00 29.29 ? 189 GLY A CA    1 
ATOM   166 C CA    . ASN A 1 190 ? -21.716 -34.334 3.337   1.00 29.29 ? 190 ASN A CA    1 
ATOM   167 C CA    . ASP A 1 191 ? -20.393 -30.810 2.704   1.00 29.29 ? 191 ASP A CA    1 
ATOM   168 C CA    . LEU A 1 192 ? -20.003 -30.189 6.427   1.00 29.29 ? 192 LEU A CA    1 
ATOM   169 C CA    . GLY A 1 193 ? -16.463 -31.368 6.551   1.00 29.29 ? 193 GLY A CA    1 
ATOM   170 C CA    . THR A 1 194 ? -17.030 -34.581 8.419   1.00 29.29 ? 194 THR A CA    1 
ATOM   171 C CA    . ASP A 1 195 ? -16.335 -37.371 5.877   1.00 29.29 ? 195 ASP A CA    1 
ATOM   172 C CA    . ILE A 1 196 ? -13.518 -38.009 3.417   1.00 29.29 ? 196 ILE A CA    1 
ATOM   173 C CA    . ARG A 1 197 ? -12.840 -41.328 1.806   1.00 29.29 ? 197 ARG A CA    1 
ATOM   174 C CA    . GLU A 1 198 ? -9.579  -41.841 -0.027  1.00 29.29 ? 198 GLU A CA    1 
ATOM   175 C CA    . ILE A 1 199 ? -11.127 -43.831 -2.879  1.00 29.29 ? 199 ILE A CA    1 
ATOM   176 C CA    . PRO A 1 200 ? -9.843  -45.161 -6.259  1.00 29.29 ? 200 PRO A CA    1 
ATOM   177 C CA    . ILE A 1 201 ? -10.080 -42.896 -9.322  1.00 29.29 ? 201 ILE A CA    1 
ATOM   178 C CA    . PRO A 1 202 ? -13.548 -43.736 -10.711 1.00 29.29 ? 202 PRO A CA    1 
ATOM   179 C CA    . GLU A 1 203 ? -13.546 -45.667 -14.010 1.00 29.29 ? 203 GLU A CA    1 
ATOM   180 C CA    . GLU A 1 204 ? -14.906 -42.638 -15.964 1.00 29.29 ? 204 GLU A CA    1 
ATOM   181 C CA    . TYR A 1 205 ? -12.052 -40.499 -14.777 1.00 29.29 ? 205 TYR A CA    1 
ATOM   182 C CA    . LEU A 1 206 ? -9.287  -43.157 -14.878 1.00 29.29 ? 206 LEU A CA    1 
ATOM   183 C CA    . ASP A 1 207 ? -8.283  -41.929 -18.316 1.00 29.29 ? 207 ASP A CA    1 
ATOM   184 C CA    . ASN A 1 208 ? -6.641  -38.942 -16.717 1.00 29.29 ? 208 ASN A CA    1 
ATOM   185 C CA    . ALA A 1 209 ? -3.377  -40.670 -16.926 1.00 29.29 ? 209 ALA A CA    1 
ATOM   186 C CA    . ARG A 1 210 ? -3.541  -38.062 -19.659 1.00 29.29 ? 210 ARG A CA    1 
ATOM   187 C CA    . GLU A 1 211 ? -3.198  -35.035 -17.349 1.00 29.29 ? 211 GLU A CA    1 
ATOM   188 C CA    . TYR A 1 212 ? -0.883  -37.088 -15.180 1.00 29.29 ? 212 TYR A CA    1 
ATOM   189 C CA    . HIS A 1 213 ? 1.731   -37.623 -17.883 1.00 29.29 ? 213 HIS A CA    1 
ATOM   190 C CA    . GLU A 1 214 ? 1.286   -33.979 -18.935 1.00 29.29 ? 214 GLU A CA    1 
ATOM   191 C CA    . LYS A 1 215 ? 2.186   -33.071 -15.363 1.00 29.29 ? 215 LYS A CA    1 
ATOM   192 C CA    . LEU A 1 216 ? 5.029   -35.524 -15.441 1.00 29.29 ? 216 LEU A CA    1 
ATOM   193 C CA    . VAL A 1 217 ? 6.191   -33.798 -18.663 1.00 29.29 ? 217 VAL A CA    1 
ATOM   194 C CA    . GLU A 1 218 ? 7.225   -30.480 -17.044 1.00 29.29 ? 218 GLU A CA    1 
ATOM   195 C CA    . VAL A 1 219 ? 8.568   -31.809 -13.773 1.00 29.29 ? 219 VAL A CA    1 
ATOM   196 C CA    . ALA A 1 220 ? 11.042  -33.782 -15.930 1.00 29.29 ? 220 ALA A CA    1 
ATOM   197 C CA    . ALA A 1 221 ? 14.389  -32.208 -16.986 1.00 29.29 ? 221 ALA A CA    1 
ATOM   198 C CA    . ASP A 1 222 ? 12.558  -28.956 -17.479 1.00 29.29 ? 222 ASP A CA    1 
ATOM   199 C CA    . PHE A 1 223 ? 12.966  -29.040 -13.779 1.00 29.29 ? 223 PHE A CA    1 
ATOM   200 C CA    . ASP A 1 224 ? 14.695  -32.329 -13.171 1.00 29.29 ? 224 ASP A CA    1 
ATOM   201 C CA    . GLU A 1 225 ? 17.000  -34.114 -15.540 1.00 29.29 ? 225 GLU A CA    1 
ATOM   202 C CA    . ASN A 1 226 ? 16.434  -37.660 -14.323 1.00 29.29 ? 226 ASN A CA    1 
ATOM   203 C CA    . ILE A 1 227 ? 12.696  -37.431 -14.393 1.00 29.29 ? 227 ILE A CA    1 
ATOM   204 C CA    . MET A 1 228 ? 13.227  -37.027 -18.156 1.00 29.29 ? 228 MET A CA    1 
ATOM   205 C CA    . LEU A 1 229 ? 15.163  -40.247 -18.697 1.00 29.29 ? 229 LEU A CA    1 
ATOM   206 C CA    . LYS A 1 230 ? 12.398  -41.737 -16.677 1.00 29.29 ? 230 LYS A CA    1 
ATOM   207 C CA    . TYR A 1 231 ? 9.864   -40.107 -19.019 1.00 29.29 ? 231 TYR A CA    1 
ATOM   208 C CA    . LEU A 1 232 ? 11.493  -41.010 -22.308 1.00 29.29 ? 232 LEU A CA    1 
ATOM   209 C CA    . GLU A 1 233 ? 12.460  -44.426 -20.881 1.00 29.29 ? 233 GLU A CA    1 
ATOM   210 C CA    . GLY A 1 234 ? 8.771   -45.132 -20.257 1.00 29.29 ? 234 GLY A CA    1 
ATOM   211 C CA    . GLU A 1 235 ? 9.676   -45.049 -16.575 1.00 29.29 ? 235 GLU A CA    1 
ATOM   212 C CA    . GLU A 1 236 ? 7.489   -43.776 -13.769 1.00 29.29 ? 236 GLU A CA    1 
ATOM   213 C CA    . PRO A 1 237 ? 9.150   -41.218 -11.432 1.00 29.29 ? 237 PRO A CA    1 
ATOM   214 C CA    . THR A 1 238 ? 8.855   -41.178 -7.639  1.00 29.29 ? 238 THR A CA    1 
ATOM   215 C CA    . GLU A 1 239 ? 6.386   -38.997 -5.719  1.00 29.29 ? 239 GLU A CA    1 
ATOM   216 C CA    . GLU A 1 240 ? 9.282   -37.515 -3.899  1.00 29.29 ? 240 GLU A CA    1 
ATOM   217 C CA    . GLU A 1 241 ? 10.724  -36.772 -7.330  1.00 29.29 ? 241 GLU A CA    1 
ATOM   218 C CA    . LEU A 1 242 ? 7.648   -35.135 -8.835  1.00 29.29 ? 242 LEU A CA    1 
ATOM   219 C CA    . VAL A 1 243 ? 6.831   -33.102 -5.706  1.00 29.29 ? 243 VAL A CA    1 
ATOM   220 C CA    . ALA A 1 244 ? 10.508  -32.198 -5.269  1.00 29.29 ? 244 ALA A CA    1 
ATOM   221 C CA    . ALA A 1 245 ? 10.630  -30.785 -8.786  1.00 29.29 ? 245 ALA A CA    1 
ATOM   222 C CA    . ILE A 1 246 ? 7.156   -29.272 -9.017  1.00 29.29 ? 246 ILE A CA    1 
ATOM   223 C CA    . ARG A 1 247 ? 8.346   -27.383 -5.950  1.00 29.29 ? 247 ARG A CA    1 
ATOM   224 C CA    . LYS A 1 248 ? 11.606  -26.288 -7.631  1.00 29.29 ? 248 LYS A CA    1 
ATOM   225 C CA    . GLY A 1 249 ? 9.384   -25.044 -10.393 1.00 29.29 ? 249 GLY A CA    1 
ATOM   226 C CA    . THR A 1 250 ? 6.800   -23.069 -8.485  1.00 29.29 ? 250 THR A CA    1 
ATOM   227 C CA    . ILE A 1 251 ? 9.483   -21.531 -6.268  1.00 29.29 ? 251 ILE A CA    1 
ATOM   228 C CA    . ASP A 1 252 ? 11.695  -20.647 -9.275  1.00 29.29 ? 252 ASP A CA    1 
ATOM   229 C CA    . LEU A 1 253 ? 8.635   -18.703 -10.511 1.00 29.29 ? 253 LEU A CA    1 
ATOM   230 C CA    . LYS A 1 254 ? 8.299   -20.950 -13.677 1.00 29.29 ? 254 LYS A CA    1 
ATOM   231 C CA    . ILE A 1 255 ? 5.061   -22.815 -12.885 1.00 29.29 ? 255 ILE A CA    1 
ATOM   232 C CA    . THR A 1 256 ? 1.808   -22.317 -10.862 1.00 29.29 ? 256 THR A CA    1 
ATOM   233 C CA    . PRO A 1 257 ? 0.484   -25.637 -9.505  1.00 29.29 ? 257 PRO A CA    1 
ATOM   234 C CA    . VAL A 1 258 ? -3.222  -25.364 -9.645  1.00 29.29 ? 258 VAL A CA    1 
ATOM   235 C CA    . PHE A 1 259 ? -5.494  -26.808 -7.047  1.00 29.29 ? 259 PHE A CA    1 
ATOM   236 C CA    . LEU A 1 260 ? -9.287  -26.792 -7.079  1.00 29.29 ? 260 LEU A CA    1 
ATOM   237 C CA    . GLY A 1 261 ? -12.038 -27.263 -4.553  1.00 29.29 ? 261 GLY A CA    1 
ATOM   238 C CA    . SER A 1 262 ? -14.921 -25.728 -2.702  1.00 29.29 ? 262 SER A CA    1 
ATOM   239 C CA    . ALA A 1 263 ? -14.193 -23.729 0.425   1.00 29.29 ? 263 ALA A CA    1 
ATOM   240 C CA    . LEU A 1 264 ? -17.806 -23.280 1.562   1.00 29.29 ? 264 LEU A CA    1 
ATOM   241 C CA    . LYS A 1 265 ? -18.561 -26.981 1.042   1.00 29.29 ? 265 LYS A CA    1 
ATOM   242 C CA    . ASN A 1 266 ? -15.396 -28.330 2.656   1.00 29.29 ? 266 ASN A CA    1 
ATOM   243 C CA    . LYS A 1 267 ? -14.085 -30.070 -0.410  1.00 29.29 ? 267 LYS A CA    1 
ATOM   244 C CA    . GLY A 1 268 ? -10.321 -29.975 -0.939  1.00 29.29 ? 268 GLY A CA    1 
ATOM   245 C CA    . VAL A 1 269 ? -9.121  -27.776 1.963   1.00 29.29 ? 269 VAL A CA    1 
ATOM   246 C CA    . GLN A 1 270 ? -6.686  -30.331 3.364   1.00 29.29 ? 270 GLN A CA    1 
ATOM   247 C CA    . LEU A 1 271 ? -5.361  -31.170 -0.113  1.00 29.29 ? 271 LEU A CA    1 
ATOM   248 C CA    . LEU A 1 272 ? -4.812  -27.401 -0.301  1.00 29.29 ? 272 LEU A CA    1 
ATOM   249 C CA    . LEU A 1 273 ? -3.136  -27.455 3.071   1.00 29.29 ? 273 LEU A CA    1 
ATOM   250 C CA    . ASP A 1 274 ? -0.753  -30.120 1.703   1.00 29.29 ? 274 ASP A CA    1 
ATOM   251 C CA    . ALA A 1 275 ? 0.001   -28.008 -1.339  1.00 29.29 ? 275 ALA A CA    1 
ATOM   252 C CA    . VAL A 1 276 ? 1.286   -25.144 0.761   1.00 29.29 ? 276 VAL A CA    1 
ATOM   253 C CA    . VAL A 1 277 ? 3.717   -27.294 2.759   1.00 29.29 ? 277 VAL A CA    1 
ATOM   254 C CA    . ASP A 1 278 ? 4.924   -29.180 -0.331  1.00 29.29 ? 278 ASP A CA    1 
ATOM   255 C CA    . TYR A 1 279 ? 5.186   -26.358 -2.819  1.00 29.29 ? 279 TYR A CA    1 
ATOM   256 C CA    . LEU A 1 280 ? 5.104   -23.027 -1.042  1.00 29.29 ? 280 LEU A CA    1 
ATOM   257 C CA    . PRO A 1 281 ? 8.364   -21.618 0.290   1.00 29.29 ? 281 PRO A CA    1 
ATOM   258 C CA    . SER A 1 282 ? 9.989   -21.490 3.674   1.00 29.29 ? 282 SER A CA    1 
ATOM   259 C CA    . PRO A 1 283 ? 12.097  -18.576 4.804   1.00 29.29 ? 283 PRO A CA    1 
ATOM   260 C CA    . LEU A 1 284 ? 15.278  -20.004 3.258   1.00 29.29 ? 284 LEU A CA    1 
ATOM   261 C CA    . ASP A 1 285 ? 13.777  -20.728 -0.135  1.00 29.29 ? 285 ASP A CA    1 
ATOM   262 C CA    . ILE A 1 286 ? 13.530  -17.015 -1.018  1.00 36.11 ? 286 ILE A CA    1 
ATOM   263 C CA    . PRO A 1 287 ? 16.097  -14.229 -1.738  1.00 36.11 ? 287 PRO A CA    1 
ATOM   264 C CA    . PRO A 1 288 ? 17.674  -12.578 1.402   1.00 36.11 ? 288 PRO A CA    1 
ATOM   265 C CA    . ILE A 1 289 ? 15.954  -9.239  1.693   1.00 36.11 ? 289 ILE A CA    1 
ATOM   266 C CA    . LYS A 1 290 ? 18.210  -6.264  1.361   1.00 36.11 ? 290 LYS A CA    1 
ATOM   267 C CA    . GLY A 1 291 ? 18.467  -3.311  3.687   1.00 36.11 ? 291 GLY A CA    1 
ATOM   268 C CA    . THR A 1 292 ? 20.573  -0.195  3.360   1.00 36.11 ? 292 THR A CA    1 
ATOM   269 C CA    . THR A 1 293 ? 23.268  0.138   6.029   1.00 36.11 ? 293 THR A CA    1 
ATOM   270 C CA    . PRO A 1 294 ? 23.088  3.549   7.716   1.00 36.11 ? 294 PRO A CA    1 
ATOM   271 C CA    . GLU A 1 295 ? 25.966  5.004   5.731   1.00 36.11 ? 295 GLU A CA    1 
ATOM   272 C CA    . GLY A 1 296 ? 24.839  3.771   2.322   1.00 36.11 ? 296 GLY A CA    1 
ATOM   273 C CA    . GLU A 1 297 ? 26.184  0.245   1.502   1.00 36.11 ? 297 GLU A CA    1 
ATOM   274 C CA    . VAL A 1 298 ? 22.876  -1.611  1.024   1.00 36.11 ? 298 VAL A CA    1 
ATOM   275 C CA    . VAL A 1 299 ? 23.790  -5.053  2.529   1.00 36.11 ? 299 VAL A CA    1 
ATOM   276 C CA    . GLU A 1 300 ? 21.699  -8.228  2.222   1.00 36.11 ? 300 GLU A CA    1 
ATOM   277 C CA    . ILE A 1 301 ? 19.907  -9.123  5.487   1.00 36.11 ? 301 ILE A CA    1 
ATOM   278 C CA    . HIS A 1 302 ? 20.138  -12.966 5.397   1.00 36.11 ? 302 HIS A CA    1 
ATOM   279 C CA    . PRO A 1 303 ? 18.365  -15.222 7.968   1.00 36.11 ? 303 PRO A CA    1 
ATOM   280 C CA    . ASP A 1 304 ? 20.250  -16.805 10.930  1.00 36.11 ? 304 ASP A CA    1 
ATOM   281 C CA    . PRO A 1 305 ? 19.114  -17.308 14.537  1.00 36.11 ? 305 PRO A CA    1 
ATOM   282 C CA    . ASN A 1 306 ? 22.585  -16.411 15.859  1.00 36.11 ? 306 ASN A CA    1 
ATOM   283 C CA    . GLY A 1 307 ? 23.240  -13.115 14.188  1.00 36.11 ? 307 GLY A CA    1 
ATOM   284 C CA    . PRO A 1 308 ? 22.363  -9.320  14.145  1.00 36.11 ? 308 PRO A CA    1 
ATOM   285 C CA    . LEU A 1 309 ? 18.688  -8.854  15.056  1.00 36.11 ? 309 LEU A CA    1 
ATOM   286 C CA    . ALA A 1 310 ? 17.104  -7.096  12.096  1.00 36.11 ? 310 ALA A CA    1 
ATOM   287 C CA    . ALA A 1 311 ? 13.337  -6.847  11.872  1.00 36.11 ? 311 ALA A CA    1 
ATOM   288 C CA    . LEU A 1 312 ? 10.543  -4.978  10.113  1.00 36.11 ? 312 LEU A CA    1 
ATOM   289 C CA    . ALA A 1 313 ? 7.380   -3.826  11.876  1.00 36.11 ? 313 ALA A CA    1 
ATOM   290 C CA    . PHE A 1 314 ? 4.436   -3.855  9.557   1.00 36.11 ? 314 PHE A CA    1 
ATOM   291 C CA    . LYS A 1 315 ? 1.276   -3.216  11.498  1.00 36.11 ? 315 LYS A CA    1 
ATOM   292 C CA    . ILE A 1 316 ? 0.212   -1.574  14.689  1.00 36.11 ? 316 ILE A CA    1 
ATOM   293 C CA    . MET A 1 317 ? -3.239  -2.451  16.183  1.00 36.11 ? 317 MET A CA    1 
ATOM   294 C CA    . ALA A 1 318 ? -4.811  -1.076  19.368  1.00 36.11 ? 318 ALA A CA    1 
ATOM   295 C CA    . ASP A 1 319 ? -5.766  -4.055  21.507  1.00 36.11 ? 319 ASP A CA    1 
ATOM   296 C CA    . PRO A 1 320 ? -7.931  -3.040  24.587  1.00 36.11 ? 320 PRO A CA    1 
ATOM   297 C CA    . TYR A 1 321 ? -6.379  -5.857  26.639  1.00 36.11 ? 321 TYR A CA    1 
ATOM   298 C CA    . VAL A 1 322 ? -2.732  -5.413  25.842  1.00 36.11 ? 322 VAL A CA    1 
ATOM   299 C CA    . GLY A 1 323 ? -2.742  -1.808  24.695  1.00 36.11 ? 323 GLY A CA    1 
ATOM   300 C CA    . ARG A 1 324 ? -0.798  -1.327  21.474  1.00 36.11 ? 324 ARG A CA    1 
ATOM   301 C CA    . LEU A 1 325 ? 0.388   -4.403  19.540  1.00 36.11 ? 325 LEU A CA    1 
ATOM   302 C CA    . THR A 1 326 ? 3.072   -3.752  16.864  1.00 36.11 ? 326 THR A CA    1 
ATOM   303 C CA    . PHE A 1 327 ? 3.317   -6.562  14.328  1.00 36.11 ? 327 PHE A CA    1 
ATOM   304 C CA    . ILE A 1 328 ? 6.832   -7.473  13.257  1.00 36.11 ? 328 ILE A CA    1 
ATOM   305 C CA    . ARG A 1 329 ? 8.573   -9.848  10.752  1.00 36.11 ? 329 ARG A CA    1 
ATOM   306 C CA    . VAL A 1 330 ? 11.937  -11.255 11.946  1.00 36.11 ? 330 VAL A CA    1 
ATOM   307 C CA    . TYR A 1 331 ? 14.608  -11.354 9.241   1.00 36.11 ? 331 TYR A CA    1 
ATOM   308 C CA    . SER A 1 332 ? 18.055  -11.609 10.896  1.00 36.11 ? 332 SER A CA    1 
ATOM   309 C CA    . GLY A 1 333 ? 18.852  -12.828 14.407  1.00 36.11 ? 333 GLY A CA    1 
ATOM   310 C CA    . THR A 1 334 ? 16.772  -13.653 17.475  1.00 36.11 ? 334 THR A CA    1 
ATOM   311 C CA    . LEU A 1 335 ? 14.251  -11.287 19.060  1.00 36.11 ? 335 LEU A CA    1 
ATOM   312 C CA    . THR A 1 336 ? 13.710  -11.831 22.796  1.00 36.11 ? 336 THR A CA    1 
ATOM   313 C CA    . SER A 1 337 ? 10.890  -11.204 25.269  1.00 36.11 ? 337 SER A CA    1 
ATOM   314 C CA    . GLY A 1 338 ? 11.708  -8.395  27.694  1.00 36.11 ? 338 GLY A CA    1 
ATOM   315 C CA    . SER A 1 339 ? 14.590  -6.529  26.083  1.00 36.11 ? 339 SER A CA    1 
ATOM   316 C CA    . TYR A 1 340 ? 15.723  -3.390  24.419  1.00 36.11 ? 340 TYR A CA    1 
ATOM   317 C CA    . VAL A 1 341 ? 15.618  -2.791  20.654  1.00 36.11 ? 341 VAL A CA    1 
ATOM   318 C CA    . TYR A 1 342 ? 16.705  0.159   18.514  1.00 36.11 ? 342 TYR A CA    1 
ATOM   319 C CA    . ASN A 1 343 ? 14.241  1.483   15.853  1.00 36.11 ? 343 ASN A CA    1 
ATOM   320 C CA    . THR A 1 344 ? 16.971  2.390   13.386  1.00 36.11 ? 344 THR A CA    1 
ATOM   321 C CA    . THR A 1 345 ? 14.511  4.528   11.488  1.00 36.11 ? 345 THR A CA    1 
ATOM   322 C CA    . LYS A 1 346 ? 12.994  6.683   14.201  1.00 36.11 ? 346 LYS A CA    1 
ATOM   323 C CA    . GLY A 1 347 ? 16.319  6.789   16.056  1.00 36.11 ? 347 GLY A CA    1 
ATOM   324 C CA    . ARG A 1 348 ? 14.383  6.276   19.304  1.00 36.11 ? 348 ARG A CA    1 
ATOM   325 C CA    . LYS A 1 349 ? 14.765  3.380   21.698  1.00 36.11 ? 349 LYS A CA    1 
ATOM   326 C CA    . GLU A 1 350 ? 12.125  0.927   22.802  1.00 36.11 ? 350 GLU A CA    1 
ATOM   327 C CA    . ARG A 1 351 ? 11.954  -1.924  25.257  1.00 36.11 ? 351 ARG A CA    1 
ATOM   328 C CA    . VAL A 1 352 ? 10.186  -4.871  23.835  1.00 36.11 ? 352 VAL A CA    1 
ATOM   329 C CA    . ALA A 1 353 ? 8.334   -6.359  26.755  1.00 36.11 ? 353 ALA A CA    1 
ATOM   330 C CA    . ARG A 1 354 ? 5.999   -9.326  25.911  1.00 36.11 ? 354 ARG A CA    1 
ATOM   331 C CA    . LEU A 1 355 ? 5.939   -10.951 22.463  1.00 36.11 ? 355 LEU A CA    1 
ATOM   332 C CA    . LEU A 1 356 ? 2.536   -12.441 21.517  1.00 36.11 ? 356 LEU A CA    1 
ATOM   333 C CA    . ARG A 1 357 ? 1.418   -14.796 18.731  1.00 36.11 ? 357 ARG A CA    1 
ATOM   334 C CA    . MET A 1 358 ? -2.130  -14.821 17.557  1.00 36.11 ? 358 MET A CA    1 
ATOM   335 C CA    . HIS A 1 359 ? -4.169  -17.916 16.767  1.00 36.11 ? 359 HIS A CA    1 
ATOM   336 C CA    . ALA A 1 360 ? -7.329  -15.674 16.687  1.00 36.11 ? 360 ALA A CA    1 
ATOM   337 C CA    . ASN A 1 361 ? -9.131  -18.163 19.064  1.00 36.11 ? 361 ASN A CA    1 
ATOM   338 C CA    . HIS A 1 362 ? -6.404  -17.527 21.641  1.00 36.11 ? 362 HIS A CA    1 
ATOM   339 C CA    . ARG A 1 363 ? -3.189  -15.583 22.055  1.00 36.11 ? 363 ARG A CA    1 
ATOM   340 C CA    . GLU A 1 364 ? 0.187   -16.981 23.072  1.00 36.11 ? 364 GLU A CA    1 
ATOM   341 C CA    . GLU A 1 365 ? 3.141   -15.263 24.729  1.00 36.11 ? 365 GLU A CA    1 
ATOM   342 C CA    . VAL A 1 366 ? 6.528   -16.403 23.519  1.00 36.11 ? 366 VAL A CA    1 
ATOM   343 C CA    . GLU A 1 367 ? 9.846   -15.880 25.181  1.00 36.11 ? 367 GLU A CA    1 
ATOM   344 C CA    . GLU A 1 368 ? 11.430  -15.146 21.748  1.00 36.11 ? 368 GLU A CA    1 
ATOM   345 C CA    . LEU A 1 369 ? 10.894  -14.842 17.976  1.00 36.11 ? 369 LEU A CA    1 
ATOM   346 C CA    . LYS A 1 370 ? 13.597  -16.011 15.595  1.00 36.11 ? 370 LYS A CA    1 
ATOM   347 C CA    . ALA A 1 371 ? 14.569  -15.651 11.901  1.00 36.11 ? 371 ALA A CA    1 
ATOM   348 C CA    . GLY A 1 372 ? 11.929  -16.149 9.242   1.00 36.11 ? 372 GLY A CA    1 
ATOM   349 C CA    . ASP A 1 373 ? 9.223   -15.889 11.948  1.00 36.11 ? 373 ASP A CA    1 
ATOM   350 C CA    . LEU A 1 374 ? 6.831   -13.170 13.058  1.00 36.11 ? 374 LEU A CA    1 
ATOM   351 C CA    . GLY A 1 375 ? 4.294   -12.237 15.737  1.00 36.11 ? 375 GLY A CA    1 
ATOM   352 C CA    . ALA A 1 376 ? 2.940   -9.332  17.860  1.00 36.11 ? 376 ALA A CA    1 
ATOM   353 C CA    . VAL A 1 377 ? 5.292   -7.311  20.025  1.00 36.11 ? 377 VAL A CA    1 
ATOM   354 C CA    . VAL A 1 378 ? 3.168   -5.944  22.835  1.00 36.11 ? 378 VAL A CA    1 
ATOM   355 C CA    . GLY A 1 379 ? 6.119   -4.210  24.385  1.00 36.11 ? 379 GLY A CA    1 
ATOM   356 C CA    . LEU A 1 380 ? 4.100   -0.979  24.415  1.00 36.11 ? 380 LEU A CA    1 
ATOM   357 C CA    . LYS A 1 381 ? 6.574   0.535   21.899  1.00 36.11 ? 381 LYS A CA    1 
ATOM   358 C CA    . GLU A 1 382 ? 4.346   3.519   21.321  1.00 36.11 ? 382 GLU A CA    1 
ATOM   359 C CA    . THR A 1 383 ? 6.632   5.090   18.721  1.00 36.11 ? 383 THR A CA    1 
ATOM   360 C CA    . ILE A 1 384 ? 7.215   2.694   15.826  1.00 36.11 ? 384 ILE A CA    1 
ATOM   361 C CA    . THR A 1 385 ? 4.792   2.578   12.783  1.00 36.11 ? 385 THR A CA    1 
ATOM   362 C CA    . GLY A 1 386 ? 6.148   0.808   9.591   1.00 36.11 ? 386 GLY A CA    1 
ATOM   363 C CA    . ASP A 1 387 ? 9.880   1.091   10.571  1.00 36.11 ? 387 ASP A CA    1 
ATOM   364 C CA    . THR A 1 388 ? 12.948  -1.159  11.141  1.00 36.11 ? 388 THR A CA    1 
ATOM   365 C CA    . LEU A 1 389 ? 13.997  -2.389  14.593  1.00 36.11 ? 389 LEU A CA    1 
ATOM   366 C CA    . VAL A 1 390 ? 17.423  -4.017  15.190  1.00 36.11 ? 390 VAL A CA    1 
ATOM   367 C CA    . GLY A 1 391 ? 18.901  -5.452  18.348  1.00 36.11 ? 391 GLY A CA    1 
ATOM   368 C CA    . GLU A 1 392 ? 21.363  -3.187  20.195  1.00 36.11 ? 392 GLU A CA    1 
ATOM   369 C CA    . ASP A 1 393 ? 24.049  -4.874  18.045  1.00 36.11 ? 393 ASP A CA    1 
ATOM   370 C CA    . ALA A 1 394 ? 25.523  -4.900  14.495  1.00 36.11 ? 394 ALA A CA    1 
ATOM   371 C CA    . PRO A 1 395 ? 23.169  -4.058  11.670  1.00 36.11 ? 395 PRO A CA    1 
ATOM   372 C CA    . ARG A 1 396 ? 22.926  -0.377  12.345  1.00 36.11 ? 396 ARG A CA    1 
ATOM   373 C CA    . VAL A 1 397 ? 20.789  -0.928  9.129   1.00 36.11 ? 397 VAL A CA    1 
ATOM   374 C CA    . ILE A 1 398 ? 17.541  0.597   7.741   1.00 36.11 ? 398 ILE A CA    1 
ATOM   375 C CA    . LEU A 1 399 ? 15.014  -1.489  5.724   1.00 36.11 ? 399 LEU A CA    1 
ATOM   376 C CA    . GLU A 1 400 ? 12.347  0.817   4.145   1.00 36.11 ? 400 GLU A CA    1 
ATOM   377 C CA    . SER A 1 401 ? 11.414  3.894   2.035   1.00 36.11 ? 401 SER A CA    1 
ATOM   378 C CA    . ILE A 1 402 ? 8.553   6.476   1.844   1.00 36.11 ? 402 ILE A CA    1 
ATOM   379 C CA    . GLU A 1 403 ? 8.096   10.323  1.145   1.00 36.11 ? 403 GLU A CA    1 
ATOM   380 C CA    . GLY A 1 477 ? -16.684 19.697  0.369   1.00 50.04 ? 477 GLY A CA    1 
ATOM   381 C CA    . LYS A 1 478 ? -15.187 17.133  -2.034  1.00 50.04 ? 478 LYS A CA    1 
ATOM   382 C CA    . PRO A 1 479 ? -11.603 16.606  -3.391  1.00 50.04 ? 479 PRO A CA    1 
ATOM   383 C CA    . GLN A 1 480 ? -9.519  19.764  -3.669  1.00 50.04 ? 480 GLN A CA    1 
ATOM   384 C CA    . VAL A 1 481 ? -6.075  20.536  -5.032  1.00 50.04 ? 481 VAL A CA    1 
ATOM   385 C CA    . ALA A 1 482 ? -3.182  22.358  -3.431  1.00 50.04 ? 482 ALA A CA    1 
ATOM   386 C CA    . TYR A 1 483 ? -3.278  25.392  -5.711  1.00 31.31 ? 483 TYR A CA    1 
ATOM   387 C CA    . ARG A 1 484 ? -0.800  28.220  -5.099  1.00 31.31 ? 484 ARG A CA    1 
ATOM   388 C CA    . GLU A 1 485 ? -1.147  31.787  -6.306  1.00 31.31 ? 485 GLU A CA    1 
ATOM   389 C CA    . THR A 1 486 ? 1.871   33.951  -7.102  1.00 31.31 ? 486 THR A CA    1 
ATOM   390 C CA    . ILE A 1 487 ? 2.901   36.772  -9.421  1.00 31.31 ? 487 ILE A CA    1 
ATOM   391 C CA    . THR A 1 488 ? 4.841   37.297  -12.624 1.00 31.31 ? 488 THR A CA    1 
ATOM   392 C CA    . LYS A 1 489 ? 6.024   40.925  -12.743 1.00 31.31 ? 489 LYS A CA    1 
ATOM   393 C CA    . PRO A 1 490 ? 7.833   42.611  -9.850  1.00 31.31 ? 490 PRO A CA    1 
ATOM   394 C CA    . VAL A 1 491 ? 6.016   45.725  -8.579  1.00 31.31 ? 491 VAL A CA    1 
ATOM   395 C CA    . ASP A 1 492 ? 5.928   48.324  -5.799  1.00 31.31 ? 492 ASP A CA    1 
ATOM   396 C CA    . VAL A 1 493 ? 2.460   48.875  -4.367  1.00 31.31 ? 493 VAL A CA    1 
ATOM   397 C CA    . GLU A 1 494 ? 1.377   50.608  -1.073  1.00 31.31 ? 494 GLU A CA    1 
ATOM   398 C CA    . GLY A 1 495 ? -0.990  49.974  1.850   1.00 31.31 ? 495 GLY A CA    1 
ATOM   399 C CA    . LYS A 1 496 ? -2.757  52.613  3.883   1.00 31.31 ? 496 LYS A CA    1 
ATOM   400 C CA    . PHE A 1 497 ? -5.210  52.459  6.762   1.00 31.31 ? 497 PHE A CA    1 
ATOM   401 C CA    . ILE A 1 498 ? -6.499  55.858  7.886   1.00 31.31 ? 498 ILE A CA    1 
ATOM   402 C CA    . ARG A 1 499 ? -9.747  54.490  9.191   1.00 31.31 ? 499 ARG A CA    1 
ATOM   403 C CA    . GLN A 1 500 ? -10.569 57.049  11.940  1.00 31.31 ? 500 GLN A CA    1 
ATOM   404 C CA    . THR A 1 501 ? -13.201 54.457  12.966  1.00 31.31 ? 501 THR A CA    1 
ATOM   405 C CA    . GLY A 1 502 ? -12.498 51.754  15.632  1.00 31.31 ? 502 GLY A CA    1 
ATOM   406 C CA    . GLY A 1 503 ? -12.869 54.594  18.148  1.00 31.31 ? 503 GLY A CA    1 
ATOM   407 C CA    . ARG A 1 504 ? -9.628  56.652  17.957  1.00 31.31 ? 504 ARG A CA    1 
ATOM   408 C CA    . GLY A 1 505 ? -7.537  57.545  14.924  1.00 31.31 ? 505 GLY A CA    1 
ATOM   409 C CA    . GLN A 1 506 ? -5.862  54.810  12.968  1.00 31.31 ? 506 GLN A CA    1 
ATOM   410 C CA    . TYR A 1 507 ? -3.014  55.174  10.512  1.00 31.31 ? 507 TYR A CA    1 
ATOM   411 C CA    . GLY A 1 508 ? -0.650  52.810  8.830   1.00 31.31 ? 508 GLY A CA    1 
ATOM   412 C CA    . HIS A 1 509 ? 1.124   53.556  5.600   1.00 31.31 ? 509 HIS A CA    1 
ATOM   413 C CA    . VAL A 1 510 ? 3.695   51.079  4.371   1.00 31.31 ? 510 VAL A CA    1 
ATOM   414 C CA    . LYS A 1 511 ? 4.709   50.486  0.814   1.00 31.31 ? 511 LYS A CA    1 
ATOM   415 C CA    . ILE A 1 512 ? 6.493   47.361  -0.244  1.00 31.31 ? 512 ILE A CA    1 
ATOM   416 C CA    . LYS A 1 513 ? 8.094   46.227  -3.439  1.00 31.31 ? 513 LYS A CA    1 
ATOM   417 C CA    . VAL A 1 514 ? 7.209   42.640  -4.351  1.00 31.31 ? 514 VAL A CA    1 
ATOM   418 C CA    . GLU A 1 515 ? 9.238   40.543  -6.825  1.00 31.31 ? 515 GLU A CA    1 
ATOM   419 C CA    . PRO A 1 516 ? 9.036   37.116  -8.434  1.00 31.31 ? 516 PRO A CA    1 
ATOM   420 C CA    . LEU A 1 517 ? 11.268  34.428  -6.903  1.00 31.31 ? 517 LEU A CA    1 
ATOM   421 C CA    . PRO A 1 518 ? 12.468  31.287  -8.849  1.00 31.31 ? 518 PRO A CA    1 
ATOM   422 C CA    . ARG A 1 519 ? 9.996   28.517  -8.860  1.00 31.31 ? 519 ARG A CA    1 
ATOM   423 C CA    . GLY A 1 520 ? 10.496  27.051  -5.403  1.00 31.31 ? 520 GLY A CA    1 
ATOM   424 C CA    . SER A 1 521 ? 12.664  29.481  -3.364  1.00 31.31 ? 521 SER A CA    1 
ATOM   425 C CA    . GLY A 1 522 ? 9.913   29.861  -0.804  1.00 31.31 ? 522 GLY A CA    1 
ATOM   426 C CA    . PHE A 1 523 ? 9.617   33.237  0.926   1.00 31.31 ? 523 PHE A CA    1 
ATOM   427 C CA    . GLU A 1 524 ? 12.016  35.980  1.760   1.00 31.31 ? 524 GLU A CA    1 
ATOM   428 C CA    . PHE A 1 525 ? 11.306  39.281  3.572   1.00 31.31 ? 525 PHE A CA    1 
ATOM   429 C CA    . VAL A 1 526 ? 13.714  42.200  3.771   1.00 31.31 ? 526 VAL A CA    1 
ATOM   430 C CA    . ASN A 1 527 ? 13.516  45.507  5.639   1.00 31.31 ? 527 ASN A CA    1 
ATOM   431 C CA    . ALA A 1 528 ? 14.657  48.787  4.015   1.00 31.31 ? 528 ALA A CA    1 
ATOM   432 C CA    . ILE A 1 529 ? 13.293  51.494  6.313   1.00 31.31 ? 529 ILE A CA    1 
ATOM   433 C CA    . VAL A 1 530 ? 16.108  53.805  7.609   1.00 31.31 ? 530 VAL A CA    1 
ATOM   434 C CA    . GLY A 1 531 ? 15.554  56.816  9.859   1.00 31.31 ? 531 GLY A CA    1 
ATOM   435 C CA    . GLY A 1 532 ? 12.595  55.021  11.484  1.00 31.31 ? 532 GLY A CA    1 
ATOM   436 C CA    . VAL A 1 533 ? 10.087  56.312  8.900   1.00 31.31 ? 533 VAL A CA    1 
ATOM   437 C CA    . ILE A 1 534 ? 7.777   53.672  10.227  1.00 31.31 ? 534 ILE A CA    1 
ATOM   438 C CA    . PRO A 1 535 ? 8.398   53.372  13.997  1.00 31.31 ? 535 PRO A CA    1 
ATOM   439 C CA    . LYS A 1 536 ? 10.475  50.418  15.307  1.00 31.31 ? 536 LYS A CA    1 
ATOM   440 C CA    . GLU A 1 537 ? 7.623   48.900  17.274  1.00 31.31 ? 537 GLU A CA    1 
ATOM   441 C CA    . TYR A 1 538 ? 5.414   48.692  14.241  1.00 31.31 ? 538 TYR A CA    1 
ATOM   442 C CA    . ILE A 1 539 ? 7.519   46.658  11.809  1.00 31.31 ? 539 ILE A CA    1 
ATOM   443 C CA    . PRO A 1 540 ? 6.610   43.370  13.496  1.00 31.31 ? 540 PRO A CA    1 
ATOM   444 C CA    . ALA A 1 541 ? 2.973   44.114  12.823  1.00 31.31 ? 541 ALA A CA    1 
ATOM   445 C CA    . VAL A 1 542 ? 3.541   45.185  9.235   1.00 31.31 ? 542 VAL A CA    1 
ATOM   446 C CA    . GLN A 1 543 ? 5.632   42.045  8.937   1.00 31.31 ? 543 GLN A CA    1 
ATOM   447 C CA    . LYS A 1 544 ? 2.677   39.974  10.220  1.00 31.31 ? 544 LYS A CA    1 
ATOM   448 C CA    . GLY A 1 545 ? -0.053  41.592  8.153   1.00 31.31 ? 545 GLY A CA    1 
ATOM   449 C CA    . ILE A 1 546 ? 2.006   40.521  5.222   1.00 31.31 ? 546 ILE A CA    1 
ATOM   450 C CA    . GLU A 1 547 ? 2.392   36.853  6.037   1.00 31.31 ? 547 GLU A CA    1 
ATOM   451 C CA    . GLU A 1 548 ? -1.235  36.617  6.894   1.00 31.31 ? 548 GLU A CA    1 
ATOM   452 C CA    . ALA A 1 549 ? -2.340  37.467  3.333   1.00 31.31 ? 549 ALA A CA    1 
ATOM   453 C CA    . MET A 1 550 ? 0.378   35.122  2.105   1.00 31.31 ? 550 MET A CA    1 
ATOM   454 C CA    . GLN A 1 551 ? -2.115  32.543  3.269   1.00 31.31 ? 551 GLN A CA    1 
ATOM   455 C CA    . SER A 1 552 ? -4.775  33.466  0.798   1.00 31.31 ? 552 SER A CA    1 
ATOM   456 C CA    . GLY A 1 553 ? -4.623  35.641  -2.247  1.00 31.31 ? 553 GLY A CA    1 
ATOM   457 C CA    . PRO A 1 554 ? -6.722  37.524  -4.837  1.00 31.31 ? 554 PRO A CA    1 
ATOM   458 C CA    . LEU A 1 555 ? -7.311  34.791  -7.442  1.00 31.31 ? 555 LEU A CA    1 
ATOM   459 C CA    . ILE A 1 556 ? -8.855  31.644  -5.861  1.00 31.31 ? 556 ILE A CA    1 
ATOM   460 C CA    . GLY A 1 557 ? -7.683  32.405  -2.328  1.00 31.31 ? 557 GLY A CA    1 
ATOM   461 C CA    . PHE A 1 558 ? -4.646  30.075  -1.784  1.00 31.31 ? 558 PHE A CA    1 
ATOM   462 C CA    . PRO A 1 559 ? -1.194  30.884  -0.368  1.00 31.31 ? 559 PRO A CA    1 
ATOM   463 C CA    . VAL A 1 560 ? 0.979   33.221  -2.389  1.00 31.31 ? 560 VAL A CA    1 
ATOM   464 C CA    . VAL A 1 561 ? 4.472   31.759  -2.966  1.00 31.31 ? 561 VAL A CA    1 
ATOM   465 C CA    . ASP A 1 562 ? 8.072   32.308  -4.110  1.00 31.31 ? 562 ASP A CA    1 
ATOM   466 C CA    . ILE A 1 563 ? 7.875   36.005  -3.476  1.00 31.31 ? 563 ILE A CA    1 
ATOM   467 C CA    . LYS A 1 564 ? 10.273  38.522  -2.063  1.00 31.31 ? 564 LYS A CA    1 
ATOM   468 C CA    . VAL A 1 565 ? 8.789   41.327  -0.103  1.00 31.31 ? 565 VAL A CA    1 
ATOM   469 C CA    . THR A 1 566 ? 10.911  44.410  0.620   1.00 31.31 ? 566 THR A CA    1 
ATOM   470 C CA    . LEU A 1 567 ? 9.553   47.138  2.996   1.00 31.31 ? 567 LEU A CA    1 
ATOM   471 C CA    . TYR A 1 568 ? 11.427  50.211  1.909   1.00 31.31 ? 568 TYR A CA    1 
ATOM   472 C CA    . ASP A 1 569 ? 9.105   52.966  3.052   1.00 31.31 ? 569 ASP A CA    1 
ATOM   473 C CA    . GLY A 1 570 ? 5.907   54.273  4.599   1.00 31.31 ? 570 GLY A CA    1 
ATOM   474 C CA    . SER A 1 571 ? 4.762   56.755  7.233   1.00 31.31 ? 571 SER A CA    1 
ATOM   475 C CA    . TYR A 1 572 ? 3.118   57.124  10.633  1.00 31.31 ? 572 TYR A CA    1 
ATOM   476 C CA    . HIS A 1 573 ? 1.212   59.622  12.775  1.00 31.31 ? 573 HIS A CA    1 
ATOM   477 C CA    . GLU A 1 574 ? 2.335   60.439  16.323  1.00 31.31 ? 574 GLU A CA    1 
ATOM   478 C CA    . VAL A 1 575 ? -0.858  59.868  18.210  1.00 31.31 ? 575 VAL A CA    1 
ATOM   479 C CA    . ASP A 1 576 ? -2.753  57.710  15.632  1.00 31.31 ? 576 ASP A CA    1 
ATOM   480 C CA    . SER A 1 577 ? -0.372  54.938  14.405  1.00 31.31 ? 577 SER A CA    1 
ATOM   481 C CA    . SER A 1 578 ? -1.017  51.593  15.994  1.00 31.31 ? 578 SER A CA    1 
ATOM   482 C CA    . GLU A 1 579 ? 0.129   48.020  15.948  1.00 31.31 ? 579 GLU A CA    1 
ATOM   483 C CA    . MET A 1 580 ? -3.105  47.100  14.119  1.00 31.31 ? 580 MET A CA    1 
ATOM   484 C CA    . ALA A 1 581 ? -3.197  49.890  11.579  1.00 31.31 ? 581 ALA A CA    1 
ATOM   485 C CA    . PHE A 1 582 ? 0.200   48.560  10.328  1.00 31.31 ? 582 PHE A CA    1 
ATOM   486 C CA    . LYS A 1 583 ? -1.065  44.961  10.244  1.00 31.31 ? 583 LYS A CA    1 
ATOM   487 C CA    . ILE A 1 584 ? -3.994  46.045  8.040   1.00 31.31 ? 584 ILE A CA    1 
ATOM   488 C CA    . ALA A 1 585 ? -1.854  48.320  5.832   1.00 31.31 ? 585 ALA A CA    1 
ATOM   489 C CA    . GLY A 1 586 ? 0.700   45.538  5.412   1.00 31.31 ? 586 GLY A CA    1 
ATOM   490 C CA    . SER A 1 587 ? -1.944  43.014  4.449   1.00 31.31 ? 587 SER A CA    1 
ATOM   491 C CA    . MET A 1 588 ? -3.346  45.451  1.874   1.00 31.31 ? 588 MET A CA    1 
ATOM   492 C CA    . ALA A 1 589 ? -0.270  46.413  -0.047  1.00 31.31 ? 589 ALA A CA    1 
ATOM   493 C CA    . ILE A 1 590 ? 0.525   42.650  -0.246  1.00 31.31 ? 590 ILE A CA    1 
ATOM   494 C CA    . LYS A 1 591 ? -2.903  41.777  -1.593  1.00 31.31 ? 591 LYS A CA    1 
ATOM   495 C CA    . GLU A 1 592 ? -2.873  44.488  -4.259  1.00 31.31 ? 592 GLU A CA    1 
ATOM   496 C CA    . ALA A 1 593 ? 0.679   43.347  -4.859  1.00 31.31 ? 593 ALA A CA    1 
ATOM   497 C CA    . VAL A 1 594 ? -0.658  39.955  -5.871  1.00 31.31 ? 594 VAL A CA    1 
ATOM   498 C CA    . GLN A 1 595 ? -3.400  40.988  -8.392  1.00 31.31 ? 595 GLN A CA    1 
ATOM   499 C CA    . LYS A 1 596 ? -1.272  43.718  -9.911  1.00 31.31 ? 596 LYS A CA    1 
ATOM   500 C CA    . GLY A 1 597 ? 1.755   41.489  -10.351 1.00 31.31 ? 597 GLY A CA    1 
ATOM   501 C CA    . ASP A 1 598 ? 0.390   39.474  -13.272 1.00 31.31 ? 598 ASP A CA    1 
ATOM   502 C CA    . PRO A 1 599 ? -0.701  36.576  -10.964 1.00 31.31 ? 599 PRO A CA    1 
ATOM   503 C CA    . VAL A 1 600 ? -0.162  32.988  -12.119 1.00 31.31 ? 600 VAL A CA    1 
ATOM   504 C CA    . ILE A 1 601 ? -1.840  29.925  -10.553 1.00 31.31 ? 601 ILE A CA    1 
ATOM   505 C CA    . LEU A 1 602 ? 0.138   26.771  -9.748  1.00 31.31 ? 602 LEU A CA    1 
ATOM   506 C CA    . GLU A 1 603 ? -0.959  23.152  -10.009 1.00 31.31 ? 603 GLU A CA    1 
ATOM   507 C CA    . PRO A 1 604 ? 0.645   20.028  -8.645  1.00 44.86 ? 604 PRO A CA    1 
ATOM   508 C CA    . ILE A 1 605 ? 1.714   17.790  -11.488 1.00 44.86 ? 605 ILE A CA    1 
ATOM   509 C CA    . MET A 1 606 ? 1.368   14.064  -10.787 1.00 44.86 ? 606 MET A CA    1 
ATOM   510 C CA    . ARG A 1 607 ? 3.306   11.298  -12.434 1.00 44.86 ? 607 ARG A CA    1 
ATOM   511 C CA    . VAL A 1 608 ? 0.997   8.515   -13.336 1.00 44.86 ? 608 VAL A CA    1 
ATOM   512 C CA    . GLU A 1 609 ? 2.067   4.914   -13.574 1.00 44.86 ? 609 GLU A CA    1 
ATOM   513 C CA    . VAL A 1 610 ? -0.646  3.058   -15.551 1.00 44.86 ? 610 VAL A CA    1 
ATOM   514 C CA    . THR A 1 611 ? -0.507  -0.688  -16.363 1.00 44.86 ? 611 THR A CA    1 
ATOM   515 C CA    . THR A 1 612 ? -2.147  -1.816  -19.623 1.00 44.86 ? 612 THR A CA    1 
ATOM   516 C CA    . PRO A 1 613 ? -1.594  -4.865  -21.841 1.00 44.86 ? 613 PRO A CA    1 
ATOM   517 C CA    . GLU A 1 614 ? -1.388  -3.364  -25.327 1.00 44.86 ? 614 GLU A CA    1 
ATOM   518 C CA    . GLU A 1 615 ? -4.728  -1.564  -25.858 1.00 44.86 ? 615 GLU A CA    1 
ATOM   519 C CA    . TYR A 1 616 ? -3.707  2.073   -25.383 1.00 44.86 ? 616 TYR A CA    1 
ATOM   520 C CA    . MET A 1 617 ? -6.995  3.957   -25.570 1.00 44.86 ? 617 MET A CA    1 
ATOM   521 C CA    . GLY A 1 618 ? -5.829  5.282   -22.201 1.00 44.86 ? 618 GLY A CA    1 
ATOM   522 C CA    . ASP A 1 619 ? -2.670  6.599   -23.788 1.00 44.86 ? 619 ASP A CA    1 
ATOM   523 C CA    . VAL A 1 620 ? -4.599  9.146   -25.788 1.00 44.86 ? 620 VAL A CA    1 
ATOM   524 C CA    . ILE A 1 621 ? -7.106  9.832   -22.989 1.00 44.86 ? 621 ILE A CA    1 
ATOM   525 C CA    . GLY A 1 622 ? -4.044  10.699  -20.991 1.00 44.86 ? 622 GLY A CA    1 
ATOM   526 C CA    . ASP A 1 623 ? -4.126  13.885  -23.054 1.00 44.86 ? 623 ASP A CA    1 
ATOM   527 C CA    . LEU A 1 624 ? -6.146  17.050  -22.368 1.00 44.86 ? 624 LEU A CA    1 
ATOM   528 C CA    . ASN A 1 625 ? -9.231  14.831  -22.905 1.00 44.86 ? 625 ASN A CA    1 
ATOM   529 C CA    . ALA A 1 626 ? -10.175 14.677  -19.244 1.00 44.86 ? 626 ALA A CA    1 
ATOM   530 C CA    . ARG A 1 627 ? -6.362  14.475  -18.578 1.00 44.86 ? 627 ARG A CA    1 
ATOM   531 C CA    . ARG A 1 628 ? -3.955  17.026  -20.228 1.00 44.86 ? 628 ARG A CA    1 
ATOM   532 C CA    . GLY A 1 629 ? -0.954  14.826  -19.550 1.00 44.86 ? 629 GLY A CA    1 
ATOM   533 C CA    . GLN A 1 630 ? 2.460   14.803  -21.215 1.00 44.86 ? 630 GLN A CA    1 
ATOM   534 C CA    . ILE A 1 631 ? 3.484   11.137  -21.657 1.00 44.86 ? 631 ILE A CA    1 
ATOM   535 C CA    . LEU A 1 632 ? 6.368   11.362  -23.985 1.00 44.86 ? 632 LEU A CA    1 
ATOM   536 C CA    . GLY A 1 633 ? 9.491   12.140  -21.929 1.00 44.86 ? 633 GLY A CA    1 
ATOM   537 C CA    . MET A 1 634 ? 8.341   9.816   -19.165 1.00 44.86 ? 634 MET A CA    1 
ATOM   538 C CA    . GLU A 1 635 ? 8.877   7.298   -21.909 1.00 44.86 ? 635 GLU A CA    1 
ATOM   539 C CA    . PRO A 1 636 ? 6.197   4.609   -21.256 1.00 44.86 ? 636 PRO A CA    1 
ATOM   540 C CA    . ARG A 1 637 ? 8.093   1.332   -21.851 1.00 44.86 ? 637 ARG A CA    1 
ATOM   541 C CA    . GLY A 1 638 ? 8.022   -2.163  -20.196 1.00 44.86 ? 638 GLY A CA    1 
ATOM   542 C CA    . ASN A 1 639 ? 6.031   -5.291  -19.004 1.00 44.86 ? 639 ASN A CA    1 
ATOM   543 C CA    . ALA A 1 640 ? 2.159   -5.336  -19.519 1.00 44.86 ? 640 ALA A CA    1 
ATOM   544 C CA    . GLN A 1 641 ? 3.018   -2.008  -21.090 1.00 44.86 ? 641 GLN A CA    1 
ATOM   545 C CA    . VAL A 1 642 ? 2.924   0.597   -18.401 1.00 44.86 ? 642 VAL A CA    1 
ATOM   546 C CA    . ILE A 1 643 ? 2.528   4.256   -19.336 1.00 44.86 ? 643 ILE A CA    1 
ATOM   547 C CA    . ARG A 1 644 ? 4.628   6.945   -17.649 1.00 44.86 ? 644 ARG A CA    1 
ATOM   548 C CA    . ALA A 1 645 ? 3.543   10.591  -18.016 1.00 44.86 ? 645 ALA A CA    1 
ATOM   549 C CA    . PHE A 1 646 ? 2.835   13.973  -16.394 1.00 44.86 ? 646 PHE A CA    1 
ATOM   550 C CA    . VAL A 1 647 ? -0.801  14.922  -15.756 1.00 44.86 ? 647 VAL A CA    1 
ATOM   551 C CA    . PRO A 1 648 ? -2.150  17.916  -13.788 1.00 44.86 ? 648 PRO A CA    1 
ATOM   552 C CA    . LEU A 1 649 ? -3.607  16.142  -10.746 1.00 44.86 ? 649 LEU A CA    1 
ATOM   553 C CA    . ALA A 1 650 ? -7.064  17.776  -11.043 1.00 44.86 ? 650 ALA A CA    1 
ATOM   554 C CA    . GLU A 1 651 ? -7.819  16.047  -14.338 1.00 44.86 ? 651 GLU A CA    1 
ATOM   555 C CA    . MET A 1 652 ? -7.147  12.723  -12.717 1.00 44.86 ? 652 MET A CA    1 
ATOM   556 C CA    . PHE A 1 653 ? -9.814  12.929  -9.991  1.00 44.86 ? 653 PHE A CA    1 
ATOM   557 C CA    . GLY A 1 654 ? -11.443 9.504   -10.283 1.00 44.86 ? 654 GLY A CA    1 
ATOM   558 C CA    . TYR A 1 655 ? -9.174  8.539   -13.178 1.00 44.86 ? 655 TYR A CA    1 
ATOM   559 C CA    . ALA A 1 656 ? -9.592  5.132   -11.639 1.00 44.86 ? 656 ALA A CA    1 
ATOM   560 C CA    . THR A 1 657 ? -13.108 4.500   -12.709 1.00 44.86 ? 657 THR A CA    1 
ATOM   561 C CA    . ASP A 1 658 ? -12.249 6.240   -15.950 1.00 44.86 ? 658 ASP A CA    1 
ATOM   562 C CA    . LEU A 1 659 ? -9.420  3.910   -16.760 1.00 44.86 ? 659 LEU A CA    1 
ATOM   563 C CA    . ARG A 1 660 ? -11.463 0.899   -15.870 1.00 44.86 ? 660 ARG A CA    1 
ATOM   564 C CA    . SER A 1 661 ? -14.029 1.297   -18.628 1.00 44.86 ? 661 SER A CA    1 
ATOM   565 C CA    . LYS A 1 662 ? -11.281 2.570   -20.921 1.00 44.86 ? 662 LYS A CA    1 
ATOM   566 C CA    . THR A 1 663 ? -9.256  -0.686  -20.337 1.00 44.86 ? 663 THR A CA    1 
ATOM   567 C CA    . GLN A 1 664 ? -11.772 -3.120  -18.893 1.00 44.86 ? 664 GLN A CA    1 
ATOM   568 C CA    . GLY A 1 665 ? -11.044 -3.848  -15.307 1.00 44.86 ? 665 GLY A CA    1 
ATOM   569 C CA    . ARG A 1 666 ? -7.333  -3.754  -14.748 1.00 44.86 ? 666 ARG A CA    1 
ATOM   570 C CA    . GLY A 1 667 ? -5.483  -0.554  -15.425 1.00 44.86 ? 667 GLY A CA    1 
ATOM   571 C CA    . SER A 1 668 ? -3.744  -0.098  -12.092 1.00 44.86 ? 668 SER A CA    1 
ATOM   572 C CA    . PHE A 1 669 ? -2.266  3.334   -12.003 1.00 44.86 ? 669 PHE A CA    1 
ATOM   573 C CA    . VAL A 1 670 ? -0.250  4.535   -9.031  1.00 44.86 ? 670 VAL A CA    1 
ATOM   574 C CA    . MET A 1 671 ? 0.230   8.255   -9.214  1.00 31.31 ? 671 MET A CA    1 
ATOM   575 C CA    . PHE A 1 672 ? 1.728   10.488  -6.630  1.00 31.31 ? 672 PHE A CA    1 
ATOM   576 C CA    . PHE A 1 673 ? 2.644   14.133  -6.871  1.00 31.31 ? 673 PHE A CA    1 
ATOM   577 C CA    . ASP A 1 674 ? 6.031   15.641  -7.723  1.00 31.31 ? 674 ASP A CA    1 
ATOM   578 C CA    . HIS A 1 675 ? 6.502   19.185  -9.339  1.00 31.31 ? 675 HIS A CA    1 
ATOM   579 C CA    . TYR A 1 676 ? 4.303   22.396  -9.477  1.00 31.31 ? 676 TYR A CA    1 
ATOM   580 C CA    . GLN A 1 677 ? 3.654   24.124  -12.807 1.00 31.31 ? 677 GLN A CA    1 
ATOM   581 C CA    . GLU A 1 678 ? 1.492   27.051  -13.686 1.00 31.31 ? 678 GLU A CA    1 
ATOM   582 C CA    . VAL A 1 679 ? -2.130  26.592  -14.698 1.00 31.31 ? 679 VAL A CA    1 
ATOM   583 C CA    . PRO A 1 680 ? -2.126  27.692  -18.371 1.00 31.31 ? 680 PRO A CA    1 
ATOM   584 C CA    . LYS A 1 681 ? -3.655  31.031  -19.437 1.00 31.31 ? 681 LYS A CA    1 
ATOM   585 C CA    . GLN A 1 682 ? -6.693  28.955  -20.206 1.00 31.31 ? 682 GLN A CA    1 
ATOM   586 C CA    . VAL A 1 683 ? -7.496  26.875  -17.040 1.00 31.31 ? 683 VAL A CA    1 
ATOM   587 C CA    . GLN A 1 684 ? -6.549  30.000  -15.098 1.00 31.31 ? 684 GLN A CA    1 
ATOM   588 C CA    . GLU A 1 685 ? -9.683  32.038  -15.199 1.00 31.31 ? 685 GLU A CA    1 
ATOM   589 C CA    . LYS A 1 686 ? -11.685 28.882  -15.852 1.00 31.31 ? 686 LYS A CA    1 
ATOM   590 C CA    . LEU A 1 687 ? -11.038 28.589  -12.075 1.00 31.31 ? 687 LEU A CA    1 
ATOM   591 C CA    . ILE A 1 688 ? -11.113 32.361  -11.722 1.00 31.31 ? 688 ILE A CA    1 
ATOM   592 C CA    . LYS A 1 689 ? -13.942 33.275  -14.197 1.00 31.31 ? 689 LYS A CA    1 
ATOM   593 C CA    . UNK B 2 1   ? 4.928   12.354  -3.353  1.00 50.04 ? 700 UNK B CA    1 
ATOM   594 C CA    . UNK B 2 2   ? 1.502   11.437  -1.851  1.00 50.04 ? 701 UNK B CA    1 
ATOM   595 C CA    . UNK B 2 3   ? -2.084  12.639  -2.625  1.00 50.04 ? 702 UNK B CA    1 
ATOM   596 C CA    . UNK B 2 4   ? -5.173  10.564  -3.540  1.00 50.04 ? 703 UNK B CA    1 
ATOM   597 C CA    . UNK B 2 5   ? -8.761  9.273   -3.240  1.00 50.04 ? 704 UNK B CA    1 
ATOM   598 C CA    . UNK B 2 6   ? -8.485  5.666   -1.925  1.00 50.04 ? 705 UNK B CA    1 
ATOM   599 C CA    . UNK B 2 7   ? -6.930  6.960   1.267   1.00 50.04 ? 706 UNK B CA    1 
ATOM   600 C CA    . UNK B 2 8   ? -9.587  9.637   1.912   1.00 50.04 ? 707 UNK B CA    1 
ATOM   601 C CA    . UNK B 2 9   ? -12.064 6.903   0.891   1.00 50.04 ? 708 UNK B CA    1 
ATOM   602 C CA    . UNK B 2 10  ? -10.146 4.549   3.229   1.00 50.04 ? 709 UNK B CA    1 
ATOM   603 C CA    . UNK B 2 11  ? -10.835 7.216   5.887   1.00 50.04 ? 710 UNK B CA    1 
ATOM   604 C CA    . UNK B 2 12  ? -13.607 9.788   4.990   1.00 50.04 ? 711 UNK B CA    1 
ATOM   605 C CA    . UNK B 2 13  ? -15.682 7.265   3.034   1.00 50.04 ? 712 UNK B CA    1 
ATOM   606 C CA    . UNK B 2 14  ? -14.614 5.161   6.077   1.00 50.04 ? 713 UNK B CA    1 
ATOM   607 C CA    . UNK B 2 15  ? -15.152 7.969   8.655   1.00 50.04 ? 714 UNK B CA    1 
ATOM   608 C CA    . UNK B 2 16  ? -18.779 7.102   8.046   1.00 50.04 ? 715 UNK B CA    1 
ATOM   609 C CA    . UNK B 2 17  ? -18.002 4.246   10.482  1.00 50.04 ? 716 UNK B CA    1 
ATOM   610 C CA    . UNK B 2 18  ? -17.855 5.323   14.188  1.00 50.04 ? 717 UNK B CA    1 
ATOM   611 C CA    . UNK B 2 19  ? -18.818 8.899   13.202  1.00 50.04 ? 718 UNK B CA    1 
ATOM   612 C CA    . UNK B 2 20  ? -19.906 11.534  10.632  1.00 50.04 ? 719 UNK B CA    1 
ATOM   613 C CA    . UNK B 2 21  ? -19.215 15.341  10.554  1.00 50.04 ? 720 UNK B CA    1 
ATOM   614 C CA    . UNK B 2 22  ? -19.666 17.363  7.302   1.00 50.04 ? 721 UNK B CA    1 
ATOM   615 C CA    . UNK B 2 23  ? -16.764 19.824  7.164   1.00 50.04 ? 722 UNK B CA    1 
ATOM   616 C CA    . UNK B 2 24  ? -13.286 18.384  6.908   1.00 50.04 ? 723 UNK B CA    1 
ATOM   617 C CA    . UNK B 2 25  ? -10.062 18.124  4.951   1.00 50.04 ? 724 UNK B CA    1 
ATOM   618 C CA    . UNK B 2 26  ? -7.903  15.121  5.854   1.00 50.04 ? 725 UNK B CA    1 
ATOM   619 C CA    . UNK B 2 27  ? -5.080  16.268  3.526   1.00 50.04 ? 726 UNK B CA    1 
ATOM   620 C CA    . UNK B 2 28  ? -2.424  14.284  1.683   1.00 50.04 ? 727 UNK B CA    1 
ATOM   621 C CA    . UNK B 2 29  ? -0.004  16.734  0.057   1.00 50.04 ? 728 UNK B CA    1 
ATOM   622 C CA    . UNK B 2 30  ? -1.541  17.471  -3.394  1.00 50.04 ? 729 UNK B CA    1 
ATOM   623 C CA    . UNK B 2 31  ? -5.216  16.465  -2.794  1.00 50.04 ? 730 UNK B CA    1 
ATOM   624 C CA    . UNK B 2 32  ? -5.367  18.587  0.358   1.00 50.04 ? 731 UNK B CA    1 
ATOM   625 C CA    . UNK B 2 33  ? -9.095  18.135  0.929   1.00 50.04 ? 732 UNK B CA    1 
ATOM   626 C CA    . UNK B 2 34  ? -11.789 15.817  2.255   1.00 50.04 ? 733 UNK B CA    1 
ATOM   627 C CA    . UNK B 2 35  ? -14.956 17.441  3.664   1.00 50.04 ? 734 UNK B CA    1 
ATOM   628 C CA    . UNK B 2 36  ? -17.517 14.629  3.435   1.00 50.04 ? 735 UNK B CA    1 
ATOM   629 C CA    . UNK C 3 1   ? -19.096 19.987  19.251  1.00 50.04 ? 800 UNK C CA    1 
ATOM   630 C CA    . UNK C 3 2   ? -17.399 18.272  22.265  1.00 50.04 ? 801 UNK C CA    1 
ATOM   631 C CA    . UNK C 3 3   ? -18.361 14.572  21.913  1.00 50.04 ? 802 UNK C CA    1 
ATOM   632 C CA    . UNK C 3 4   ? -19.774 15.540  18.492  1.00 50.04 ? 803 UNK C CA    1 
ATOM   633 C CA    . UNK C 3 5   ? -16.303 16.449  17.201  1.00 50.04 ? 804 UNK C CA    1 
ATOM   634 C CA    . UNK C 3 6   ? -13.683 13.913  18.289  1.00 50.04 ? 805 UNK C CA    1 
ATOM   635 C CA    . UNK C 3 7   ? -10.308 15.644  17.602  1.00 50.04 ? 806 UNK C CA    1 
ATOM   636 C CA    . UNK C 3 8   ? -7.615  13.196  18.908  1.00 50.04 ? 807 UNK C CA    1 
ATOM   637 C CA    . UNK C 3 9   ? -9.762  10.240  17.722  1.00 50.04 ? 808 UNK C CA    1 
ATOM   638 C CA    . UNK C 3 10  ? -9.459  10.997  13.990  1.00 50.04 ? 809 UNK C CA    1 
ATOM   639 C CA    . UNK C 3 11  ? -5.850  11.541  14.986  1.00 50.04 ? 810 UNK C CA    1 
ATOM   640 C CA    . UNK C 3 12  ? -5.358  8.042   16.358  1.00 50.04 ? 811 UNK C CA    1 
ATOM   641 C CA    . UNK C 3 13  ? -5.536  6.462   12.843  1.00 50.04 ? 812 UNK C CA    1 
ATOM   642 C CA    . UNK C 3 14  ? -2.141  8.177   12.310  1.00 50.04 ? 813 UNK C CA    1 
ATOM   643 C CA    . UNK C 3 15  ? -0.910  5.030   14.161  1.00 50.04 ? 814 UNK C CA    1 
ATOM   644 C CA    . UNK C 3 16  ? -0.684  3.367   10.758  1.00 50.04 ? 815 UNK C CA    1 
ATOM   645 C CA    . UNK C 3 17  ? -0.997  5.477   7.539   1.00 50.04 ? 816 UNK C CA    1 
ATOM   646 C CA    . UNK C 3 18  ? 1.400   8.286   8.550   1.00 50.04 ? 817 UNK C CA    1 
ATOM   647 C CA    . UNK C 3 19  ? 0.888   9.846   5.092   1.00 50.04 ? 818 UNK C CA    1 
ATOM   648 C CA    . UNK C 3 20  ? -2.673  11.155  5.887   1.00 50.04 ? 819 UNK C CA    1 
ATOM   649 C CA    . UNK C 3 21  ? -1.594  14.440  7.439   1.00 50.04 ? 820 UNK C CA    1 
ATOM   650 C CA    . UNK C 3 22  ? -4.781  15.546  9.187   1.00 50.04 ? 821 UNK C CA    1 
ATOM   651 C CA    . UNK C 3 23  ? -3.447  19.087  9.052   1.00 50.04 ? 822 UNK C CA    1 
ATOM   652 C CA    . UNK C 3 24  ? -6.735  21.033  8.836   1.00 50.04 ? 823 UNK C CA    1 
ATOM   653 C CA    . UNK C 3 25  ? -9.923  18.954  8.476   1.00 50.04 ? 824 UNK C CA    1 
ATOM   654 C CA    . UNK C 3 26  ? -11.902 22.066  9.385   1.00 50.04 ? 825 UNK C CA    1 
ATOM   655 C CA    . UNK C 3 27  ? -13.119 24.018  6.301   1.00 50.04 ? 826 UNK C CA    1 
ATOM   656 C CA    . UNK C 3 28  ? -15.823 24.027  3.573   1.00 50.04 ? 827 UNK C CA    1 
HETATM 657 P PB    . GDP D 4 .   ? -13.933 -12.574 -0.279  1.00 29.29 ? 692 GDP A PB    1 
HETATM 658 O O1B   . GDP D 4 .   ? -14.953 -11.587 -0.452  1.00 29.29 ? 692 GDP A O1B   1 
HETATM 659 O O2B   . GDP D 4 .   ? -12.726 -12.595 -1.151  1.00 29.29 ? 692 GDP A O2B   1 
HETATM 660 O O3B   . GDP D 4 .   ? -13.376 -12.540 1.180   1.00 29.29 ? 692 GDP A O3B   1 
HETATM 661 O O3A   . GDP D 4 .   ? -14.714 -13.855 -0.356  1.00 29.29 ? 692 GDP A O3A   1 
HETATM 662 P PA    . GDP D 4 .   ? -15.643 -14.204 0.716   1.00 29.29 ? 692 GDP A PA    1 
HETATM 663 O O1A   . GDP D 4 .   ? -15.012 -15.321 1.455   1.00 29.29 ? 692 GDP A O1A   1 
HETATM 664 O O2A   . GDP D 4 .   ? -16.068 -12.998 1.377   1.00 29.29 ? 692 GDP A O2A   1 
HETATM 665 O "O5'" . GDP D 4 .   ? -16.852 -15.010 0.221   1.00 29.29 ? 692 GDP A "O5'" 1 
HETATM 666 C "C5'" . GDP D 4 .   ? -17.688 -14.491 -0.766  1.00 29.29 ? 692 GDP A "C5'" 1 
HETATM 667 C "C4'" . GDP D 4 .   ? -18.744 -15.459 -1.184  1.00 29.29 ? 692 GDP A "C4'" 1 
HETATM 668 O "O4'" . GDP D 4 .   ? -18.183 -16.640 -1.757  1.00 29.29 ? 692 GDP A "O4'" 1 
HETATM 669 C "C3'" . GDP D 4 .   ? -19.501 -15.763 -0.004  1.00 29.29 ? 692 GDP A "C3'" 1 
HETATM 670 O "O3'" . GDP D 4 .   ? -20.820 -15.586 -0.296  1.00 29.29 ? 692 GDP A "O3'" 1 
HETATM 671 C "C2'" . GDP D 4 .   ? -19.149 -17.161 0.124   1.00 29.29 ? 692 GDP A "C2'" 1 
HETATM 672 O "O2'" . GDP D 4 .   ? -20.246 -17.586 0.868   1.00 29.29 ? 692 GDP A "O2'" 1 
HETATM 673 C "C1'" . GDP D 4 .   ? -18.979 -17.678 -1.309  1.00 29.29 ? 692 GDP A "C1'" 1 
HETATM 674 N N9    . GDP D 4 .   ? -18.153 -18.843 -1.489  1.00 29.29 ? 692 GDP A N9    1 
HETATM 675 C C8    . GDP D 4 .   ? -16.924 -19.108 -1.020  1.00 29.29 ? 692 GDP A C8    1 
HETATM 676 N N7    . GDP D 4 .   ? -16.535 -20.326 -1.306  1.00 29.29 ? 692 GDP A N7    1 
HETATM 677 C C5    . GDP D 4 .   ? -17.588 -20.895 -2.017  1.00 29.29 ? 692 GDP A C5    1 
HETATM 678 C C6    . GDP D 4 .   ? -17.795 -22.232 -2.551  1.00 29.29 ? 692 GDP A C6    1 
HETATM 679 O O6    . GDP D 4 .   ? -17.105 -23.243 -2.599  1.00 29.29 ? 692 GDP A O6    1 
HETATM 680 N N1    . GDP D 4 .   ? -19.014 -22.342 -3.101  1.00 29.29 ? 692 GDP A N1    1 
HETATM 681 C C2    . GDP D 4 .   ? -19.952 -21.338 -3.183  1.00 29.29 ? 692 GDP A C2    1 
HETATM 682 N N2    . GDP D 4 .   ? -21.138 -21.690 -3.691  1.00 29.29 ? 692 GDP A N2    1 
HETATM 683 N N3    . GDP D 4 .   ? -19.768 -20.063 -2.708  1.00 29.29 ? 692 GDP A N3    1 
HETATM 684 C C4    . GDP D 4 .   ? -18.560 -19.946 -2.125  1.00 29.29 ? 692 GDP A C4    1 
# 
